data_5IFI
#
_entry.id   5IFI
#
_cell.length_a   72.460
_cell.length_b   185.550
_cell.length_c   84.890
_cell.angle_alpha   90.00
_cell.angle_beta   93.67
_cell.angle_gamma   90.00
#
_symmetry.space_group_name_H-M   'P 1 21 1'
#
loop_
_entity.id
_entity.type
_entity.pdbx_description
1 polymer 'Acetyl-coenzyme A synthetase'
2 non-polymer "ADENOSINE-5'-MONOPHOSPHATE-PROPYL ESTER"
3 non-polymer 1,2-ETHANEDIOL
4 non-polymer 'PHOSPHATE ION'
5 water water
#
_entity_poly.entity_id   1
_entity_poly.type   'polypeptide(L)'
_entity_poly.pdbx_seq_one_letter_code
;MHHHHHHHHENLYFQGKTEVAPGVHHVHPLPDSVPESEDLFAPPPRMQGKEGRPKPHIGPNYESYVKEWAKTVGPNSDEW
WAAKARETLDWYDDFKTVRAGGFEHGDVQWFPEGTLNAAYNCLDRHYYKNPKKTAIIYEADEPSESREVSYEELMQETCR
VANVLKSYGVKKGDAVSIYLPMTWQAAAAFLACARIGAIHSAVFAGFSAESLRDRVNDCECKVLITTDEGRRGGKTIATK
QIVDAALQQCPLVENVLVLRRTGNKVPMTEGRDKWWDEECAKMPAYCPCERMASEDPLFILYTSGSTGKPKGVVHSTAGY
LLGTALTLKYVFDAHPDDRFACMADIGWITGHSYIIYGPLANGITTAVFESTPVYPTPSRYWDFVDKWKATQLYTAPTAI
RLLRRMGEDHVKNHDLSSLRVLGSVGEPINPEAWHWYNDFAGKNQCAIVDTYWMTETGSISIAPLPGAISTKPGSATFPF
FGMDVDIIDPQTGQVLEGNDVEGVLVARRPWPSIARTVYRDHKRYLETYMKPYPGYFFFGDGAARDYDGYMWIKGRVDDV
INVSGHRLSTAEVESALILHKGVAETAVVGCADDLTGQAVYAFVTMKPEFDLKATKEADLSKELAIQVRKVIGPFAAPKK
IYLVSDLPKTRSGKIMRRVLRKIVAGEGDQLGDLSSIADPQIVEEVKQKVTGSA
;
_entity_poly.pdbx_strand_id   A,B,C
#
# COMPACT_ATOMS: atom_id res chain seq x y z
N HIS A 25 21.65 49.41 -26.48
CA HIS A 25 21.01 48.37 -25.66
C HIS A 25 21.28 48.57 -24.16
N HIS A 26 20.20 48.47 -23.37
CA HIS A 26 20.31 48.61 -21.91
C HIS A 26 21.03 47.41 -21.31
N VAL A 27 20.67 46.21 -21.76
CA VAL A 27 21.21 44.96 -21.23
C VAL A 27 22.31 44.46 -22.15
N HIS A 28 23.46 44.18 -21.58
CA HIS A 28 24.67 43.68 -22.23
C HIS A 28 24.85 42.19 -21.95
N PRO A 29 25.40 41.44 -22.90
CA PRO A 29 25.83 40.08 -22.60
C PRO A 29 26.99 40.10 -21.62
N LEU A 30 27.22 38.96 -20.97
CA LEU A 30 28.40 38.84 -20.13
C LEU A 30 29.66 39.14 -20.95
N PRO A 31 30.69 39.76 -20.35
CA PRO A 31 31.86 40.16 -21.13
C PRO A 31 32.53 38.96 -21.81
N ASP A 32 32.88 39.14 -23.07
CA ASP A 32 33.49 38.09 -23.86
C ASP A 32 34.53 38.71 -24.79
N SER A 33 35.42 37.86 -25.31
CA SER A 33 36.44 38.36 -26.24
C SER A 33 35.89 38.42 -27.66
N VAL A 34 34.90 37.61 -27.96
CA VAL A 34 34.34 37.51 -29.30
C VAL A 34 33.30 38.62 -29.47
N PRO A 35 33.36 39.40 -30.54
CA PRO A 35 32.31 40.40 -30.78
C PRO A 35 30.94 39.74 -30.90
N GLU A 36 29.94 40.42 -30.33
CA GLU A 36 28.57 39.93 -30.29
C GLU A 36 28.08 39.47 -31.66
N SER A 37 28.55 40.12 -32.73
CA SER A 37 28.15 39.76 -34.09
C SER A 37 28.73 38.42 -34.53
N GLU A 38 29.78 37.94 -33.87
CA GLU A 38 30.35 36.64 -34.19
C GLU A 38 30.16 35.65 -33.05
N ASP A 39 29.18 35.90 -32.17
CA ASP A 39 29.04 35.12 -30.94
C ASP A 39 27.70 34.38 -30.85
N LEU A 40 27.08 34.08 -31.99
CA LEU A 40 25.81 33.35 -32.03
C LEU A 40 26.06 32.02 -32.74
N PHE A 41 25.78 30.93 -32.03
CA PHE A 41 26.19 29.58 -32.46
C PHE A 41 24.94 28.75 -32.73
N ALA A 42 24.60 28.59 -34.00
CA ALA A 42 23.47 27.78 -34.41
C ALA A 42 23.75 26.31 -34.08
N PRO A 43 22.70 25.49 -33.95
CA PRO A 43 22.91 24.07 -33.66
C PRO A 43 23.78 23.41 -34.71
N PRO A 44 24.87 22.79 -34.29
CA PRO A 44 25.88 22.30 -35.26
C PRO A 44 25.47 20.95 -35.84
N PRO A 45 26.17 20.49 -36.89
CA PRO A 45 25.67 19.32 -37.65
C PRO A 45 25.37 18.06 -36.83
N ARG A 46 26.08 17.84 -35.72
CA ARG A 46 25.75 16.71 -34.86
C ARG A 46 24.36 16.83 -34.26
N MET A 47 23.82 18.04 -34.18
CA MET A 47 22.46 18.30 -33.71
C MET A 47 21.55 18.74 -34.84
N GLN A 48 21.90 18.43 -36.08
CA GLN A 48 21.02 18.66 -37.23
C GLN A 48 20.55 17.34 -37.86
N GLY A 49 20.82 16.21 -37.21
CA GLY A 49 20.52 14.93 -37.84
C GLY A 49 21.48 14.53 -38.93
N LYS A 50 22.67 15.14 -38.99
CA LYS A 50 23.69 14.76 -39.96
C LYS A 50 24.64 13.74 -39.33
N GLU A 51 25.44 13.11 -40.20
CA GLU A 51 26.48 12.17 -39.79
C GLU A 51 25.90 10.97 -39.03
N GLY A 52 24.67 10.60 -39.34
CA GLY A 52 24.01 9.49 -38.69
C GLY A 52 23.54 9.74 -37.27
N ARG A 53 23.61 10.98 -36.80
CA ARG A 53 23.14 11.29 -35.46
C ARG A 53 21.61 11.29 -35.44
N PRO A 54 20.99 11.03 -34.29
CA PRO A 54 19.53 11.13 -34.19
C PRO A 54 19.04 12.53 -34.55
N LYS A 55 17.89 12.58 -35.20
CA LYS A 55 17.25 13.86 -35.46
C LYS A 55 16.78 14.46 -34.13
N PRO A 56 16.93 15.77 -33.94
CA PRO A 56 16.51 16.38 -32.67
C PRO A 56 15.00 16.25 -32.46
N HIS A 57 14.62 16.03 -31.21
CA HIS A 57 13.20 16.04 -30.86
C HIS A 57 12.55 17.38 -31.20
N ILE A 58 13.29 18.49 -31.04
CA ILE A 58 12.78 19.82 -31.32
C ILE A 58 13.80 20.56 -32.21
N GLY A 59 13.32 21.06 -33.34
CA GLY A 59 14.19 21.72 -34.29
C GLY A 59 13.44 22.13 -35.53
N PRO A 60 14.12 22.88 -36.41
CA PRO A 60 15.54 23.19 -36.30
C PRO A 60 15.84 24.59 -35.79
N ASN A 61 14.84 25.34 -35.35
CA ASN A 61 15.03 26.77 -35.16
C ASN A 61 14.24 27.28 -33.96
N TYR A 62 14.47 28.55 -33.65
CA TYR A 62 13.79 29.18 -32.53
C TYR A 62 12.27 29.01 -32.63
N GLU A 63 11.72 29.14 -33.85
CA GLU A 63 10.29 29.04 -34.04
C GLU A 63 9.76 27.65 -33.70
N SER A 64 10.53 26.59 -33.97
CA SER A 64 10.07 25.26 -33.61
C SER A 64 10.02 25.08 -32.10
N TYR A 65 10.94 25.70 -31.37
CA TYR A 65 10.83 25.72 -29.91
C TYR A 65 9.56 26.45 -29.46
N VAL A 66 9.30 27.63 -30.04
CA VAL A 66 8.16 28.42 -29.56
C VAL A 66 6.84 27.71 -29.84
N LYS A 67 6.72 27.12 -31.03
CA LYS A 67 5.49 26.40 -31.38
C LYS A 67 5.17 25.33 -30.36
N GLU A 68 6.18 24.59 -29.91
CA GLU A 68 5.94 23.57 -28.91
C GLU A 68 5.76 24.19 -27.52
N TRP A 69 6.62 25.14 -27.16
CA TRP A 69 6.56 25.73 -25.82
C TRP A 69 5.23 26.40 -25.54
N ALA A 70 4.63 27.03 -26.57
CA ALA A 70 3.37 27.72 -26.36
C ALA A 70 2.25 26.76 -25.96
N LYS A 71 2.35 25.47 -26.29
CA LYS A 71 1.35 24.51 -25.81
C LYS A 71 1.49 24.19 -24.34
N THR A 72 2.59 24.58 -23.70
CA THR A 72 2.88 24.11 -22.35
C THR A 72 2.61 25.13 -21.27
N VAL A 73 2.27 26.37 -21.66
CA VAL A 73 1.96 27.42 -20.71
C VAL A 73 0.63 28.06 -21.11
N GLY A 74 -0.03 28.67 -20.13
CA GLY A 74 -1.28 29.36 -20.39
C GLY A 74 -2.53 28.54 -20.13
N PRO A 75 -3.69 29.17 -20.33
CA PRO A 75 -4.96 28.56 -19.88
C PRO A 75 -5.37 27.31 -20.64
N ASN A 76 -4.71 26.96 -21.75
CA ASN A 76 -5.07 25.78 -22.51
C ASN A 76 -3.94 24.76 -22.56
N SER A 77 -3.09 24.75 -21.53
CA SER A 77 -1.92 23.88 -21.56
C SER A 77 -2.16 22.55 -20.83
N ASP A 78 -3.31 22.39 -20.17
CA ASP A 78 -3.66 21.10 -19.57
C ASP A 78 -3.56 19.96 -20.55
N GLU A 79 -3.99 20.19 -21.80
CA GLU A 79 -4.07 19.11 -22.78
C GLU A 79 -2.71 18.49 -23.03
N TRP A 80 -1.71 19.34 -23.28
CA TRP A 80 -0.34 18.85 -23.52
C TRP A 80 0.22 18.15 -22.28
N TRP A 81 0.08 18.77 -21.11
CA TRP A 81 0.59 18.16 -19.88
C TRP A 81 -0.08 16.81 -19.58
N ALA A 82 -1.40 16.71 -19.77
CA ALA A 82 -2.07 15.43 -19.53
C ALA A 82 -1.55 14.38 -20.50
N ALA A 83 -1.34 14.75 -21.76
CA ALA A 83 -0.82 13.81 -22.74
C ALA A 83 0.60 13.40 -22.42
N LYS A 84 1.49 14.38 -22.17
CA LYS A 84 2.86 14.06 -21.80
C LYS A 84 2.91 13.17 -20.56
N ALA A 85 2.10 13.47 -19.54
CA ALA A 85 2.14 12.67 -18.32
C ALA A 85 1.79 11.22 -18.60
N ARG A 86 0.77 11.00 -19.45
CA ARG A 86 0.33 9.66 -19.80
C ARG A 86 1.28 8.96 -20.75
N GLU A 87 1.99 9.71 -21.61
CA GLU A 87 2.91 9.09 -22.55
C GLU A 87 4.27 8.79 -21.92
N THR A 88 4.67 9.57 -20.93
CA THR A 88 6.02 9.50 -20.38
C THR A 88 6.14 8.50 -19.23
N LEU A 89 5.09 8.31 -18.44
CA LEU A 89 5.16 7.49 -17.23
C LEU A 89 4.13 6.38 -17.30
N ASP A 90 4.49 5.23 -16.71
CA ASP A 90 3.54 4.16 -16.50
C ASP A 90 2.85 4.41 -15.17
N TRP A 91 1.52 4.42 -15.19
CA TRP A 91 0.69 4.70 -14.03
C TRP A 91 -0.05 3.43 -13.60
N TYR A 92 -0.24 3.28 -12.30
CA TYR A 92 -1.15 2.24 -11.82
C TYR A 92 -2.60 2.70 -11.89
N ASP A 93 -2.88 3.94 -11.50
CA ASP A 93 -4.22 4.51 -11.65
C ASP A 93 -4.07 5.84 -12.39
N ASP A 94 -4.89 6.06 -13.40
CA ASP A 94 -4.87 7.31 -14.13
C ASP A 94 -5.29 8.45 -13.21
N PHE A 95 -4.81 9.65 -13.51
CA PHE A 95 -5.29 10.86 -12.85
C PHE A 95 -6.54 11.40 -13.55
N LYS A 96 -7.19 12.32 -12.89
CA LYS A 96 -8.37 12.98 -13.41
C LYS A 96 -8.17 14.48 -13.56
N THR A 97 -7.59 15.11 -12.54
CA THR A 97 -7.25 16.53 -12.53
C THR A 97 -5.81 16.71 -12.97
N VAL A 98 -5.55 17.73 -13.80
CA VAL A 98 -4.19 17.96 -14.26
C VAL A 98 -3.39 18.77 -13.23
N ARG A 99 -3.90 19.92 -12.82
CA ARG A 99 -3.17 20.72 -11.87
C ARG A 99 -4.15 21.46 -10.99
N ALA A 100 -3.65 21.92 -9.85
CA ALA A 100 -4.46 22.73 -8.93
C ALA A 100 -3.50 23.35 -7.92
N GLY A 101 -4.02 24.29 -7.13
CA GLY A 101 -3.25 24.91 -6.08
C GLY A 101 -2.35 26.01 -6.62
N GLY A 102 -1.55 26.57 -5.73
CA GLY A 102 -0.72 27.67 -6.15
C GLY A 102 0.31 28.08 -5.12
N PHE A 103 0.99 29.19 -5.43
CA PHE A 103 2.08 29.71 -4.61
C PHE A 103 1.58 30.18 -3.24
N GLU A 104 0.42 30.86 -3.21
CA GLU A 104 0.06 31.67 -2.05
C GLU A 104 0.07 30.86 -0.76
N HIS A 105 -0.54 29.68 -0.77
CA HIS A 105 -0.62 28.83 0.40
C HIS A 105 0.26 27.61 0.29
N GLY A 106 0.96 27.43 -0.84
CA GLY A 106 1.78 26.26 -1.07
C GLY A 106 0.98 24.98 -1.04
N ASP A 107 -0.01 24.87 -1.93
CA ASP A 107 -0.83 23.66 -2.06
C ASP A 107 -0.77 23.14 -3.49
N VAL A 108 0.40 23.24 -4.11
CA VAL A 108 0.57 22.83 -5.50
C VAL A 108 0.27 21.35 -5.66
N GLN A 109 -0.52 21.03 -6.69
CA GLN A 109 -0.94 19.66 -6.98
C GLN A 109 -0.86 19.42 -8.48
N TRP A 110 -0.32 18.26 -8.85
CA TRP A 110 -0.32 17.80 -10.25
C TRP A 110 -0.75 16.34 -10.32
N PHE A 111 -1.68 16.05 -11.23
CA PHE A 111 -2.11 14.68 -11.49
C PHE A 111 -2.57 13.99 -10.19
N PRO A 112 -3.32 14.68 -9.30
CA PRO A 112 -3.41 14.18 -7.92
C PRO A 112 -4.10 12.82 -7.75
N GLU A 113 -5.11 12.48 -8.55
CA GLU A 113 -5.75 11.19 -8.33
C GLU A 113 -4.94 10.03 -8.88
N GLY A 114 -3.83 10.32 -9.59
CA GLY A 114 -3.07 9.26 -10.22
C GLY A 114 -2.18 8.54 -9.23
N THR A 115 -1.81 7.32 -9.58
CA THR A 115 -0.89 6.56 -8.74
C THR A 115 0.16 5.92 -9.63
N LEU A 116 1.34 5.73 -9.06
CA LEU A 116 2.49 5.28 -9.81
C LEU A 116 3.58 4.94 -8.82
N ASN A 117 4.72 4.48 -9.33
CA ASN A 117 5.89 4.25 -8.51
C ASN A 117 7.14 4.67 -9.30
N ALA A 118 8.01 5.47 -8.66
CA ALA A 118 9.23 5.91 -9.33
C ALA A 118 10.15 4.74 -9.65
N ALA A 119 10.25 3.75 -8.76
CA ALA A 119 11.11 2.60 -9.05
C ALA A 119 10.59 1.80 -10.24
N TYR A 120 9.26 1.67 -10.38
CA TYR A 120 8.70 0.96 -11.52
C TYR A 120 9.08 1.66 -12.83
N ASN A 121 8.96 2.99 -12.86
CA ASN A 121 9.27 3.78 -14.05
C ASN A 121 10.78 3.91 -14.32
N CYS A 122 11.63 3.76 -13.31
CA CYS A 122 13.07 3.86 -13.55
C CYS A 122 13.74 2.51 -13.74
N LEU A 123 13.05 1.41 -13.43
CA LEU A 123 13.64 0.07 -13.43
C LEU A 123 12.76 -0.97 -14.10
N ASP A 124 11.67 -1.36 -13.43
CA ASP A 124 10.89 -2.53 -13.84
C ASP A 124 10.51 -2.46 -15.32
N ARG A 125 9.97 -1.33 -15.76
CA ARG A 125 9.42 -1.27 -17.10
C ARG A 125 10.51 -1.39 -18.15
N HIS A 126 11.72 -0.91 -17.83
CA HIS A 126 12.83 -1.06 -18.76
C HIS A 126 13.43 -2.45 -18.66
N TYR A 127 13.43 -3.03 -17.45
CA TYR A 127 13.91 -4.39 -17.28
C TYR A 127 13.02 -5.36 -18.04
N TYR A 128 11.70 -5.11 -18.04
CA TYR A 128 10.80 -5.99 -18.77
C TYR A 128 11.03 -5.91 -20.27
N LYS A 129 11.56 -4.79 -20.78
CA LYS A 129 11.75 -4.60 -22.20
C LYS A 129 13.11 -5.09 -22.67
N ASN A 130 14.17 -4.70 -21.97
CA ASN A 130 15.53 -5.09 -22.34
C ASN A 130 16.34 -5.22 -21.07
N PRO A 131 16.32 -6.39 -20.44
CA PRO A 131 16.94 -6.52 -19.12
C PRO A 131 18.45 -6.40 -19.15
N LYS A 132 19.09 -6.72 -20.27
CA LYS A 132 20.55 -6.69 -20.36
C LYS A 132 21.11 -5.32 -20.76
N LYS A 133 20.25 -4.35 -21.06
CA LYS A 133 20.71 -3.00 -21.39
C LYS A 133 21.45 -2.38 -20.21
N THR A 134 22.51 -1.62 -20.49
CA THR A 134 23.26 -1.01 -19.39
C THR A 134 22.44 0.11 -18.76
N ALA A 135 22.14 -0.01 -17.46
CA ALA A 135 21.50 1.09 -16.76
C ALA A 135 22.53 2.10 -16.26
N ILE A 136 23.66 1.61 -15.73
CA ILE A 136 24.64 2.47 -15.08
C ILE A 136 26.01 2.09 -15.60
N ILE A 137 26.71 3.06 -16.17
CA ILE A 137 28.15 2.98 -16.34
C ILE A 137 28.74 3.41 -15.00
N TYR A 138 29.36 2.48 -14.29
CA TYR A 138 29.95 2.76 -12.99
C TYR A 138 31.42 3.03 -13.22
N GLU A 139 31.80 4.30 -13.27
CA GLU A 139 33.21 4.68 -13.47
C GLU A 139 33.84 4.82 -12.09
N ALA A 140 34.60 3.80 -11.68
CA ALA A 140 35.19 3.75 -10.35
C ALA A 140 36.26 4.83 -10.17
N ASP A 141 36.56 5.13 -8.91
CA ASP A 141 37.65 6.05 -8.62
C ASP A 141 38.93 5.62 -9.33
N GLU A 142 39.23 4.32 -9.29
CA GLU A 142 40.29 3.75 -10.11
C GLU A 142 39.71 3.33 -11.46
N PRO A 143 40.19 3.87 -12.58
CA PRO A 143 39.56 3.57 -13.87
C PRO A 143 39.42 2.08 -14.19
N SER A 144 40.33 1.24 -13.69
CA SER A 144 40.31 -0.18 -14.06
C SER A 144 39.18 -0.94 -13.36
N GLU A 145 38.63 -0.41 -12.27
CA GLU A 145 37.58 -1.10 -11.54
C GLU A 145 36.19 -0.74 -12.06
N SER A 146 36.09 -0.05 -13.19
CA SER A 146 34.80 0.35 -13.74
C SER A 146 34.10 -0.82 -14.43
N ARG A 147 32.78 -0.76 -14.48
CA ARG A 147 32.01 -1.76 -15.20
C ARG A 147 30.60 -1.24 -15.47
N GLU A 148 29.88 -2.02 -16.27
CA GLU A 148 28.49 -1.71 -16.61
C GLU A 148 27.56 -2.53 -15.73
N VAL A 149 26.47 -1.91 -15.31
CA VAL A 149 25.48 -2.51 -14.44
C VAL A 149 24.17 -2.52 -15.22
N SER A 150 23.71 -3.71 -15.58
CA SER A 150 22.50 -3.86 -16.39
C SER A 150 21.27 -3.38 -15.64
N TYR A 151 20.20 -3.12 -16.40
CA TYR A 151 18.92 -2.84 -15.76
C TYR A 151 18.52 -4.01 -14.86
N GLU A 152 18.77 -5.24 -15.30
CA GLU A 152 18.44 -6.41 -14.48
C GLU A 152 19.19 -6.39 -13.15
N GLU A 153 20.51 -6.20 -13.20
CA GLU A 153 21.31 -6.19 -11.96
C GLU A 153 20.90 -5.04 -11.04
N LEU A 154 20.72 -3.83 -11.60
CA LEU A 154 20.29 -2.70 -10.78
C LEU A 154 18.94 -2.97 -10.13
N MET A 155 18.00 -3.53 -10.87
CA MET A 155 16.69 -3.80 -10.31
C MET A 155 16.74 -4.88 -9.23
N GLN A 156 17.53 -5.92 -9.46
CA GLN A 156 17.62 -6.99 -8.48
C GLN A 156 18.17 -6.47 -7.16
N GLU A 157 19.24 -5.67 -7.23
CA GLU A 157 19.83 -5.12 -6.02
C GLU A 157 18.90 -4.12 -5.36
N THR A 158 18.18 -3.34 -6.16
CA THR A 158 17.17 -2.43 -5.61
C THR A 158 16.13 -3.20 -4.82
N CYS A 159 15.63 -4.32 -5.37
CA CYS A 159 14.61 -5.09 -4.67
C CYS A 159 15.15 -5.72 -3.39
N ARG A 160 16.38 -6.24 -3.43
CA ARG A 160 16.99 -6.80 -2.22
C ARG A 160 17.03 -5.76 -1.10
N VAL A 161 17.50 -4.55 -1.41
CA VAL A 161 17.59 -3.50 -0.40
C VAL A 161 16.20 -3.11 0.07
N ALA A 162 15.24 -3.02 -0.85
CA ALA A 162 13.85 -2.77 -0.48
C ALA A 162 13.33 -3.82 0.49
N ASN A 163 13.63 -5.09 0.21
CA ASN A 163 13.21 -6.17 1.10
C ASN A 163 13.86 -6.03 2.47
N VAL A 164 15.13 -5.62 2.50
CA VAL A 164 15.83 -5.39 3.77
C VAL A 164 15.17 -4.26 4.56
N LEU A 165 14.86 -3.15 3.88
CA LEU A 165 14.20 -2.03 4.55
C LEU A 165 12.86 -2.45 5.15
N LYS A 166 12.07 -3.21 4.38
CA LYS A 166 10.79 -3.69 4.90
C LYS A 166 10.98 -4.60 6.10
N SER A 167 12.05 -5.41 6.10
CA SER A 167 12.32 -6.26 7.24
C SER A 167 12.70 -5.47 8.48
N TYR A 168 13.14 -4.22 8.33
CA TYR A 168 13.36 -3.35 9.48
C TYR A 168 12.08 -2.65 9.93
N GLY A 169 10.97 -2.87 9.26
CA GLY A 169 9.72 -2.23 9.61
C GLY A 169 9.49 -0.88 8.97
N VAL A 170 10.29 -0.52 7.96
CA VAL A 170 10.08 0.73 7.25
C VAL A 170 8.79 0.64 6.46
N LYS A 171 7.93 1.65 6.61
CA LYS A 171 6.63 1.70 5.99
C LYS A 171 6.56 2.87 5.02
N LYS A 172 5.59 2.80 4.11
CA LYS A 172 5.24 3.93 3.28
C LYS A 172 5.19 5.21 4.09
N GLY A 173 5.92 6.23 3.65
CA GLY A 173 5.92 7.50 4.34
C GLY A 173 7.01 7.68 5.39
N ASP A 174 7.76 6.64 5.73
CA ASP A 174 8.87 6.80 6.65
C ASP A 174 10.06 7.44 5.94
N ALA A 175 10.83 8.22 6.68
CA ALA A 175 12.06 8.77 6.12
C ALA A 175 13.21 7.79 6.31
N VAL A 176 14.13 7.77 5.33
CA VAL A 176 15.36 6.97 5.41
C VAL A 176 16.51 7.87 4.98
N SER A 177 17.53 7.97 5.81
CA SER A 177 18.69 8.77 5.46
C SER A 177 19.71 7.94 4.69
N ILE A 178 20.42 8.59 3.78
CA ILE A 178 21.39 7.94 2.92
C ILE A 178 22.66 8.77 2.94
N TYR A 179 23.76 8.16 3.38
CA TYR A 179 25.07 8.80 3.47
C TYR A 179 26.03 7.95 2.64
N LEU A 180 25.87 7.99 1.32
CA LEU A 180 26.56 7.12 0.39
C LEU A 180 27.44 7.94 -0.54
N PRO A 181 28.63 7.45 -0.87
CA PRO A 181 29.46 8.09 -1.89
C PRO A 181 29.01 7.63 -3.27
N MET A 182 29.73 8.09 -4.29
CA MET A 182 29.31 7.89 -5.68
C MET A 182 29.74 6.51 -6.22
N THR A 183 29.21 5.49 -5.58
CA THR A 183 29.24 4.15 -6.14
C THR A 183 27.84 3.81 -6.66
N TRP A 184 27.78 2.84 -7.57
CA TRP A 184 26.53 2.63 -8.32
C TRP A 184 25.38 2.21 -7.40
N GLN A 185 25.67 1.55 -6.28
CA GLN A 185 24.59 1.15 -5.38
C GLN A 185 23.87 2.33 -4.74
N ALA A 186 24.39 3.56 -4.87
CA ALA A 186 23.61 4.71 -4.41
C ALA A 186 22.27 4.78 -5.15
N ALA A 187 22.28 4.42 -6.43
CA ALA A 187 21.02 4.40 -7.18
C ALA A 187 20.07 3.36 -6.63
N ALA A 188 20.59 2.17 -6.29
CA ALA A 188 19.75 1.13 -5.69
C ALA A 188 19.16 1.60 -4.37
N ALA A 189 19.93 2.34 -3.57
CA ALA A 189 19.43 2.79 -2.26
C ALA A 189 18.30 3.81 -2.43
N PHE A 190 18.51 4.84 -3.27
CA PHE A 190 17.44 5.79 -3.60
C PHE A 190 16.21 5.06 -4.06
N LEU A 191 16.38 4.15 -5.01
CA LEU A 191 15.25 3.52 -5.67
C LEU A 191 14.59 2.47 -4.80
N ALA A 192 15.34 1.86 -3.87
CA ALA A 192 14.68 0.96 -2.91
C ALA A 192 13.74 1.73 -2.00
N CYS A 193 14.13 2.91 -1.53
CA CYS A 193 13.24 3.78 -0.78
C CYS A 193 12.03 4.17 -1.61
N ALA A 194 12.25 4.58 -2.87
CA ALA A 194 11.14 4.93 -3.71
C ALA A 194 10.21 3.74 -3.92
N ARG A 195 10.79 2.53 -4.04
CA ARG A 195 9.99 1.34 -4.33
C ARG A 195 8.93 1.07 -3.26
N ILE A 196 9.30 1.26 -1.99
CA ILE A 196 8.37 0.96 -0.91
C ILE A 196 7.67 2.20 -0.40
N GLY A 197 7.96 3.35 -1.02
CA GLY A 197 7.33 4.59 -0.62
C GLY A 197 7.95 5.25 0.58
N ALA A 198 9.13 4.81 1.00
CA ALA A 198 9.90 5.56 1.97
C ALA A 198 10.47 6.82 1.33
N ILE A 199 10.68 7.84 2.16
CA ILE A 199 11.17 9.13 1.71
C ILE A 199 12.68 9.15 1.91
N HIS A 200 13.47 9.09 0.85
CA HIS A 200 14.91 9.12 1.08
C HIS A 200 15.40 10.54 1.33
N SER A 201 16.43 10.64 2.17
CA SER A 201 17.10 11.90 2.49
C SER A 201 18.60 11.65 2.33
N ALA A 202 19.11 11.98 1.16
CA ALA A 202 20.52 11.75 0.88
C ALA A 202 21.36 12.90 1.43
N VAL A 203 22.49 12.55 2.02
CA VAL A 203 23.47 13.52 2.52
C VAL A 203 24.79 13.28 1.80
N PHE A 204 25.37 14.35 1.23
CA PHE A 204 26.64 14.26 0.53
C PHE A 204 27.69 13.59 1.41
N ALA A 205 28.31 12.53 0.87
N ALA A 205 28.39 12.59 0.84
CA ALA A 205 29.31 11.76 1.59
CA ALA A 205 29.20 11.68 1.64
C ALA A 205 30.57 12.61 1.75
C ALA A 205 30.31 12.37 2.43
N GLY A 206 30.96 12.85 2.99
N GLY A 206 30.74 13.56 2.03
CA GLY A 206 32.00 13.80 3.30
CA GLY A 206 31.85 14.19 2.72
C GLY A 206 31.52 14.99 4.07
C GLY A 206 31.49 15.06 3.91
N PHE A 207 30.22 15.18 4.24
CA PHE A 207 29.77 16.16 5.22
C PHE A 207 30.16 15.71 6.62
N SER A 208 30.32 16.70 7.50
CA SER A 208 30.80 16.45 8.84
C SER A 208 29.79 15.65 9.65
N ALA A 209 30.28 15.05 10.73
CA ALA A 209 29.38 14.39 11.69
C ALA A 209 28.29 15.33 12.17
N GLU A 210 28.63 16.61 12.39
CA GLU A 210 27.64 17.57 12.85
C GLU A 210 26.56 17.82 11.80
N SER A 211 26.97 18.00 10.54
CA SER A 211 26.01 18.28 9.47
C SER A 211 25.15 17.07 9.15
N LEU A 212 25.74 15.88 9.12
CA LEU A 212 24.94 14.66 8.96
C LEU A 212 23.94 14.54 10.10
N ARG A 213 24.40 14.76 11.34
CA ARG A 213 23.53 14.63 12.50
C ARG A 213 22.33 15.56 12.40
N ASP A 214 22.55 16.82 12.03
CA ASP A 214 21.44 17.76 11.91
C ASP A 214 20.39 17.26 10.92
N ARG A 215 20.82 16.73 9.78
CA ARG A 215 19.87 16.28 8.76
C ARG A 215 19.16 14.99 9.18
N VAL A 216 19.89 14.07 9.81
CA VAL A 216 19.29 12.83 10.30
C VAL A 216 18.23 13.12 11.35
N ASN A 217 18.53 14.04 12.27
CA ASN A 217 17.58 14.40 13.32
C ASN A 217 16.36 15.11 12.74
N ASP A 218 16.57 16.02 11.79
CA ASP A 218 15.46 16.81 11.27
C ASP A 218 14.44 15.93 10.56
N CYS A 219 14.89 14.94 9.78
CA CYS A 219 13.93 14.14 9.05
C CYS A 219 13.37 12.99 9.89
N GLU A 220 13.91 12.76 11.08
CA GLU A 220 13.38 11.81 12.06
C GLU A 220 13.47 10.36 11.55
N CYS A 221 14.41 10.09 10.67
CA CYS A 221 14.56 8.75 10.14
C CYS A 221 14.92 7.76 11.24
N LYS A 222 14.50 6.51 11.05
CA LYS A 222 14.90 5.45 11.96
C LYS A 222 15.93 4.52 11.34
N VAL A 223 16.22 4.67 10.04
CA VAL A 223 17.14 3.85 9.30
C VAL A 223 18.11 4.74 8.54
N LEU A 224 19.37 4.32 8.47
N LEU A 224 19.37 4.32 8.47
CA LEU A 224 20.41 5.02 7.76
CA LEU A 224 20.42 5.02 7.75
C LEU A 224 21.18 4.02 6.90
C LEU A 224 21.18 4.02 6.90
N ILE A 225 21.48 4.42 5.67
CA ILE A 225 22.22 3.59 4.72
C ILE A 225 23.55 4.29 4.45
N THR A 226 24.66 3.55 4.55
CA THR A 226 25.97 4.15 4.32
C THR A 226 26.94 3.08 3.87
N THR A 227 28.22 3.46 3.76
CA THR A 227 29.33 2.60 3.36
C THR A 227 30.31 2.48 4.52
N ASP A 228 31.17 1.45 4.46
CA ASP A 228 32.28 1.42 5.41
C ASP A 228 33.20 2.61 5.17
N GLU A 229 33.64 2.80 3.92
CA GLU A 229 34.39 3.96 3.49
C GLU A 229 33.96 4.29 2.07
N GLY A 230 34.25 5.53 1.66
CA GLY A 230 34.19 5.92 0.27
C GLY A 230 35.60 6.13 -0.25
N ARG A 231 35.69 6.22 -1.58
CA ARG A 231 36.96 6.50 -2.26
C ARG A 231 36.71 7.58 -3.29
N ARG A 232 37.49 8.66 -3.22
CA ARG A 232 37.36 9.74 -4.20
C ARG A 232 38.70 10.42 -4.38
N GLY A 233 39.19 10.46 -5.62
CA GLY A 233 40.46 11.08 -5.92
C GLY A 233 41.62 10.44 -5.20
N GLY A 234 41.57 9.10 -5.02
CA GLY A 234 42.61 8.41 -4.32
C GLY A 234 42.66 8.64 -2.83
N LYS A 235 41.59 9.19 -2.24
CA LYS A 235 41.54 9.46 -0.82
C LYS A 235 40.36 8.73 -0.20
N THR A 236 40.46 8.48 1.11
CA THR A 236 39.48 7.69 1.83
C THR A 236 38.51 8.59 2.58
N ILE A 237 37.22 8.44 2.30
CA ILE A 237 36.17 9.05 3.10
C ILE A 237 35.78 8.07 4.20
N ALA A 238 35.99 8.46 5.46
CA ALA A 238 35.70 7.58 6.60
C ALA A 238 34.23 7.69 6.96
N THR A 239 33.39 7.23 6.03
CA THR A 239 31.94 7.40 6.17
C THR A 239 31.42 6.74 7.44
N LYS A 240 31.84 5.50 7.72
CA LYS A 240 31.27 4.83 8.89
C LYS A 240 31.76 5.47 10.18
N GLN A 241 33.01 5.95 10.21
CA GLN A 241 33.47 6.67 11.39
C GLN A 241 32.69 7.98 11.56
N ILE A 242 32.42 8.68 10.44
CA ILE A 242 31.59 9.89 10.52
C ILE A 242 30.22 9.54 11.08
N VAL A 243 29.63 8.46 10.56
CA VAL A 243 28.29 8.03 10.98
C VAL A 243 28.27 7.73 12.46
N ASP A 244 29.29 7.01 12.95
CA ASP A 244 29.34 6.65 14.36
C ASP A 244 29.41 7.89 15.24
N ALA A 245 30.14 8.92 14.81
CA ALA A 245 30.21 10.15 15.57
C ALA A 245 28.89 10.90 15.52
N ALA A 246 28.20 10.85 14.38
CA ALA A 246 26.93 11.57 14.26
C ALA A 246 25.85 10.90 15.09
N LEU A 247 25.72 9.57 14.99
CA LEU A 247 24.64 8.85 15.63
C LEU A 247 24.72 8.84 17.15
N GLN A 248 25.84 9.28 17.74
CA GLN A 248 25.86 9.52 19.18
C GLN A 248 24.86 10.59 19.60
N GLN A 249 24.45 11.46 18.68
CA GLN A 249 23.47 12.50 18.98
C GLN A 249 22.24 12.38 18.09
N CYS A 250 21.88 11.15 17.70
CA CYS A 250 20.71 10.88 16.87
C CYS A 250 19.91 9.76 17.53
N PRO A 251 19.06 10.10 18.51
CA PRO A 251 18.42 9.05 19.31
C PRO A 251 17.49 8.14 18.52
N LEU A 252 17.03 8.55 17.33
CA LEU A 252 15.95 7.81 16.65
C LEU A 252 16.45 6.70 15.74
N VAL A 253 17.72 6.73 15.33
CA VAL A 253 18.23 5.76 14.37
C VAL A 253 18.38 4.41 15.06
N GLU A 254 17.67 3.40 14.55
CA GLU A 254 17.67 2.05 15.10
C GLU A 254 18.42 1.03 14.25
N ASN A 255 18.53 1.25 12.93
CA ASN A 255 19.18 0.31 12.02
C ASN A 255 20.10 1.06 11.08
N VAL A 256 21.31 0.54 10.88
CA VAL A 256 22.28 1.11 9.96
C VAL A 256 22.73 0.03 9.01
N LEU A 257 22.59 0.28 7.71
CA LEU A 257 22.94 -0.70 6.69
C LEU A 257 24.20 -0.23 5.99
N VAL A 258 25.25 -1.04 6.06
CA VAL A 258 26.59 -0.61 5.70
C VAL A 258 27.04 -1.37 4.47
N LEU A 259 27.26 -0.63 3.37
CA LEU A 259 27.77 -1.23 2.14
C LEU A 259 29.27 -1.44 2.26
N ARG A 260 29.73 -2.65 1.95
CA ARG A 260 31.15 -2.99 2.11
C ARG A 260 31.90 -2.52 0.86
N ARG A 261 32.13 -1.21 0.78
CA ARG A 261 32.72 -0.61 -0.43
C ARG A 261 34.24 -0.80 -0.49
N THR A 262 34.95 -0.63 0.62
CA THR A 262 36.38 -0.90 0.66
C THR A 262 36.73 -2.20 1.37
N GLY A 263 35.89 -2.65 2.31
CA GLY A 263 36.24 -3.81 3.11
C GLY A 263 37.30 -3.58 4.16
N ASN A 264 37.82 -2.36 4.30
CA ASN A 264 38.76 -2.07 5.38
C ASN A 264 38.02 -2.05 6.71
N LYS A 265 38.76 -2.34 7.78
CA LYS A 265 38.14 -2.49 9.09
C LYS A 265 37.48 -1.19 9.55
N VAL A 266 36.20 -1.30 9.91
CA VAL A 266 35.45 -0.17 10.47
C VAL A 266 34.64 -0.68 11.65
N PRO A 267 34.36 0.21 12.61
CA PRO A 267 33.54 -0.20 13.76
C PRO A 267 32.12 -0.55 13.33
N MET A 268 31.55 -1.54 14.03
CA MET A 268 30.19 -1.98 13.77
C MET A 268 29.51 -2.25 15.10
N THR A 269 28.40 -1.54 15.35
CA THR A 269 27.67 -1.70 16.60
C THR A 269 26.75 -2.91 16.50
N GLU A 270 26.87 -3.83 17.45
CA GLU A 270 26.05 -5.03 17.45
C GLU A 270 24.57 -4.68 17.51
N GLY A 271 23.77 -5.38 16.71
CA GLY A 271 22.33 -5.12 16.62
C GLY A 271 21.93 -3.95 15.75
N ARG A 272 22.60 -2.81 15.91
CA ARG A 272 22.25 -1.63 15.13
C ARG A 272 22.82 -1.71 13.71
N ASP A 273 24.05 -2.19 13.58
CA ASP A 273 24.75 -2.14 12.31
C ASP A 273 24.77 -3.52 11.66
N LYS A 274 24.43 -3.58 10.38
CA LYS A 274 24.49 -4.79 9.59
C LYS A 274 25.16 -4.52 8.25
N TRP A 275 25.77 -5.57 7.68
CA TRP A 275 26.42 -5.46 6.39
C TRP A 275 25.42 -5.58 5.26
N TRP A 276 25.53 -4.68 4.28
CA TRP A 276 24.64 -4.67 3.13
C TRP A 276 24.59 -6.04 2.44
N ASP A 277 25.75 -6.63 2.15
CA ASP A 277 25.75 -7.88 1.38
C ASP A 277 25.11 -9.02 2.16
N GLU A 278 25.35 -9.09 3.47
CA GLU A 278 24.79 -10.20 4.26
C GLU A 278 23.29 -10.05 4.46
N GLU A 279 22.81 -8.82 4.59
CA GLU A 279 21.37 -8.59 4.66
C GLU A 279 20.70 -8.94 3.34
N CYS A 280 21.28 -8.46 2.23
CA CYS A 280 20.63 -8.67 0.93
C CYS A 280 20.68 -10.13 0.52
N ALA A 281 21.69 -10.87 0.97
CA ALA A 281 21.77 -12.26 0.56
C ALA A 281 20.63 -13.08 1.15
N LYS A 282 19.97 -12.59 2.20
CA LYS A 282 18.85 -13.31 2.80
C LYS A 282 17.52 -13.06 2.11
N MET A 283 17.43 -12.04 1.24
CA MET A 283 16.17 -11.54 0.69
C MET A 283 15.97 -11.97 -0.77
N PRO A 284 14.70 -12.10 -1.17
CA PRO A 284 14.37 -12.35 -2.59
C PRO A 284 14.87 -11.20 -3.46
N ALA A 285 15.14 -11.51 -4.72
CA ALA A 285 15.64 -10.49 -5.64
C ALA A 285 14.52 -9.78 -6.40
N TYR A 286 13.27 -9.96 -5.97
CA TYR A 286 12.19 -9.09 -6.40
C TYR A 286 11.40 -8.67 -5.18
N CYS A 287 10.73 -7.53 -5.30
CA CYS A 287 9.96 -6.92 -4.26
C CYS A 287 8.87 -6.11 -4.95
N PRO A 288 7.62 -6.20 -4.52
CA PRO A 288 6.56 -5.44 -5.19
C PRO A 288 6.72 -3.94 -4.98
N CYS A 289 6.09 -3.16 -5.88
CA CYS A 289 6.12 -1.70 -5.82
C CYS A 289 4.92 -1.17 -5.05
N GLU A 290 5.17 -0.29 -4.08
CA GLU A 290 4.09 0.40 -3.39
C GLU A 290 3.43 1.39 -4.36
N ARG A 291 2.10 1.41 -4.40
CA ARG A 291 1.40 2.29 -5.33
C ARG A 291 1.26 3.66 -4.66
N MET A 292 2.02 4.64 -5.15
CA MET A 292 2.10 5.95 -4.52
C MET A 292 1.17 6.96 -5.20
N ALA A 293 0.51 7.81 -4.41
CA ALA A 293 -0.20 8.93 -4.98
C ALA A 293 0.80 9.89 -5.66
N SER A 294 0.32 10.57 -6.68
CA SER A 294 1.16 11.55 -7.37
CA SER A 294 1.16 11.56 -7.37
C SER A 294 1.85 12.50 -6.39
N GLU A 295 1.13 12.91 -5.34
CA GLU A 295 1.63 13.90 -4.41
C GLU A 295 2.27 13.31 -3.15
N ASP A 296 2.37 11.99 -3.03
CA ASP A 296 3.19 11.44 -1.96
C ASP A 296 4.62 11.97 -2.07
N PRO A 297 5.28 12.28 -0.95
CA PRO A 297 6.66 12.77 -1.03
C PRO A 297 7.59 11.66 -1.51
N LEU A 298 8.48 12.01 -2.45
CA LEU A 298 9.50 11.12 -2.96
C LEU A 298 10.79 11.24 -2.14
N PHE A 299 11.25 12.47 -1.89
CA PHE A 299 12.46 12.65 -1.10
C PHE A 299 12.47 14.01 -0.43
N ILE A 300 13.28 14.09 0.61
CA ILE A 300 13.77 15.34 1.18
C ILE A 300 15.20 15.54 0.72
N LEU A 301 15.54 16.74 0.31
CA LEU A 301 16.95 17.06 0.02
C LEU A 301 17.33 18.34 0.77
N TYR A 302 18.19 18.20 1.78
CA TYR A 302 18.63 19.37 2.51
C TYR A 302 19.60 20.19 1.67
N THR A 303 19.38 21.50 1.64
CA THR A 303 20.35 22.45 1.11
C THR A 303 20.94 23.23 2.28
N SER A 304 22.23 23.55 2.18
CA SER A 304 22.93 24.30 3.21
C SER A 304 22.32 25.68 3.44
N LYS A 309 20.04 27.54 8.90
CA LYS A 309 19.60 26.18 9.21
C LYS A 309 19.36 25.41 7.91
N PRO A 310 19.66 24.12 7.89
CA PRO A 310 19.47 23.34 6.66
C PRO A 310 17.99 23.27 6.27
N LYS A 311 17.74 23.55 4.99
CA LYS A 311 16.40 23.58 4.43
C LYS A 311 16.08 22.22 3.83
N GLY A 312 15.07 21.53 4.37
CA GLY A 312 14.71 20.25 3.82
C GLY A 312 13.71 20.33 2.68
N VAL A 313 14.21 20.46 1.45
CA VAL A 313 13.35 20.63 0.29
C VAL A 313 12.65 19.32 -0.05
N VAL A 314 11.33 19.37 -0.18
CA VAL A 314 10.52 18.17 -0.37
C VAL A 314 9.97 18.17 -1.78
N HIS A 315 10.22 17.10 -2.51
CA HIS A 315 9.62 16.86 -3.81
C HIS A 315 8.65 15.70 -3.70
N SER A 316 7.50 15.82 -4.37
CA SER A 316 6.57 14.71 -4.47
C SER A 316 6.98 13.85 -5.68
N THR A 317 6.09 12.96 -6.12
CA THR A 317 6.47 11.83 -6.98
C THR A 317 6.21 12.11 -8.46
N ALA A 318 4.96 12.32 -8.87
CA ALA A 318 4.65 12.30 -10.29
C ALA A 318 5.21 13.53 -11.02
N GLY A 319 4.92 14.73 -10.52
CA GLY A 319 5.39 15.93 -11.20
C GLY A 319 6.90 16.04 -11.26
N TYR A 320 7.58 15.70 -10.16
CA TYR A 320 9.04 15.66 -10.16
C TYR A 320 9.56 14.67 -11.19
N LEU A 321 9.02 13.45 -11.17
CA LEU A 321 9.50 12.43 -12.11
C LEU A 321 9.22 12.85 -13.56
N LEU A 322 8.03 13.39 -13.81
CA LEU A 322 7.69 13.82 -15.16
C LEU A 322 8.61 14.96 -15.61
N GLY A 323 8.90 15.90 -14.73
CA GLY A 323 9.77 17.02 -15.09
C GLY A 323 11.21 16.60 -15.37
N THR A 324 11.77 15.72 -14.53
CA THR A 324 13.10 15.22 -14.80
C THR A 324 13.12 14.39 -16.09
N ALA A 325 12.05 13.62 -16.33
CA ALA A 325 12.01 12.82 -17.56
C ALA A 325 11.98 13.70 -18.81
N LEU A 326 11.21 14.78 -18.77
CA LEU A 326 11.00 15.61 -19.95
C LEU A 326 12.22 16.48 -20.23
N THR A 327 12.75 17.13 -19.19
CA THR A 327 13.95 17.94 -19.36
C THR A 327 15.10 17.08 -19.85
N LEU A 328 15.28 15.89 -19.26
CA LEU A 328 16.38 15.05 -19.72
C LEU A 328 16.22 14.74 -21.20
N LYS A 329 15.01 14.34 -21.61
CA LYS A 329 14.74 14.04 -23.02
C LYS A 329 14.96 15.27 -23.89
N TYR A 330 14.39 16.42 -23.52
CA TYR A 330 14.39 17.54 -24.46
C TYR A 330 15.61 18.44 -24.33
N VAL A 331 16.10 18.72 -23.10
CA VAL A 331 17.26 19.62 -22.99
C VAL A 331 18.54 18.94 -23.46
N PHE A 332 18.66 17.63 -23.25
CA PHE A 332 19.86 16.91 -23.70
C PHE A 332 19.60 16.08 -24.95
N ASP A 333 18.42 16.22 -25.55
CA ASP A 333 18.01 15.47 -26.73
C ASP A 333 18.39 14.00 -26.59
N ALA A 334 17.86 13.38 -25.53
CA ALA A 334 18.19 12.00 -25.25
C ALA A 334 17.40 11.08 -26.17
N HIS A 335 18.08 10.09 -26.70
CA HIS A 335 17.54 9.06 -27.57
C HIS A 335 17.88 7.70 -26.99
N PRO A 336 17.16 6.64 -27.39
CA PRO A 336 17.18 5.38 -26.60
C PRO A 336 18.54 4.76 -26.40
N ASP A 337 19.49 4.93 -27.31
CA ASP A 337 20.79 4.30 -27.14
C ASP A 337 21.84 5.23 -26.53
N ASP A 338 21.43 6.39 -26.04
CA ASP A 338 22.40 7.35 -25.53
C ASP A 338 23.05 6.85 -24.23
N ARG A 339 24.27 7.32 -24.00
CA ARG A 339 25.02 7.09 -22.77
C ARG A 339 25.25 8.48 -22.16
N PHE A 340 24.37 8.86 -21.24
CA PHE A 340 24.34 10.19 -20.66
C PHE A 340 25.31 10.26 -19.48
N ALA A 341 26.24 11.22 -19.51
CA ALA A 341 27.26 11.29 -18.46
C ALA A 341 27.12 12.58 -17.64
N CYS A 342 26.37 12.52 -16.54
CA CYS A 342 26.33 13.63 -15.60
C CYS A 342 27.38 13.42 -14.50
N MET A 343 28.33 14.35 -14.40
CA MET A 343 29.51 14.17 -13.58
C MET A 343 29.34 14.71 -12.15
N ALA A 344 28.12 15.00 -11.73
CA ALA A 344 27.84 15.55 -10.40
C ALA A 344 27.81 14.44 -9.36
N ASP A 345 27.28 14.75 -8.16
CA ASP A 345 27.21 13.83 -7.03
C ASP A 345 25.75 13.62 -6.65
N ILE A 346 25.38 12.38 -6.31
CA ILE A 346 23.98 12.12 -5.96
C ILE A 346 23.55 12.85 -4.70
N GLY A 347 24.49 13.39 -3.92
CA GLY A 347 24.13 14.23 -2.79
C GLY A 347 23.55 15.57 -3.16
N TRP A 348 23.60 15.93 -4.44
CA TRP A 348 23.15 17.21 -4.99
CA TRP A 348 23.07 17.20 -4.89
C TRP A 348 21.87 16.98 -5.79
N ILE A 349 21.05 18.01 -5.90
CA ILE A 349 19.85 17.88 -6.74
C ILE A 349 20.25 17.50 -8.16
N THR A 350 21.43 17.95 -8.63
CA THR A 350 21.84 17.62 -9.99
C THR A 350 21.99 16.11 -10.18
N GLY A 351 22.46 15.42 -9.14
CA GLY A 351 22.56 13.97 -9.14
C GLY A 351 21.24 13.26 -9.00
N HIS A 352 20.37 13.78 -8.12
CA HIS A 352 19.00 13.29 -8.04
C HIS A 352 18.33 13.28 -9.41
N SER A 353 18.32 14.43 -10.09
CA SER A 353 17.46 14.59 -11.26
C SER A 353 18.10 14.10 -12.55
N TYR A 354 19.42 14.25 -12.72
CA TYR A 354 20.07 13.95 -13.99
C TYR A 354 21.17 12.90 -13.90
N ILE A 355 21.31 12.20 -12.77
CA ILE A 355 21.98 10.91 -12.74
C ILE A 355 20.96 9.79 -12.59
N ILE A 356 20.10 9.88 -11.59
CA ILE A 356 19.20 8.78 -11.28
C ILE A 356 17.85 8.93 -11.98
N TYR A 357 17.03 9.87 -11.51
CA TYR A 357 15.61 9.84 -11.86
C TYR A 357 15.38 10.13 -13.34
N GLY A 358 15.91 11.24 -13.84
CA GLY A 358 15.68 11.61 -15.22
C GLY A 358 16.15 10.56 -16.21
N PRO A 359 17.43 10.20 -16.16
CA PRO A 359 17.94 9.21 -17.14
C PRO A 359 17.32 7.83 -17.00
N LEU A 360 17.09 7.32 -15.79
CA LEU A 360 16.51 5.99 -15.64
C LEU A 360 15.04 5.96 -16.04
N ALA A 361 14.27 7.00 -15.71
CA ALA A 361 12.90 7.11 -16.19
C ALA A 361 12.85 7.00 -17.72
N ASN A 362 13.79 7.63 -18.43
CA ASN A 362 13.86 7.55 -19.88
C ASN A 362 14.39 6.21 -20.39
N GLY A 363 14.93 5.38 -19.51
CA GLY A 363 15.36 4.05 -19.91
C GLY A 363 16.68 4.00 -20.62
N ILE A 364 17.53 5.01 -20.46
CA ILE A 364 18.80 5.05 -21.16
C ILE A 364 19.91 4.67 -20.19
N THR A 365 21.17 4.87 -20.61
CA THR A 365 22.32 4.53 -19.80
C THR A 365 22.86 5.79 -19.14
N THR A 366 23.09 5.71 -17.83
CA THR A 366 23.53 6.86 -17.06
C THR A 366 24.85 6.55 -16.36
N ALA A 367 25.69 7.57 -16.20
CA ALA A 367 27.00 7.34 -15.59
C ALA A 367 26.93 7.66 -14.09
N VAL A 368 27.63 6.85 -13.30
CA VAL A 368 27.90 7.18 -11.90
C VAL A 368 29.41 7.28 -11.79
N PHE A 369 29.92 8.52 -11.76
CA PHE A 369 31.35 8.81 -11.83
C PHE A 369 31.87 9.04 -10.41
N GLU A 370 32.74 8.15 -9.97
CA GLU A 370 33.11 8.10 -8.56
C GLU A 370 34.28 8.99 -8.21
N SER A 371 34.99 9.52 -9.21
CA SER A 371 36.26 10.17 -8.99
C SER A 371 36.11 11.70 -9.10
N THR A 372 37.21 12.37 -9.38
CA THR A 372 37.26 13.82 -9.55
C THR A 372 37.71 14.13 -10.97
N PRO A 373 37.58 15.39 -11.43
CA PRO A 373 38.03 15.70 -12.80
C PRO A 373 39.53 15.63 -13.02
N VAL A 374 40.33 15.56 -11.96
CA VAL A 374 41.79 15.57 -12.08
C VAL A 374 42.43 14.33 -11.47
N TYR A 375 41.64 13.29 -11.22
CA TYR A 375 42.19 12.02 -10.76
C TYR A 375 41.98 10.94 -11.81
N PRO A 376 43.01 10.16 -12.15
CA PRO A 376 44.38 10.35 -11.65
C PRO A 376 45.06 11.59 -12.25
N THR A 377 44.63 12.00 -13.44
CA THR A 377 45.14 13.18 -14.12
C THR A 377 43.96 13.99 -14.65
N PRO A 378 44.20 15.24 -15.06
CA PRO A 378 43.12 16.06 -15.63
C PRO A 378 42.63 15.61 -17.00
N SER A 379 43.13 14.51 -17.56
CA SER A 379 42.52 13.98 -18.78
C SER A 379 41.33 13.07 -18.48
N ARG A 380 40.94 12.94 -17.21
CA ARG A 380 40.03 11.86 -16.81
C ARG A 380 38.66 11.97 -17.48
N TYR A 381 38.07 13.16 -17.50
CA TYR A 381 36.76 13.32 -18.15
C TYR A 381 36.79 12.83 -19.59
N TRP A 382 37.89 13.10 -20.29
CA TRP A 382 37.98 12.79 -21.72
C TRP A 382 38.44 11.37 -21.95
N ASP A 383 39.24 10.82 -21.04
CA ASP A 383 39.46 9.38 -21.03
C ASP A 383 38.15 8.65 -20.85
N PHE A 384 37.31 9.15 -19.94
CA PHE A 384 36.02 8.55 -19.66
C PHE A 384 35.10 8.62 -20.88
N VAL A 385 35.02 9.80 -21.51
CA VAL A 385 34.17 9.98 -22.68
C VAL A 385 34.59 9.05 -23.81
N ASP A 386 35.89 8.98 -24.09
CA ASP A 386 36.35 8.12 -25.18
C ASP A 386 36.21 6.64 -24.81
N LYS A 387 36.45 6.30 -23.55
CA LYS A 387 36.31 4.91 -23.12
C LYS A 387 34.89 4.42 -23.34
N TRP A 388 33.90 5.17 -22.85
CA TRP A 388 32.52 4.72 -22.86
C TRP A 388 31.71 5.28 -24.01
N LYS A 389 32.32 6.11 -24.87
CA LYS A 389 31.63 6.74 -25.98
C LYS A 389 30.37 7.49 -25.51
N ALA A 390 30.55 8.34 -24.50
CA ALA A 390 29.42 9.09 -23.96
C ALA A 390 28.87 10.07 -25.01
N THR A 391 27.55 10.23 -25.01
CA THR A 391 26.89 11.09 -26.00
C THR A 391 26.52 12.46 -25.47
N GLN A 392 26.36 12.62 -24.16
CA GLN A 392 26.17 13.91 -23.53
C GLN A 392 27.02 13.96 -22.27
N LEU A 393 27.63 15.12 -22.02
CA LEU A 393 28.35 15.39 -20.78
C LEU A 393 27.77 16.61 -20.10
N TYR A 394 27.57 16.50 -18.78
CA TYR A 394 26.88 17.50 -17.98
C TYR A 394 27.75 17.77 -16.75
N THR A 395 28.25 18.99 -16.60
CA THR A 395 29.10 19.25 -15.43
C THR A 395 28.90 20.71 -15.00
N ALA A 396 29.76 21.17 -14.07
CA ALA A 396 29.64 22.49 -13.45
C ALA A 396 30.68 23.45 -13.99
N PRO A 397 30.37 24.75 -14.02
CA PRO A 397 31.40 25.75 -14.33
C PRO A 397 32.66 25.62 -13.49
N THR A 398 32.55 25.21 -12.22
CA THR A 398 33.76 25.07 -11.40
C THR A 398 34.70 24.01 -11.97
N ALA A 399 34.15 22.89 -12.44
CA ALA A 399 34.99 21.85 -13.05
C ALA A 399 35.60 22.36 -14.35
N ILE A 400 34.83 23.08 -15.16
CA ILE A 400 35.32 23.60 -16.43
C ILE A 400 36.49 24.54 -16.22
N ARG A 401 36.34 25.48 -15.27
CA ARG A 401 37.43 26.40 -14.97
C ARG A 401 38.66 25.69 -14.41
N LEU A 402 38.44 24.63 -13.63
CA LEU A 402 39.52 23.80 -13.11
C LEU A 402 40.30 23.14 -14.24
N LEU A 403 39.60 22.49 -15.18
CA LEU A 403 40.31 21.85 -16.29
C LEU A 403 40.94 22.88 -17.21
N ARG A 404 40.30 24.05 -17.37
CA ARG A 404 40.92 25.13 -18.13
C ARG A 404 42.22 25.58 -17.49
N ARG A 405 42.25 25.64 -16.15
CA ARG A 405 43.45 25.98 -15.39
C ARG A 405 44.60 25.01 -15.65
N MET A 406 44.31 23.83 -16.22
CA MET A 406 45.29 22.75 -16.34
C MET A 406 45.82 22.58 -17.75
N GLY A 407 45.34 23.36 -18.71
CA GLY A 407 45.92 23.33 -20.03
C GLY A 407 45.17 22.44 -21.00
N GLU A 408 45.50 22.60 -22.28
CA GLU A 408 44.73 22.02 -23.38
C GLU A 408 45.20 20.64 -23.80
N ASP A 409 46.38 20.19 -23.38
CA ASP A 409 46.87 18.92 -23.90
C ASP A 409 46.25 17.72 -23.21
N HIS A 410 45.59 17.92 -22.06
CA HIS A 410 44.83 16.82 -21.47
C HIS A 410 43.55 16.53 -22.24
N VAL A 411 43.19 17.38 -23.20
CA VAL A 411 41.95 17.21 -23.96
C VAL A 411 42.18 17.28 -25.47
N LYS A 412 43.26 17.91 -25.94
CA LYS A 412 43.46 18.11 -27.37
C LYS A 412 43.58 16.78 -28.12
N ASN A 413 44.27 15.81 -27.53
CA ASN A 413 44.55 14.55 -28.22
C ASN A 413 43.50 13.48 -27.93
N HIS A 414 42.25 13.87 -27.78
CA HIS A 414 41.15 12.94 -27.59
C HIS A 414 40.19 13.03 -28.76
N ASP A 415 39.43 11.96 -28.95
CA ASP A 415 38.44 11.90 -30.03
C ASP A 415 37.25 12.77 -29.65
N LEU A 416 36.45 12.32 -28.69
CA LEU A 416 35.31 13.03 -28.11
C LEU A 416 34.17 13.25 -29.10
N SER A 417 34.20 12.59 -30.26
CA SER A 417 33.17 12.81 -31.27
C SER A 417 31.87 12.09 -30.98
N SER A 418 31.81 11.23 -29.96
CA SER A 418 30.55 10.63 -29.58
C SER A 418 29.61 11.64 -28.93
N LEU A 419 30.16 12.74 -28.42
CA LEU A 419 29.35 13.77 -27.77
C LEU A 419 28.59 14.59 -28.81
N ARG A 420 27.34 14.91 -28.49
CA ARG A 420 26.51 15.86 -29.22
C ARG A 420 26.16 17.08 -28.40
N VAL A 421 26.00 16.92 -27.08
CA VAL A 421 25.54 17.98 -26.20
C VAL A 421 26.47 18.07 -25.00
N LEU A 422 26.83 19.29 -24.62
CA LEU A 422 27.64 19.57 -23.45
C LEU A 422 26.82 20.47 -22.53
N GLY A 423 26.63 20.06 -21.28
CA GLY A 423 25.81 20.81 -20.34
C GLY A 423 26.63 21.46 -19.24
N SER A 424 26.15 22.61 -18.79
CA SER A 424 26.75 23.30 -17.66
C SER A 424 25.65 23.70 -16.69
N VAL A 425 25.92 23.52 -15.39
CA VAL A 425 24.93 23.78 -14.35
C VAL A 425 25.65 24.23 -13.09
N GLY A 426 25.06 25.18 -12.37
CA GLY A 426 25.50 25.43 -11.01
C GLY A 426 25.77 26.87 -10.70
N GLU A 427 26.20 27.59 -11.72
CA GLU A 427 26.58 28.99 -11.62
C GLU A 427 26.61 29.57 -13.02
N PRO A 428 26.55 30.89 -13.16
CA PRO A 428 26.79 31.47 -14.47
C PRO A 428 28.12 30.93 -15.01
N ILE A 429 28.18 30.69 -16.31
CA ILE A 429 29.42 30.25 -16.92
C ILE A 429 29.99 31.46 -17.66
N ASN A 430 31.20 31.86 -17.24
CA ASN A 430 31.86 32.97 -17.90
C ASN A 430 32.08 32.61 -19.37
N PRO A 431 31.86 33.55 -20.29
CA PRO A 431 31.96 33.18 -21.71
C PRO A 431 33.32 32.64 -22.08
N GLU A 432 34.37 33.06 -21.36
CA GLU A 432 35.71 32.51 -21.53
C GLU A 432 35.72 31.00 -21.23
N ALA A 433 35.08 30.59 -20.13
CA ALA A 433 34.95 29.16 -19.83
C ALA A 433 34.05 28.46 -20.85
N TRP A 434 32.96 29.12 -21.24
CA TRP A 434 32.07 28.60 -22.27
C TRP A 434 32.83 28.27 -23.55
N HIS A 435 33.73 29.18 -23.98
CA HIS A 435 34.51 28.94 -25.19
C HIS A 435 35.50 27.80 -25.02
N TRP A 436 36.19 27.75 -23.87
CA TRP A 436 37.06 26.61 -23.59
C TRP A 436 36.29 25.30 -23.72
N TYR A 437 35.14 25.22 -23.05
CA TYR A 437 34.25 24.06 -23.15
C TYR A 437 33.90 23.76 -24.59
N ASN A 438 33.36 24.75 -25.30
CA ASN A 438 32.97 24.58 -26.69
C ASN A 438 34.14 24.14 -27.57
N ASP A 439 35.31 24.74 -27.38
CA ASP A 439 36.41 24.50 -28.31
C ASP A 439 37.05 23.14 -28.10
N PHE A 440 37.24 22.74 -26.84
CA PHE A 440 38.07 21.60 -26.52
C PHE A 440 37.28 20.36 -26.15
N ALA A 441 36.24 20.50 -25.31
CA ALA A 441 35.37 19.35 -25.09
C ALA A 441 34.52 19.07 -26.33
N GLY A 442 34.04 20.11 -27.01
CA GLY A 442 33.12 19.92 -28.11
C GLY A 442 33.73 19.93 -29.49
N LYS A 443 34.96 20.44 -29.61
CA LYS A 443 35.63 20.62 -30.91
C LYS A 443 34.74 21.41 -31.87
N ASN A 444 33.92 22.32 -31.33
CA ASN A 444 33.01 23.15 -32.09
C ASN A 444 32.01 22.32 -32.88
N GLN A 445 31.69 21.12 -32.39
CA GLN A 445 30.67 20.30 -33.02
C GLN A 445 29.58 19.87 -32.04
N CYS A 446 29.61 20.36 -30.80
CA CYS A 446 28.56 20.05 -29.82
C CYS A 446 27.74 21.29 -29.54
N ALA A 447 26.50 21.07 -29.14
CA ALA A 447 25.69 22.13 -28.56
C ALA A 447 26.03 22.27 -27.09
N ILE A 448 26.13 23.51 -26.62
CA ILE A 448 26.36 23.81 -25.21
C ILE A 448 25.03 24.20 -24.59
N VAL A 449 24.54 23.41 -23.64
CA VAL A 449 23.31 23.73 -22.92
C VAL A 449 23.69 24.24 -21.53
N ASP A 450 23.49 25.53 -21.33
CA ASP A 450 23.67 26.18 -20.04
C ASP A 450 22.32 26.08 -19.33
N THR A 451 22.24 25.26 -18.29
CA THR A 451 20.95 24.90 -17.69
C THR A 451 20.79 25.62 -16.36
N TYR A 452 19.82 26.52 -16.29
CA TYR A 452 19.52 27.24 -15.06
C TYR A 452 18.37 26.56 -14.34
N TRP A 453 18.54 26.32 -13.05
CA TRP A 453 17.51 25.73 -12.19
C TRP A 453 18.05 25.70 -10.76
N MET A 454 17.26 25.13 -9.84
CA MET A 454 17.61 25.11 -8.43
C MET A 454 17.09 23.83 -7.82
N THR A 455 17.60 23.48 -6.62
CA THR A 455 17.02 22.37 -5.86
C THR A 455 15.50 22.49 -5.80
N GLU A 456 15.00 23.70 -5.54
CA GLU A 456 13.57 23.94 -5.37
C GLU A 456 12.77 23.83 -6.66
N THR A 457 13.38 23.98 -7.86
CA THR A 457 12.61 23.81 -9.09
C THR A 457 12.48 22.36 -9.54
N GLY A 458 13.25 21.44 -8.94
CA GLY A 458 13.20 20.03 -9.28
C GLY A 458 13.87 19.63 -10.58
N SER A 459 13.72 20.45 -11.62
CA SER A 459 14.29 20.15 -12.93
C SER A 459 14.61 21.46 -13.66
N ILE A 460 15.26 21.31 -14.82
CA ILE A 460 15.85 22.45 -15.54
C ILE A 460 14.77 23.47 -15.88
N SER A 461 15.01 24.73 -15.50
CA SER A 461 14.04 25.81 -15.69
C SER A 461 14.25 26.60 -16.97
N ILE A 462 15.49 26.93 -17.28
CA ILE A 462 15.83 27.72 -18.46
C ILE A 462 17.07 27.11 -19.09
N ALA A 463 17.02 26.89 -20.40
CA ALA A 463 18.07 26.17 -21.11
C ALA A 463 17.76 26.17 -22.59
N PRO A 464 18.78 26.20 -23.45
CA PRO A 464 18.51 26.01 -24.88
C PRO A 464 18.13 24.58 -25.15
N LEU A 465 17.17 24.38 -26.06
CA LEU A 465 16.96 23.08 -26.65
C LEU A 465 17.98 22.90 -27.77
N PRO A 466 18.83 21.87 -27.71
CA PRO A 466 20.08 21.90 -28.50
C PRO A 466 19.88 21.82 -30.00
N GLY A 467 18.78 21.25 -30.48
CA GLY A 467 18.53 21.19 -31.89
C GLY A 467 17.70 22.34 -32.42
N ALA A 468 17.41 23.34 -31.59
CA ALA A 468 16.58 24.48 -32.00
C ALA A 468 17.22 25.83 -31.75
N ILE A 469 17.90 26.03 -30.61
CA ILE A 469 18.28 27.37 -30.14
C ILE A 469 19.72 27.68 -30.54
N SER A 470 19.93 28.86 -31.14
CA SER A 470 21.28 29.39 -31.33
C SER A 470 21.75 30.03 -30.04
N THR A 471 22.90 29.58 -29.56
CA THR A 471 23.36 29.90 -28.22
C THR A 471 24.20 31.16 -28.19
N LYS A 472 24.16 31.85 -27.06
CA LYS A 472 25.07 32.93 -26.74
C LYS A 472 25.87 32.51 -25.50
N PRO A 473 27.19 32.69 -25.51
CA PRO A 473 28.00 32.28 -24.36
C PRO A 473 27.55 32.97 -23.08
N GLY A 474 27.18 32.17 -22.09
CA GLY A 474 26.79 32.69 -20.80
C GLY A 474 25.29 32.91 -20.63
N SER A 475 24.48 32.62 -21.64
CA SER A 475 23.03 32.81 -21.59
C SER A 475 22.33 31.46 -21.47
N ALA A 476 21.40 31.37 -20.53
CA ALA A 476 20.57 30.17 -20.42
C ALA A 476 19.54 30.09 -21.54
N THR A 477 19.27 31.23 -22.20
CA THR A 477 18.37 31.41 -23.33
C THR A 477 16.89 31.37 -22.91
N PHE A 478 16.18 30.28 -23.13
CA PHE A 478 14.72 30.38 -23.12
C PHE A 478 14.11 29.37 -22.15
N PRO A 479 12.98 29.70 -21.53
CA PRO A 479 12.41 28.85 -20.47
C PRO A 479 11.95 27.50 -20.99
N PHE A 480 12.04 26.50 -20.12
CA PHE A 480 11.59 25.16 -20.50
C PHE A 480 10.06 25.11 -20.55
N PHE A 481 9.55 24.01 -21.14
CA PHE A 481 8.14 23.72 -21.13
C PHE A 481 7.57 23.85 -19.71
N GLY A 482 6.40 24.48 -19.61
CA GLY A 482 5.77 24.75 -18.34
C GLY A 482 6.31 25.93 -17.56
N MET A 483 7.42 26.54 -17.97
CA MET A 483 8.01 27.66 -17.24
C MET A 483 7.65 28.96 -17.93
N ASP A 484 6.97 29.83 -17.20
CA ASP A 484 6.60 31.15 -17.70
C ASP A 484 7.23 32.15 -16.74
N VAL A 485 8.33 32.78 -17.15
CA VAL A 485 9.14 33.57 -16.24
C VAL A 485 9.08 35.04 -16.63
N ASP A 486 9.23 35.90 -15.63
CA ASP A 486 9.21 37.34 -15.77
C ASP A 486 10.41 37.95 -15.05
N ILE A 487 10.62 39.23 -15.32
CA ILE A 487 11.64 40.06 -14.65
C ILE A 487 10.92 41.14 -13.87
N ILE A 488 11.17 41.19 -12.57
CA ILE A 488 10.59 42.21 -11.69
C ILE A 488 11.70 43.19 -11.30
N ASP A 489 11.35 44.48 -11.28
CA ASP A 489 12.27 45.49 -10.78
C ASP A 489 12.20 45.46 -9.27
N PRO A 490 13.25 44.98 -8.59
CA PRO A 490 13.20 44.90 -7.13
C PRO A 490 13.00 46.23 -6.44
N GLN A 491 13.33 47.35 -7.10
CA GLN A 491 13.14 48.67 -6.53
C GLN A 491 11.69 49.16 -6.60
N THR A 492 10.82 48.50 -7.38
CA THR A 492 9.41 48.83 -7.43
C THR A 492 8.48 47.67 -7.11
N GLY A 493 8.97 46.43 -7.13
CA GLY A 493 8.11 45.27 -6.99
C GLY A 493 7.28 44.95 -8.21
N GLN A 494 7.51 45.63 -9.33
CA GLN A 494 6.65 45.47 -10.50
C GLN A 494 7.38 44.77 -11.63
N VAL A 495 6.60 44.12 -12.48
CA VAL A 495 7.12 43.38 -13.62
C VAL A 495 7.56 44.38 -14.68
N LEU A 496 8.72 44.11 -15.28
CA LEU A 496 9.23 44.93 -16.38
C LEU A 496 8.78 44.29 -17.69
N GLU A 497 8.03 45.03 -18.48
CA GLU A 497 7.51 44.51 -19.73
C GLU A 497 8.52 44.70 -20.86
N GLY A 498 8.52 43.77 -21.79
CA GLY A 498 9.30 43.87 -23.00
C GLY A 498 10.65 43.18 -22.87
N ASN A 499 11.52 43.50 -23.81
CA ASN A 499 12.87 42.97 -23.80
C ASN A 499 13.83 44.08 -23.37
N ASP A 500 15.10 43.71 -23.21
CA ASP A 500 16.16 44.64 -22.81
C ASP A 500 15.90 45.20 -21.41
N VAL A 501 15.47 44.32 -20.50
CA VAL A 501 15.13 44.67 -19.12
C VAL A 501 15.91 43.76 -18.18
N GLU A 502 16.23 44.28 -16.99
CA GLU A 502 16.96 43.51 -16.00
C GLU A 502 16.36 43.73 -14.63
N GLY A 503 16.46 42.71 -13.78
CA GLY A 503 15.90 42.75 -12.44
C GLY A 503 16.09 41.43 -11.72
N VAL A 504 15.03 40.92 -11.10
CA VAL A 504 15.10 39.65 -10.40
C VAL A 504 14.17 38.68 -11.12
N LEU A 505 14.58 37.42 -11.20
CA LEU A 505 13.80 36.40 -11.90
C LEU A 505 12.62 35.93 -11.04
N VAL A 506 11.45 35.82 -11.66
CA VAL A 506 10.27 35.27 -10.99
C VAL A 506 9.54 34.36 -11.97
N ALA A 507 8.79 33.39 -11.45
CA ALA A 507 7.91 32.56 -12.26
C ALA A 507 6.47 32.92 -11.97
N ARG A 508 5.62 32.87 -13.01
CA ARG A 508 4.23 33.29 -12.89
CA ARG A 508 4.23 33.29 -12.89
C ARG A 508 3.29 32.18 -12.42
N ARG A 509 3.61 30.92 -12.72
CA ARG A 509 2.70 29.82 -12.42
C ARG A 509 3.50 28.62 -11.95
N PRO A 510 2.88 27.76 -11.13
CA PRO A 510 3.54 26.51 -10.76
C PRO A 510 3.85 25.65 -11.98
N TRP A 511 4.81 24.75 -11.81
CA TRP A 511 5.21 23.79 -12.83
C TRP A 511 5.28 22.42 -12.15
N PRO A 512 5.21 21.34 -12.93
CA PRO A 512 5.03 20.02 -12.30
C PRO A 512 6.07 19.65 -11.25
N SER A 513 7.34 20.04 -11.41
CA SER A 513 8.38 19.54 -10.51
C SER A 513 8.77 20.54 -9.42
N ILE A 514 7.94 21.54 -9.15
CA ILE A 514 8.30 22.51 -8.12
C ILE A 514 8.32 21.82 -6.76
N ALA A 515 9.30 22.16 -5.92
CA ALA A 515 9.27 21.66 -4.55
C ALA A 515 7.94 21.99 -3.90
N ARG A 516 7.43 21.07 -3.08
CA ARG A 516 6.10 21.24 -2.52
C ARG A 516 6.13 21.88 -1.13
N THR A 517 7.22 21.74 -0.38
CA THR A 517 7.31 22.33 0.95
C THR A 517 8.76 22.26 1.38
N VAL A 518 9.06 22.87 2.53
CA VAL A 518 10.27 22.62 3.27
C VAL A 518 9.89 21.77 4.46
N TYR A 519 10.62 20.68 4.70
CA TYR A 519 10.15 19.63 5.58
C TYR A 519 9.84 20.19 6.98
N ARG A 520 8.59 19.98 7.40
CA ARG A 520 8.05 20.43 8.69
C ARG A 520 8.30 21.92 8.93
N ASP A 521 8.48 22.69 7.86
CA ASP A 521 8.65 24.13 8.00
C ASP A 521 8.03 24.84 6.79
N HIS A 522 6.73 24.65 6.63
CA HIS A 522 6.04 25.24 5.49
C HIS A 522 6.06 26.76 5.54
N LYS A 523 6.04 27.34 6.74
CA LYS A 523 6.11 28.80 6.84
C LYS A 523 7.38 29.34 6.18
N ARG A 524 8.50 28.63 6.32
CA ARG A 524 9.75 29.06 5.72
C ARG A 524 9.74 28.88 4.21
N TYR A 525 9.07 27.85 3.72
CA TYR A 525 8.85 27.72 2.28
C TYR A 525 8.08 28.92 1.73
N LEU A 526 6.94 29.26 2.36
CA LEU A 526 6.15 30.39 1.89
C LEU A 526 6.92 31.69 1.99
N GLU A 527 7.58 31.92 3.14
CA GLU A 527 8.28 33.16 3.36
C GLU A 527 9.46 33.35 2.41
N THR A 528 10.13 32.26 2.05
CA THR A 528 11.33 32.33 1.22
C THR A 528 11.00 32.52 -0.26
N TYR A 529 10.01 31.78 -0.78
CA TYR A 529 9.74 31.73 -2.22
C TYR A 529 8.47 32.45 -2.64
N MET A 530 7.48 32.54 -1.78
CA MET A 530 6.16 32.98 -2.21
C MET A 530 5.77 34.36 -1.68
N LYS A 531 6.39 34.81 -0.60
CA LYS A 531 6.14 36.11 0.03
C LYS A 531 6.86 37.28 -0.65
N PRO A 532 8.13 37.14 -1.07
CA PRO A 532 8.84 38.33 -1.55
C PRO A 532 8.14 39.09 -2.66
N TYR A 533 7.60 38.39 -3.64
CA TYR A 533 6.82 39.00 -4.73
C TYR A 533 5.50 38.24 -4.81
N PRO A 534 4.49 38.66 -4.03
CA PRO A 534 3.24 37.90 -3.98
C PRO A 534 2.63 37.75 -5.36
N GLY A 535 2.05 36.56 -5.60
CA GLY A 535 1.60 36.13 -6.92
C GLY A 535 2.63 35.38 -7.75
N TYR A 536 3.90 35.40 -7.36
CA TYR A 536 4.99 34.80 -8.12
C TYR A 536 5.84 33.89 -7.25
N PHE A 537 6.63 33.04 -7.91
CA PHE A 537 7.77 32.33 -7.31
C PHE A 537 9.05 33.16 -7.48
N PHE A 538 9.75 33.39 -6.37
CA PHE A 538 10.99 34.16 -6.35
C PHE A 538 12.20 33.22 -6.31
N PHE A 539 12.97 33.19 -7.40
CA PHE A 539 14.14 32.30 -7.45
C PHE A 539 15.26 32.76 -6.53
N GLY A 540 15.42 34.06 -6.32
CA GLY A 540 16.58 34.55 -5.61
C GLY A 540 17.78 34.87 -6.48
N ASP A 541 17.61 34.91 -7.81
CA ASP A 541 18.69 35.28 -8.72
C ASP A 541 18.36 36.57 -9.46
N GLY A 542 19.39 37.37 -9.71
CA GLY A 542 19.26 38.50 -10.62
C GLY A 542 19.31 38.04 -12.07
N ALA A 543 18.57 38.72 -12.93
CA ALA A 543 18.46 38.25 -14.30
C ALA A 543 18.13 39.39 -15.24
N ALA A 544 18.37 39.12 -16.52
CA ALA A 544 18.13 40.09 -17.58
C ALA A 544 17.56 39.39 -18.80
N ARG A 545 16.65 40.05 -19.50
CA ARG A 545 16.15 39.60 -20.80
C ARG A 545 16.66 40.58 -21.85
N ASP A 546 17.48 40.10 -22.80
CA ASP A 546 18.10 41.01 -23.75
C ASP A 546 17.17 41.29 -24.92
N TYR A 547 17.67 42.03 -25.91
CA TYR A 547 16.83 42.52 -27.00
C TYR A 547 16.25 41.39 -27.84
N ASP A 548 16.92 40.23 -27.89
CA ASP A 548 16.40 39.06 -28.59
C ASP A 548 15.54 38.16 -27.71
N GLY A 549 15.29 38.53 -26.45
CA GLY A 549 14.50 37.70 -25.55
C GLY A 549 15.28 36.63 -24.81
N TYR A 550 16.59 36.57 -24.99
CA TYR A 550 17.44 35.60 -24.29
C TYR A 550 17.54 35.97 -22.82
N MET A 551 17.41 34.97 -21.95
CA MET A 551 17.55 35.18 -20.51
CA MET A 551 17.56 35.20 -20.52
C MET A 551 19.02 35.07 -20.10
N TRP A 552 19.46 36.00 -19.26
CA TRP A 552 20.80 35.97 -18.70
C TRP A 552 20.65 35.92 -17.19
N ILE A 553 21.15 34.85 -16.57
CA ILE A 553 21.12 34.72 -15.12
C ILE A 553 22.50 35.10 -14.60
N LYS A 554 22.57 36.20 -13.85
CA LYS A 554 23.85 36.86 -13.60
C LYS A 554 24.35 36.72 -12.16
N GLY A 555 23.70 35.91 -11.33
CA GLY A 555 24.14 35.71 -9.97
C GLY A 555 23.01 35.90 -8.97
N ARG A 556 23.31 35.56 -7.72
CA ARG A 556 22.34 35.69 -6.64
C ARG A 556 22.02 37.14 -6.38
N VAL A 557 20.74 37.40 -6.05
CA VAL A 557 20.34 38.75 -5.64
C VAL A 557 21.17 39.22 -4.45
N ASP A 558 21.42 38.32 -3.49
CA ASP A 558 22.21 38.69 -2.32
C ASP A 558 23.63 39.12 -2.66
N ASP A 559 24.13 38.80 -3.86
CA ASP A 559 25.50 39.10 -4.23
C ASP A 559 25.63 40.33 -5.11
N VAL A 560 24.50 40.93 -5.51
CA VAL A 560 24.53 42.17 -6.30
C VAL A 560 25.27 43.25 -5.52
N ILE A 561 26.08 44.05 -6.22
CA ILE A 561 26.84 45.13 -5.62
C ILE A 561 26.35 46.45 -6.19
N ASN A 562 25.99 47.38 -5.32
CA ASN A 562 25.40 48.65 -5.74
C ASN A 562 26.47 49.73 -5.58
N VAL A 563 27.05 50.14 -6.69
CA VAL A 563 28.11 51.15 -6.72
C VAL A 563 27.49 52.42 -7.29
N SER A 564 27.20 53.38 -6.42
CA SER A 564 26.70 54.71 -6.82
C SER A 564 25.45 54.59 -7.70
N GLY A 565 24.56 53.67 -7.35
CA GLY A 565 23.36 53.44 -8.13
C GLY A 565 23.53 52.46 -9.27
N HIS A 566 24.74 52.02 -9.57
CA HIS A 566 24.97 51.02 -10.61
C HIS A 566 24.93 49.65 -9.94
N ARG A 567 23.90 48.86 -10.25
CA ARG A 567 23.73 47.54 -9.66
C ARG A 567 24.50 46.52 -10.49
N LEU A 568 25.63 46.06 -9.94
CA LEU A 568 26.53 45.15 -10.64
C LEU A 568 26.27 43.71 -10.20
N SER A 569 26.21 42.81 -11.17
CA SER A 569 26.08 41.38 -10.89
C SER A 569 27.45 40.73 -10.76
N THR A 570 27.51 39.65 -9.99
CA THR A 570 28.79 38.96 -9.81
C THR A 570 29.31 38.40 -11.14
N ALA A 571 28.42 37.87 -11.98
CA ALA A 571 28.87 37.23 -13.21
C ALA A 571 29.46 38.24 -14.18
N GLU A 572 28.94 39.47 -14.19
CA GLU A 572 29.47 40.54 -15.01
C GLU A 572 30.95 40.79 -14.76
N VAL A 573 31.27 41.12 -13.50
CA VAL A 573 32.61 41.54 -13.15
C VAL A 573 33.58 40.37 -13.21
N GLU A 574 33.15 39.21 -12.70
CA GLU A 574 33.97 38.02 -12.75
C GLU A 574 34.25 37.57 -14.18
N SER A 575 33.31 37.81 -15.10
CA SER A 575 33.56 37.47 -16.50
C SER A 575 34.54 38.45 -17.12
N ALA A 576 34.47 39.71 -16.70
CA ALA A 576 35.45 40.70 -17.15
C ALA A 576 36.85 40.33 -16.70
N LEU A 577 36.99 39.88 -15.45
CA LEU A 577 38.31 39.63 -14.88
C LEU A 577 38.98 38.43 -15.55
N ILE A 578 38.21 37.39 -15.86
CA ILE A 578 38.79 36.17 -16.42
C ILE A 578 39.24 36.36 -17.86
N LEU A 579 38.85 37.47 -18.49
CA LEU A 579 39.36 37.83 -19.81
C LEU A 579 40.84 38.20 -19.79
N HIS A 580 41.43 38.43 -18.62
CA HIS A 580 42.84 38.76 -18.54
C HIS A 580 43.67 37.48 -18.55
N LYS A 581 44.80 37.53 -19.27
CA LYS A 581 45.65 36.34 -19.42
C LYS A 581 46.22 35.92 -18.08
N GLY A 582 46.12 34.63 -17.77
CA GLY A 582 46.64 34.07 -16.54
C GLY A 582 45.60 33.88 -15.45
N VAL A 583 44.44 34.52 -15.56
CA VAL A 583 43.42 34.41 -14.53
C VAL A 583 42.72 33.07 -14.70
N ALA A 584 42.58 32.33 -13.59
CA ALA A 584 41.90 31.04 -13.61
C ALA A 584 40.47 31.10 -13.09
N GLU A 585 40.18 31.98 -12.14
CA GLU A 585 38.88 32.04 -11.48
C GLU A 585 38.82 33.20 -10.50
N THR A 586 37.69 33.90 -10.43
CA THR A 586 37.60 35.08 -9.55
C THR A 586 36.28 35.07 -8.81
N ALA A 587 36.20 35.92 -7.79
CA ALA A 587 34.95 36.18 -7.08
C ALA A 587 34.97 37.63 -6.61
N VAL A 588 33.86 38.33 -6.80
CA VAL A 588 33.74 39.72 -6.34
C VAL A 588 32.64 39.79 -5.28
N VAL A 589 32.87 40.63 -4.27
CA VAL A 589 31.90 40.89 -3.22
C VAL A 589 31.85 42.40 -2.97
N GLY A 590 30.72 42.84 -2.40
CA GLY A 590 30.52 44.22 -2.08
C GLY A 590 30.82 44.49 -0.61
N CYS A 591 31.21 45.73 -0.32
CA CYS A 591 31.39 46.14 1.06
C CYS A 591 31.07 47.62 1.17
N ALA A 592 30.68 48.03 2.38
CA ALA A 592 30.22 49.40 2.59
C ALA A 592 31.32 50.40 2.25
N ASP A 593 30.92 51.47 1.56
CA ASP A 593 31.83 52.54 1.19
C ASP A 593 31.09 53.87 1.28
N ASP A 594 31.70 54.85 1.96
CA ASP A 594 31.00 56.10 2.26
C ASP A 594 30.83 57.01 1.04
N LEU A 595 31.57 56.75 -0.05
CA LEU A 595 31.45 57.54 -1.25
C LEU A 595 30.56 56.88 -2.31
N THR A 596 30.67 55.57 -2.50
CA THR A 596 29.95 54.87 -3.56
C THR A 596 28.79 54.03 -3.02
N GLY A 597 28.47 54.14 -1.73
CA GLY A 597 27.51 53.24 -1.13
C GLY A 597 28.15 51.90 -0.84
N GLN A 598 28.44 51.16 -1.90
CA GLN A 598 29.20 49.93 -1.83
C GLN A 598 30.36 50.00 -2.81
N ALA A 599 31.36 49.18 -2.57
CA ALA A 599 32.54 49.13 -3.43
C ALA A 599 32.88 47.67 -3.73
N VAL A 600 33.44 47.46 -4.91
CA VAL A 600 33.75 46.10 -5.36
C VAL A 600 35.08 45.66 -4.79
N TYR A 601 35.12 44.47 -4.19
CA TYR A 601 36.34 43.83 -3.75
C TYR A 601 36.48 42.49 -4.46
N ALA A 602 37.62 42.29 -5.12
CA ALA A 602 37.84 41.14 -5.97
C ALA A 602 38.87 40.21 -5.36
N PHE A 603 38.56 38.91 -5.37
CA PHE A 603 39.49 37.85 -5.03
C PHE A 603 39.81 37.09 -6.30
N VAL A 604 41.09 37.00 -6.65
CA VAL A 604 41.52 36.48 -7.94
C VAL A 604 42.45 35.30 -7.75
N THR A 605 42.17 34.21 -8.48
CA THR A 605 43.02 33.03 -8.52
C THR A 605 43.70 32.96 -9.88
N MET A 606 45.04 33.03 -9.88
CA MET A 606 45.80 32.95 -11.13
C MET A 606 46.19 31.51 -11.43
N LYS A 607 46.38 31.23 -12.72
CA LYS A 607 46.89 29.93 -13.12
C LYS A 607 48.20 29.64 -12.42
N PRO A 608 48.47 28.39 -12.05
CA PRO A 608 49.64 28.11 -11.20
C PRO A 608 50.98 28.44 -11.82
N GLU A 609 51.12 28.29 -13.15
CA GLU A 609 52.40 28.62 -13.76
C GLU A 609 52.63 30.12 -13.89
N PHE A 610 51.63 30.95 -13.63
CA PHE A 610 51.79 32.39 -13.81
C PHE A 610 52.86 32.95 -12.88
N ASP A 611 53.79 33.72 -13.44
CA ASP A 611 54.94 34.24 -12.70
C ASP A 611 54.52 35.46 -11.90
N LEU A 612 54.25 35.27 -10.61
CA LEU A 612 53.86 36.38 -9.75
C LEU A 612 55.03 37.29 -9.41
N LYS A 613 56.27 36.82 -9.54
CA LYS A 613 57.43 37.66 -9.25
C LYS A 613 57.84 38.50 -10.45
N ALA A 614 57.68 37.98 -11.67
CA ALA A 614 58.07 38.75 -12.85
C ALA A 614 57.10 39.90 -13.09
N THR A 615 55.80 39.63 -13.01
CA THR A 615 54.79 40.68 -13.06
C THR A 615 54.60 41.25 -11.66
N LYS A 616 54.90 42.54 -11.50
CA LYS A 616 54.64 43.20 -10.23
C LYS A 616 53.14 43.17 -9.95
N GLU A 617 52.77 42.69 -8.76
CA GLU A 617 51.36 42.52 -8.43
C GLU A 617 50.58 43.83 -8.60
N ALA A 618 51.18 44.95 -8.18
CA ALA A 618 50.53 46.25 -8.36
C ALA A 618 50.26 46.55 -9.83
N ASP A 619 51.06 45.98 -10.74
CA ASP A 619 50.79 46.14 -12.17
C ASP A 619 49.63 45.26 -12.60
N LEU A 620 49.61 44.00 -12.14
CA LEU A 620 48.49 43.11 -12.47
C LEU A 620 47.17 43.72 -12.03
N SER A 621 47.08 44.17 -10.77
CA SER A 621 45.85 44.78 -10.26
C SER A 621 45.41 45.94 -11.14
N LYS A 622 46.35 46.77 -11.58
CA LYS A 622 45.99 47.89 -12.43
C LYS A 622 45.47 47.43 -13.78
N GLU A 623 46.10 46.42 -14.38
CA GLU A 623 45.63 45.92 -15.67
C GLU A 623 44.26 45.26 -15.53
N LEU A 624 43.99 44.66 -14.38
CA LEU A 624 42.68 44.06 -14.13
C LEU A 624 41.60 45.13 -13.99
N ALA A 625 41.86 46.15 -13.18
CA ALA A 625 40.94 47.27 -13.05
C ALA A 625 40.65 47.91 -14.41
N ILE A 626 41.71 48.15 -15.19
CA ILE A 626 41.57 48.75 -16.52
C ILE A 626 40.68 47.89 -17.42
N GLN A 627 40.82 46.56 -17.32
CA GLN A 627 40.01 45.67 -18.15
C GLN A 627 38.55 45.70 -17.73
N VAL A 628 38.27 45.79 -16.42
CA VAL A 628 36.89 45.85 -15.97
C VAL A 628 36.23 47.14 -16.43
N ARG A 629 36.99 48.23 -16.47
CA ARG A 629 36.42 49.51 -16.87
C ARG A 629 36.02 49.49 -18.34
N LYS A 630 36.80 48.82 -19.18
CA LYS A 630 36.54 48.82 -20.62
C LYS A 630 35.24 48.08 -20.93
N VAL A 631 35.06 46.90 -20.35
CA VAL A 631 33.91 46.07 -20.70
C VAL A 631 32.67 46.53 -19.97
N ILE A 632 32.79 46.95 -18.70
CA ILE A 632 31.61 47.24 -17.90
C ILE A 632 31.40 48.74 -17.74
N GLY A 633 32.40 49.42 -17.20
CA GLY A 633 32.31 50.85 -16.95
C GLY A 633 33.25 51.32 -15.84
N PRO A 634 33.45 52.63 -15.73
CA PRO A 634 34.40 53.12 -14.71
C PRO A 634 34.04 52.71 -13.30
N PHE A 635 32.76 52.81 -12.94
CA PHE A 635 32.32 52.47 -11.58
C PHE A 635 32.68 51.04 -11.19
N ALA A 636 32.72 50.13 -12.16
CA ALA A 636 32.79 48.71 -11.85
C ALA A 636 34.16 48.26 -11.36
N ALA A 637 35.15 49.14 -11.34
CA ALA A 637 36.51 48.73 -11.00
C ALA A 637 36.60 48.36 -9.52
N PRO A 638 37.30 47.28 -9.19
CA PRO A 638 37.48 46.90 -7.78
C PRO A 638 38.26 47.96 -7.01
N LYS A 639 37.75 48.30 -5.82
CA LYS A 639 38.52 49.12 -4.89
C LYS A 639 39.77 48.37 -4.41
N LYS A 640 39.65 47.07 -4.19
CA LYS A 640 40.79 46.25 -3.79
C LYS A 640 40.73 44.92 -4.53
N ILE A 641 41.90 44.30 -4.70
CA ILE A 641 42.04 43.03 -5.40
C ILE A 641 42.98 42.16 -4.58
N TYR A 642 42.48 41.03 -4.09
CA TYR A 642 43.26 40.11 -3.28
C TYR A 642 43.62 38.89 -4.11
N LEU A 643 44.91 38.56 -4.12
CA LEU A 643 45.40 37.38 -4.82
C LEU A 643 45.40 36.20 -3.86
N VAL A 644 44.70 35.12 -4.23
CA VAL A 644 44.52 33.97 -3.36
C VAL A 644 44.73 32.69 -4.17
N SER A 645 45.12 31.63 -3.46
CA SER A 645 45.37 30.35 -4.12
C SER A 645 44.08 29.64 -4.49
N ASP A 646 43.01 29.88 -3.74
CA ASP A 646 41.71 29.31 -4.06
C ASP A 646 40.64 30.11 -3.33
N LEU A 647 39.41 29.90 -3.72
CA LEU A 647 38.24 30.53 -3.16
C LEU A 647 37.49 29.55 -2.27
N PRO A 648 36.72 30.02 -1.29
CA PRO A 648 35.91 29.10 -0.49
C PRO A 648 34.74 28.58 -1.30
N LYS A 649 34.68 27.27 -1.48
CA LYS A 649 33.66 26.65 -2.30
C LYS A 649 33.02 25.47 -1.57
N THR A 650 31.72 25.28 -1.80
CA THR A 650 31.04 24.10 -1.31
C THR A 650 31.45 22.86 -2.11
N ARG A 651 31.04 21.69 -1.62
CA ARG A 651 31.36 20.45 -2.32
C ARG A 651 30.79 20.42 -3.73
N SER A 652 29.65 21.09 -3.94
CA SER A 652 29.05 21.16 -5.27
C SER A 652 29.75 22.14 -6.20
N GLY A 653 30.62 23.00 -5.68
CA GLY A 653 31.38 23.93 -6.48
C GLY A 653 30.92 25.36 -6.39
N LYS A 654 29.82 25.65 -5.71
CA LYS A 654 29.38 27.02 -5.52
C LYS A 654 30.45 27.81 -4.79
N ILE A 655 30.67 29.05 -5.22
CA ILE A 655 31.62 29.93 -4.55
C ILE A 655 30.90 30.63 -3.40
N MET A 656 31.53 30.63 -2.22
CA MET A 656 30.90 31.13 -1.01
C MET A 656 31.22 32.61 -0.86
N ARG A 657 30.50 33.42 -1.64
CA ARG A 657 30.71 34.86 -1.62
C ARG A 657 30.22 35.48 -0.33
N ARG A 658 29.25 34.86 0.35
CA ARG A 658 28.84 35.32 1.67
C ARG A 658 29.98 35.21 2.66
N VAL A 659 30.83 34.20 2.52
CA VAL A 659 32.00 34.08 3.39
C VAL A 659 32.98 35.22 3.10
N LEU A 660 33.28 35.47 1.82
CA LEU A 660 34.21 36.54 1.46
C LEU A 660 33.66 37.91 1.84
N ARG A 661 32.34 38.09 1.70
CA ARG A 661 31.71 39.35 2.09
C ARG A 661 31.92 39.62 3.58
N LYS A 662 31.85 38.57 4.40
CA LYS A 662 32.01 38.76 5.84
C LYS A 662 33.48 39.07 6.19
N ILE A 663 34.41 38.32 5.62
CA ILE A 663 35.83 38.55 5.90
C ILE A 663 36.24 39.96 5.50
N VAL A 664 35.61 40.50 4.44
CA VAL A 664 35.88 41.88 4.08
C VAL A 664 35.25 42.84 5.09
N ALA A 665 34.11 42.46 5.66
CA ALA A 665 33.37 43.31 6.58
C ALA A 665 33.67 43.02 8.05
N GLY A 666 34.65 42.17 8.33
CA GLY A 666 34.98 41.80 9.69
C GLY A 666 33.98 40.83 10.30
N PRO A 680 37.54 24.23 3.10
CA PRO A 680 37.80 24.13 4.54
C PRO A 680 38.99 24.98 4.99
N GLN A 681 40.21 24.59 4.59
CA GLN A 681 41.40 25.34 4.97
C GLN A 681 41.57 26.63 4.18
N ILE A 682 40.82 26.81 3.09
CA ILE A 682 41.04 27.97 2.23
C ILE A 682 40.57 29.25 2.91
N VAL A 683 39.63 29.16 3.86
CA VAL A 683 39.08 30.38 4.43
C VAL A 683 40.09 31.05 5.35
N GLU A 684 40.82 30.27 6.14
CA GLU A 684 41.84 30.83 7.01
C GLU A 684 42.88 31.61 6.21
N GLU A 685 43.15 31.19 4.98
CA GLU A 685 44.09 31.92 4.13
C GLU A 685 43.48 33.24 3.63
N VAL A 686 42.18 33.26 3.35
CA VAL A 686 41.55 34.51 2.90
C VAL A 686 41.53 35.54 4.03
N LYS A 687 41.18 35.10 5.24
CA LYS A 687 41.16 36.03 6.37
C LYS A 687 42.55 36.59 6.64
N GLN A 688 43.59 35.76 6.46
CA GLN A 688 44.96 36.24 6.67
C GLN A 688 45.36 37.25 5.59
N LYS A 689 45.00 37.00 4.33
CA LYS A 689 45.35 37.91 3.25
C LYS A 689 44.58 39.22 3.34
N VAL A 690 43.41 39.23 3.99
CA VAL A 690 42.68 40.48 4.20
C VAL A 690 43.24 41.31 5.34
N THR A 691 44.24 40.78 6.05
CA THR A 691 44.90 41.53 7.12
C THR A 691 46.34 41.85 6.75
N HIS B 25 14.06 -52.22 -23.85
CA HIS B 25 13.77 -50.99 -23.12
C HIS B 25 14.64 -50.85 -21.87
N HIS B 26 15.46 -49.81 -21.85
CA HIS B 26 16.30 -49.57 -20.67
C HIS B 26 15.46 -49.18 -19.45
N VAL B 27 14.32 -48.50 -19.66
CA VAL B 27 13.46 -48.03 -18.57
C VAL B 27 12.36 -49.05 -18.38
N HIS B 28 12.22 -49.54 -17.14
CA HIS B 28 11.18 -50.50 -16.82
C HIS B 28 10.11 -49.88 -15.94
N PRO B 29 8.84 -50.22 -16.16
CA PRO B 29 7.79 -49.77 -15.23
C PRO B 29 8.06 -50.30 -13.84
N LEU B 30 7.43 -49.68 -12.84
CA LEU B 30 7.50 -50.24 -11.49
C LEU B 30 6.95 -51.67 -11.49
N PRO B 31 7.59 -52.59 -10.77
CA PRO B 31 7.12 -53.99 -10.75
C PRO B 31 5.64 -54.13 -10.48
N ASP B 32 4.96 -54.87 -11.37
CA ASP B 32 3.54 -55.14 -11.26
C ASP B 32 3.31 -56.62 -11.57
N SER B 33 2.23 -57.17 -11.04
CA SER B 33 1.90 -58.56 -11.39
C SER B 33 1.20 -58.65 -12.73
N VAL B 34 0.55 -57.57 -13.14
CA VAL B 34 -0.16 -57.54 -14.41
C VAL B 34 0.87 -57.41 -15.55
N PRO B 35 0.74 -58.19 -16.61
CA PRO B 35 1.58 -57.97 -17.80
C PRO B 35 1.41 -56.57 -18.34
N GLU B 36 2.49 -56.03 -18.91
CA GLU B 36 2.48 -54.66 -19.41
C GLU B 36 1.39 -54.43 -20.45
N SER B 37 1.10 -55.43 -21.28
CA SER B 37 0.11 -55.26 -22.33
C SER B 37 -1.31 -55.23 -21.78
N GLU B 38 -1.53 -55.70 -20.55
CA GLU B 38 -2.82 -55.61 -19.88
C GLU B 38 -2.85 -54.53 -18.81
N ASP B 39 -1.92 -53.57 -18.84
CA ASP B 39 -1.69 -52.65 -17.74
C ASP B 39 -1.84 -51.19 -18.14
N LEU B 40 -2.52 -50.89 -19.25
CA LEU B 40 -2.75 -49.53 -19.70
C LEU B 40 -4.23 -49.22 -19.61
N PHE B 41 -4.59 -48.13 -18.92
CA PHE B 41 -5.96 -47.92 -18.48
C PHE B 41 -6.52 -46.64 -19.09
N ALA B 42 -7.34 -46.80 -20.14
CA ALA B 42 -7.97 -45.67 -20.79
C ALA B 42 -8.98 -45.02 -19.85
N PRO B 43 -9.30 -43.74 -20.07
CA PRO B 43 -10.33 -43.08 -19.25
C PRO B 43 -11.63 -43.86 -19.25
N PRO B 44 -12.16 -44.17 -18.08
CA PRO B 44 -13.37 -45.02 -17.98
C PRO B 44 -14.60 -44.26 -18.42
N PRO B 45 -15.77 -44.93 -18.53
CA PRO B 45 -16.98 -44.21 -18.97
C PRO B 45 -17.34 -43.01 -18.10
N ARG B 46 -17.09 -43.09 -16.79
CA ARG B 46 -17.37 -41.95 -15.91
C ARG B 46 -16.53 -40.73 -16.26
N MET B 47 -15.41 -40.91 -16.96
CA MET B 47 -14.61 -39.81 -17.49
C MET B 47 -14.78 -39.66 -19.01
N GLN B 48 -15.87 -40.18 -19.57
CA GLN B 48 -16.19 -40.01 -20.98
C GLN B 48 -17.45 -39.19 -21.19
N GLY B 49 -17.96 -38.54 -20.14
CA GLY B 49 -19.25 -37.89 -20.24
C GLY B 49 -20.43 -38.83 -20.27
N LYS B 50 -20.19 -40.15 -20.18
CA LYS B 50 -21.27 -41.13 -20.09
C LYS B 50 -21.82 -41.13 -18.66
N GLU B 51 -22.89 -41.90 -18.48
CA GLU B 51 -23.53 -42.07 -17.17
C GLU B 51 -23.97 -40.74 -16.58
N GLY B 52 -24.31 -39.79 -17.43
CA GLY B 52 -24.70 -38.47 -16.95
C GLY B 52 -23.61 -37.78 -16.16
N ARG B 53 -22.31 -38.07 -16.47
CA ARG B 53 -21.20 -37.36 -15.86
C ARG B 53 -20.77 -36.20 -16.77
N PRO B 54 -20.29 -35.11 -16.18
CA PRO B 54 -19.85 -33.97 -17.01
C PRO B 54 -18.73 -34.34 -17.96
N LYS B 55 -18.79 -33.78 -19.17
CA LYS B 55 -17.73 -33.96 -20.14
C LYS B 55 -16.40 -33.49 -19.55
N PRO B 56 -15.32 -34.25 -19.69
CA PRO B 56 -14.03 -33.80 -19.16
C PRO B 56 -13.60 -32.51 -19.85
N HIS B 57 -12.90 -31.67 -19.08
CA HIS B 57 -12.43 -30.40 -19.62
C HIS B 57 -11.43 -30.62 -20.74
N ILE B 58 -10.64 -31.69 -20.65
CA ILE B 58 -9.65 -32.05 -21.65
C ILE B 58 -9.88 -33.52 -21.99
N GLY B 59 -10.10 -33.81 -23.27
CA GLY B 59 -10.26 -35.17 -23.73
C GLY B 59 -10.45 -35.22 -25.23
N PRO B 60 -10.55 -36.43 -25.80
CA PRO B 60 -10.67 -37.72 -25.13
C PRO B 60 -9.39 -38.55 -25.09
N ASN B 61 -8.28 -38.01 -25.58
CA ASN B 61 -7.10 -38.83 -25.80
C ASN B 61 -5.85 -38.02 -25.52
N TYR B 62 -4.70 -38.68 -25.69
CA TYR B 62 -3.42 -38.02 -25.42
C TYR B 62 -3.27 -36.76 -26.24
N GLU B 63 -3.63 -36.81 -27.53
CA GLU B 63 -3.44 -35.64 -28.38
C GLU B 63 -4.21 -34.43 -27.88
N SER B 64 -5.37 -34.64 -27.26
CA SER B 64 -6.08 -33.49 -26.71
C SER B 64 -5.32 -32.87 -25.54
N TYR B 65 -4.63 -33.69 -24.74
CA TYR B 65 -3.75 -33.13 -23.72
C TYR B 65 -2.63 -32.31 -24.35
N VAL B 66 -1.94 -32.88 -25.34
CA VAL B 66 -0.79 -32.23 -25.95
C VAL B 66 -1.21 -30.92 -26.63
N LYS B 67 -2.37 -30.93 -27.28
CA LYS B 67 -2.82 -29.72 -27.98
C LYS B 67 -2.94 -28.56 -27.02
N GLU B 68 -3.54 -28.78 -25.84
CA GLU B 68 -3.67 -27.70 -24.88
C GLU B 68 -2.35 -27.41 -24.18
N TRP B 69 -1.61 -28.46 -23.78
CA TRP B 69 -0.38 -28.26 -23.04
C TRP B 69 0.63 -27.44 -23.84
N ALA B 70 0.65 -27.62 -25.17
CA ALA B 70 1.59 -26.88 -26.01
C ALA B 70 1.36 -25.38 -25.95
N LYS B 71 0.14 -24.95 -25.64
CA LYS B 71 -0.13 -23.53 -25.50
C LYS B 71 0.44 -22.93 -24.22
N THR B 72 0.86 -23.77 -23.28
CA THR B 72 1.19 -23.29 -21.95
C THR B 72 2.69 -23.25 -21.68
N VAL B 73 3.52 -23.68 -22.63
CA VAL B 73 4.96 -23.66 -22.46
C VAL B 73 5.60 -23.13 -23.74
N GLY B 74 6.80 -22.60 -23.59
CA GLY B 74 7.55 -22.10 -24.73
C GLY B 74 7.33 -20.62 -24.93
N PRO B 75 7.85 -20.10 -26.06
CA PRO B 75 7.91 -18.64 -26.21
C PRO B 75 6.59 -17.99 -26.56
N ASN B 76 5.58 -18.77 -26.98
CA ASN B 76 4.29 -18.21 -27.31
C ASN B 76 3.23 -18.46 -26.23
N SER B 77 3.65 -18.83 -25.02
CA SER B 77 2.70 -19.25 -23.99
C SER B 77 2.12 -18.11 -23.16
N ASP B 78 2.62 -16.87 -23.33
CA ASP B 78 2.10 -15.75 -22.53
C ASP B 78 0.61 -15.55 -22.78
N GLU B 79 0.17 -15.72 -24.03
CA GLU B 79 -1.23 -15.48 -24.37
C GLU B 79 -2.16 -16.37 -23.54
N TRP B 80 -1.84 -17.65 -23.46
CA TRP B 80 -2.68 -18.58 -22.71
C TRP B 80 -2.72 -18.25 -21.23
N TRP B 81 -1.55 -17.98 -20.64
CA TRP B 81 -1.46 -17.72 -19.20
C TRP B 81 -2.13 -16.42 -18.82
N ALA B 82 -1.99 -15.39 -19.67
CA ALA B 82 -2.67 -14.14 -19.41
C ALA B 82 -4.18 -14.34 -19.46
N ALA B 83 -4.66 -15.09 -20.45
CA ALA B 83 -6.09 -15.39 -20.57
C ALA B 83 -6.57 -16.20 -19.38
N LYS B 84 -5.85 -17.27 -19.03
CA LYS B 84 -6.24 -18.09 -17.87
C LYS B 84 -6.24 -17.27 -16.58
N ALA B 85 -5.27 -16.38 -16.41
CA ALA B 85 -5.19 -15.60 -15.18
C ALA B 85 -6.39 -14.67 -15.04
N ARG B 86 -6.84 -14.09 -16.14
CA ARG B 86 -7.95 -13.15 -16.11
C ARG B 86 -9.29 -13.87 -16.03
N GLU B 87 -9.38 -15.07 -16.60
CA GLU B 87 -10.60 -15.87 -16.53
C GLU B 87 -10.78 -16.54 -15.17
N THR B 88 -9.68 -16.97 -14.53
CA THR B 88 -9.77 -17.80 -13.34
C THR B 88 -9.93 -17.00 -12.05
N LEU B 89 -9.32 -15.83 -11.95
CA LEU B 89 -9.31 -15.03 -10.73
C LEU B 89 -9.94 -13.66 -10.95
N ASP B 90 -10.48 -13.10 -9.86
CA ASP B 90 -11.02 -11.75 -9.85
C ASP B 90 -9.93 -10.79 -9.38
N TRP B 91 -9.61 -9.81 -10.21
CA TRP B 91 -8.53 -8.88 -9.94
C TRP B 91 -9.11 -7.52 -9.54
N TYR B 92 -8.48 -6.87 -8.57
CA TYR B 92 -8.82 -5.47 -8.33
C TYR B 92 -8.16 -4.57 -9.36
N ASP B 93 -6.93 -4.89 -9.76
CA ASP B 93 -6.22 -4.17 -10.81
C ASP B 93 -5.64 -5.19 -11.77
N ASP B 94 -5.84 -4.97 -13.05
CA ASP B 94 -5.29 -5.86 -14.05
C ASP B 94 -3.75 -5.79 -14.02
N PHE B 95 -3.13 -6.87 -14.47
CA PHE B 95 -1.69 -6.89 -14.67
C PHE B 95 -1.36 -6.44 -16.09
N LYS B 96 -0.11 -6.03 -16.28
CA LYS B 96 0.43 -5.69 -17.59
C LYS B 96 1.40 -6.76 -18.07
N THR B 97 2.33 -7.16 -17.22
CA THR B 97 3.35 -8.14 -17.55
C THR B 97 2.91 -9.54 -17.15
N VAL B 98 3.11 -10.53 -18.02
CA VAL B 98 2.71 -11.88 -17.65
C VAL B 98 3.76 -12.51 -16.74
N ARG B 99 5.02 -12.52 -17.17
CA ARG B 99 6.06 -13.17 -16.38
C ARG B 99 7.37 -12.43 -16.54
N ALA B 100 8.26 -12.63 -15.59
CA ALA B 100 9.62 -12.10 -15.67
C ALA B 100 10.47 -12.79 -14.60
N GLY B 101 11.78 -12.55 -14.66
CA GLY B 101 12.67 -13.12 -13.67
C GLY B 101 12.97 -14.59 -13.95
N GLY B 102 13.74 -15.18 -13.06
CA GLY B 102 14.23 -16.51 -13.36
C GLY B 102 14.81 -17.21 -12.16
N PHE B 103 15.31 -18.42 -12.42
CA PHE B 103 15.90 -19.28 -11.40
C PHE B 103 17.18 -18.68 -10.83
N GLU B 104 18.03 -18.10 -11.69
CA GLU B 104 19.41 -17.83 -11.31
C GLU B 104 19.49 -16.96 -10.07
N HIS B 105 18.69 -15.90 -10.01
CA HIS B 105 18.72 -15.02 -8.85
C HIS B 105 17.48 -15.12 -7.99
N GLY B 106 16.52 -15.98 -8.34
CA GLY B 106 15.31 -16.06 -7.58
C GLY B 106 14.58 -14.73 -7.56
N ASP B 107 14.27 -14.19 -8.75
CA ASP B 107 13.40 -13.03 -8.88
C ASP B 107 12.16 -13.38 -9.72
N VAL B 108 11.59 -14.55 -9.52
CA VAL B 108 10.46 -14.98 -10.34
C VAL B 108 9.27 -14.05 -10.10
N GLN B 109 8.65 -13.62 -11.20
CA GLN B 109 7.50 -12.73 -11.15
C GLN B 109 6.42 -13.26 -12.09
N TRP B 110 5.16 -13.19 -11.65
CA TRP B 110 4.04 -13.50 -12.52
C TRP B 110 2.95 -12.46 -12.31
N PHE B 111 2.48 -11.86 -13.40
CA PHE B 111 1.41 -10.87 -13.34
C PHE B 111 1.74 -9.74 -12.37
N PRO B 112 2.97 -9.21 -12.37
CA PRO B 112 3.42 -8.42 -11.21
C PRO B 112 2.60 -7.18 -10.90
N GLU B 113 2.07 -6.48 -11.91
CA GLU B 113 1.35 -5.25 -11.62
C GLU B 113 -0.09 -5.47 -11.15
N GLY B 114 -0.62 -6.68 -11.32
CA GLY B 114 -1.98 -6.94 -10.86
C GLY B 114 -2.10 -6.88 -9.35
N THR B 115 -3.32 -6.65 -8.89
CA THR B 115 -3.66 -6.74 -7.47
C THR B 115 -4.92 -7.57 -7.30
N LEU B 116 -5.04 -8.21 -6.15
CA LEU B 116 -6.11 -9.17 -5.91
C LEU B 116 -6.09 -9.55 -4.44
N ASN B 117 -7.04 -10.38 -4.05
CA ASN B 117 -7.03 -10.92 -2.69
C ASN B 117 -7.50 -12.36 -2.72
N ALA B 118 -6.75 -13.24 -2.04
CA ALA B 118 -7.03 -14.67 -2.08
C ALA B 118 -8.33 -15.02 -1.37
N ALA B 119 -8.65 -14.31 -0.27
CA ALA B 119 -9.92 -14.50 0.40
C ALA B 119 -11.08 -14.05 -0.47
N TYR B 120 -10.89 -13.01 -1.27
CA TYR B 120 -11.96 -12.55 -2.17
C TYR B 120 -12.27 -13.61 -3.22
N ASN B 121 -11.23 -14.28 -3.71
CA ASN B 121 -11.42 -15.28 -4.76
C ASN B 121 -11.89 -16.62 -4.21
N CYS B 122 -11.62 -16.88 -2.94
CA CYS B 122 -12.00 -18.12 -2.32
C CYS B 122 -13.34 -18.05 -1.59
N LEU B 123 -13.77 -16.85 -1.20
CA LEU B 123 -15.00 -16.69 -0.44
C LEU B 123 -15.96 -15.70 -1.07
N ASP B 124 -15.60 -14.41 -1.04
CA ASP B 124 -16.51 -13.32 -1.35
C ASP B 124 -17.26 -13.55 -2.65
N ARG B 125 -16.53 -13.90 -3.72
CA ARG B 125 -17.16 -13.90 -5.04
C ARG B 125 -18.13 -15.06 -5.19
N HIS B 126 -17.86 -16.18 -4.49
CA HIS B 126 -18.78 -17.29 -4.51
C HIS B 126 -19.97 -17.02 -3.58
N TYR B 127 -19.71 -16.41 -2.43
CA TYR B 127 -20.79 -15.97 -1.55
C TYR B 127 -21.75 -15.05 -2.28
N TYR B 128 -21.22 -14.09 -3.06
CA TYR B 128 -22.07 -13.18 -3.82
C TYR B 128 -22.96 -13.91 -4.82
N LYS B 129 -22.48 -15.03 -5.36
CA LYS B 129 -23.22 -15.80 -6.36
C LYS B 129 -24.22 -16.75 -5.70
N ASN B 130 -23.77 -17.58 -4.76
CA ASN B 130 -24.64 -18.57 -4.12
C ASN B 130 -24.22 -18.72 -2.66
N PRO B 131 -24.78 -17.90 -1.78
CA PRO B 131 -24.33 -17.90 -0.38
C PRO B 131 -24.60 -19.19 0.35
N LYS B 132 -25.64 -19.92 -0.02
CA LYS B 132 -25.99 -21.13 0.69
C LYS B 132 -25.30 -22.37 0.14
N LYS B 133 -24.57 -22.25 -0.97
CA LYS B 133 -23.79 -23.38 -1.46
C LYS B 133 -22.81 -23.84 -0.37
N THR B 134 -22.59 -25.15 -0.28
CA THR B 134 -21.68 -25.68 0.73
C THR B 134 -20.22 -25.37 0.36
N ALA B 135 -19.51 -24.68 1.26
CA ALA B 135 -18.07 -24.47 1.11
C ALA B 135 -17.27 -25.63 1.67
N ILE B 136 -17.61 -26.09 2.88
CA ILE B 136 -16.89 -27.17 3.54
C ILE B 136 -17.89 -28.23 3.98
N ILE B 137 -17.64 -29.45 3.56
CA ILE B 137 -18.16 -30.63 4.25
C ILE B 137 -17.21 -30.89 5.42
N TYR B 138 -17.68 -30.65 6.64
CA TYR B 138 -16.84 -30.80 7.83
C TYR B 138 -17.11 -32.18 8.39
N GLU B 139 -16.16 -33.10 8.21
CA GLU B 139 -16.33 -34.46 8.71
C GLU B 139 -15.60 -34.56 10.05
N ALA B 140 -16.35 -34.35 11.12
CA ALA B 140 -15.82 -34.39 12.47
C ALA B 140 -15.20 -35.75 12.80
N ASP B 141 -14.37 -35.77 13.84
CA ASP B 141 -13.79 -37.03 14.28
C ASP B 141 -14.88 -38.07 14.56
N GLU B 142 -15.96 -37.65 15.30
CA GLU B 142 -17.16 -38.46 15.46
C GLU B 142 -18.11 -38.24 14.29
N PRO B 143 -18.52 -39.31 13.61
CA PRO B 143 -19.30 -39.13 12.37
C PRO B 143 -20.57 -38.33 12.56
N SER B 144 -21.19 -38.42 13.74
CA SER B 144 -22.49 -37.79 13.93
C SER B 144 -22.38 -36.27 14.01
N GLU B 145 -21.19 -35.73 14.16
CA GLU B 145 -21.00 -34.30 14.33
C GLU B 145 -20.61 -33.60 13.04
N SER B 146 -20.54 -34.33 11.95
CA SER B 146 -20.25 -33.74 10.65
C SER B 146 -21.42 -32.89 10.18
N ARG B 147 -21.11 -31.86 9.41
CA ARG B 147 -22.14 -30.97 8.91
C ARG B 147 -21.57 -30.19 7.72
N GLU B 148 -22.44 -29.53 6.98
CA GLU B 148 -22.03 -28.71 5.86
C GLU B 148 -21.93 -27.25 6.29
N VAL B 149 -20.84 -26.59 5.91
CA VAL B 149 -20.61 -25.18 6.21
C VAL B 149 -20.76 -24.41 4.91
N SER B 150 -21.67 -23.44 4.89
CA SER B 150 -21.93 -22.71 3.66
C SER B 150 -20.80 -21.72 3.35
N TYR B 151 -20.78 -21.25 2.11
CA TYR B 151 -19.90 -20.13 1.79
C TYR B 151 -20.24 -18.93 2.65
N GLU B 152 -21.53 -18.72 2.95
CA GLU B 152 -21.91 -17.61 3.80
C GLU B 152 -21.32 -17.75 5.21
N GLU B 153 -21.50 -18.92 5.84
CA GLU B 153 -20.96 -19.10 7.19
C GLU B 153 -19.44 -19.01 7.20
N LEU B 154 -18.77 -19.62 6.24
CA LEU B 154 -17.31 -19.60 6.24
C LEU B 154 -16.80 -18.17 6.06
N MET B 155 -17.43 -17.41 5.17
CA MET B 155 -17.00 -16.03 4.97
C MET B 155 -17.22 -15.20 6.22
N GLN B 156 -18.35 -15.40 6.90
CA GLN B 156 -18.61 -14.65 8.12
C GLN B 156 -17.55 -14.92 9.18
N GLU B 157 -17.25 -16.21 9.39
N GLU B 157 -17.22 -16.20 9.39
CA GLU B 157 -16.22 -16.61 10.34
CA GLU B 157 -16.21 -16.52 10.40
C GLU B 157 -14.86 -16.07 9.94
C GLU B 157 -14.82 -16.10 9.94
N THR B 158 -14.55 -16.11 8.65
CA THR B 158 -13.27 -15.57 8.17
C THR B 158 -13.17 -14.08 8.48
N CYS B 159 -14.24 -13.33 8.20
CA CYS B 159 -14.24 -11.89 8.46
C CYS B 159 -14.16 -11.59 9.96
N ARG B 160 -14.86 -12.36 10.80
CA ARG B 160 -14.74 -12.11 12.23
C ARG B 160 -13.31 -12.27 12.70
N VAL B 161 -12.64 -13.35 12.27
CA VAL B 161 -11.26 -13.58 12.68
C VAL B 161 -10.34 -12.51 12.11
N ALA B 162 -10.63 -12.07 10.88
CA ALA B 162 -9.84 -11.01 10.27
C ALA B 162 -9.91 -9.74 11.12
N ASN B 163 -11.12 -9.38 11.59
CA ASN B 163 -11.29 -8.21 12.43
C ASN B 163 -10.58 -8.37 13.76
N VAL B 164 -10.63 -9.56 14.36
CA VAL B 164 -9.86 -9.81 15.58
C VAL B 164 -8.37 -9.54 15.32
N LEU B 165 -7.82 -10.12 14.26
CA LEU B 165 -6.42 -9.95 13.93
C LEU B 165 -6.07 -8.47 13.76
N LYS B 166 -6.91 -7.71 13.05
CA LYS B 166 -6.62 -6.29 12.88
C LYS B 166 -6.64 -5.57 14.23
N SER B 167 -7.52 -6.01 15.14
CA SER B 167 -7.58 -5.40 16.47
C SER B 167 -6.35 -5.71 17.29
N TYR B 168 -5.64 -6.80 16.99
CA TYR B 168 -4.36 -7.09 17.61
C TYR B 168 -3.21 -6.29 17.00
N GLY B 169 -3.48 -5.50 15.96
CA GLY B 169 -2.41 -4.76 15.30
C GLY B 169 -1.69 -5.53 14.21
N VAL B 170 -2.24 -6.67 13.78
CA VAL B 170 -1.67 -7.40 12.65
C VAL B 170 -1.79 -6.54 11.40
N LYS B 171 -0.66 -6.29 10.74
CA LYS B 171 -0.61 -5.46 9.55
C LYS B 171 -0.26 -6.30 8.32
N LYS B 172 -0.55 -5.75 7.16
CA LYS B 172 -0.17 -6.38 5.90
C LYS B 172 1.31 -6.77 5.95
N GLY B 173 1.61 -8.02 5.59
CA GLY B 173 2.97 -8.49 5.58
C GLY B 173 3.50 -9.04 6.89
N ASP B 174 2.70 -8.98 7.98
CA ASP B 174 3.07 -9.58 9.25
C ASP B 174 2.82 -11.09 9.22
N ALA B 175 3.70 -11.85 9.83
CA ALA B 175 3.52 -13.28 9.93
C ALA B 175 2.58 -13.61 11.09
N VAL B 176 1.75 -14.64 10.90
CA VAL B 176 0.83 -15.16 11.92
C VAL B 176 0.93 -16.68 11.92
N SER B 177 1.28 -17.25 13.07
CA SER B 177 1.42 -18.70 13.16
C SER B 177 0.08 -19.35 13.45
N ILE B 178 -0.15 -20.51 12.85
CA ILE B 178 -1.40 -21.24 12.98
C ILE B 178 -1.06 -22.65 13.41
N TYR B 179 -1.60 -23.09 14.54
CA TYR B 179 -1.38 -24.43 15.07
C TYR B 179 -2.75 -25.05 15.35
N LEU B 180 -3.45 -25.45 14.28
CA LEU B 180 -4.83 -25.90 14.37
C LEU B 180 -4.98 -27.31 13.80
N PRO B 181 -5.83 -28.14 14.40
CA PRO B 181 -6.15 -29.44 13.83
C PRO B 181 -7.23 -29.29 12.78
N MET B 182 -7.63 -30.42 12.21
CA MET B 182 -8.53 -30.46 11.06
C MET B 182 -9.99 -30.19 11.42
N THR B 183 -10.26 -29.09 12.09
CA THR B 183 -11.63 -28.59 12.20
C THR B 183 -11.83 -27.53 11.12
N TRP B 184 -13.09 -27.34 10.72
CA TRP B 184 -13.33 -26.51 9.54
C TRP B 184 -12.83 -25.08 9.73
N GLN B 185 -12.73 -24.61 10.97
CA GLN B 185 -12.33 -23.23 11.20
C GLN B 185 -10.88 -22.99 10.82
N ALA B 186 -10.10 -24.05 10.62
CA ALA B 186 -8.74 -23.87 10.13
C ALA B 186 -8.74 -23.14 8.80
N ALA B 187 -9.75 -23.43 7.95
CA ALA B 187 -9.88 -22.71 6.69
C ALA B 187 -10.13 -21.22 6.94
N ALA B 188 -11.02 -20.91 7.88
CA ALA B 188 -11.27 -19.50 8.22
C ALA B 188 -10.02 -18.82 8.73
N ALA B 189 -9.17 -19.54 9.47
CA ALA B 189 -7.93 -18.95 9.98
C ALA B 189 -6.95 -18.59 8.85
N PHE B 190 -6.72 -19.52 7.90
CA PHE B 190 -5.87 -19.20 6.74
C PHE B 190 -6.40 -17.99 5.98
N LEU B 191 -7.68 -18.05 5.60
CA LEU B 191 -8.25 -17.00 4.79
C LEU B 191 -8.38 -15.67 5.54
N ALA B 192 -8.45 -15.69 6.87
CA ALA B 192 -8.46 -14.41 7.60
C ALA B 192 -7.11 -13.71 7.46
N CYS B 193 -6.03 -14.48 7.52
CA CYS B 193 -4.70 -13.94 7.27
C CYS B 193 -4.58 -13.45 5.84
N ALA B 194 -5.02 -14.27 4.88
CA ALA B 194 -5.00 -13.85 3.48
C ALA B 194 -5.84 -12.59 3.27
N ARG B 195 -6.97 -12.48 3.97
CA ARG B 195 -7.87 -11.36 3.74
C ARG B 195 -7.24 -10.03 4.11
N ILE B 196 -6.41 -10.02 5.16
CA ILE B 196 -5.79 -8.77 5.59
C ILE B 196 -4.35 -8.65 5.11
N GLY B 197 -3.88 -9.61 4.31
CA GLY B 197 -2.51 -9.50 3.83
C GLY B 197 -1.47 -9.95 4.82
N ALA B 198 -1.87 -10.60 5.91
CA ALA B 198 -0.91 -11.23 6.78
C ALA B 198 -0.41 -12.51 6.12
N ILE B 199 0.73 -12.98 6.58
CA ILE B 199 1.37 -14.16 6.05
C ILE B 199 1.16 -15.28 7.05
N HIS B 200 0.32 -16.26 6.72
CA HIS B 200 0.09 -17.31 7.68
C HIS B 200 1.20 -18.36 7.57
N SER B 201 1.54 -18.95 8.71
CA SER B 201 2.56 -19.99 8.82
C SER B 201 1.95 -21.14 9.62
N ALA B 202 1.38 -22.13 8.92
CA ALA B 202 0.67 -23.20 9.59
C ALA B 202 1.62 -24.30 10.04
N VAL B 203 1.41 -24.79 11.26
CA VAL B 203 2.23 -25.84 11.86
C VAL B 203 1.30 -27.02 12.15
N PHE B 204 1.62 -28.17 11.57
CA PHE B 204 0.83 -29.38 11.76
C PHE B 204 0.53 -29.58 13.23
N ALA B 205 -0.76 -29.71 13.56
N ALA B 205 -0.74 -29.84 13.55
CA ALA B 205 -1.18 -29.95 14.92
CA ALA B 205 -1.20 -29.89 14.94
C ALA B 205 -0.73 -31.34 15.36
C ALA B 205 -0.59 -31.03 15.76
N GLY B 206 0.04 -31.39 16.43
N GLY B 206 0.18 -31.92 15.15
CA GLY B 206 0.72 -32.61 16.82
CA GLY B 206 0.81 -32.98 15.91
C GLY B 206 2.23 -32.55 16.70
C GLY B 206 2.23 -32.70 16.36
N PHE B 207 2.77 -31.54 16.00
CA PHE B 207 4.19 -31.27 16.17
C PHE B 207 4.52 -31.00 17.63
N SER B 208 5.71 -31.43 18.05
CA SER B 208 6.14 -31.23 19.43
C SER B 208 6.30 -29.76 19.74
N ALA B 209 6.34 -29.45 21.05
CA ALA B 209 6.57 -28.08 21.49
C ALA B 209 7.86 -27.52 20.92
N GLU B 210 8.90 -28.35 20.81
CA GLU B 210 10.17 -27.90 20.25
C GLU B 210 10.03 -27.57 18.77
N SER B 211 9.32 -28.41 18.00
CA SER B 211 9.14 -28.12 16.59
C SER B 211 8.27 -26.88 16.39
N LEU B 212 7.22 -26.73 17.19
CA LEU B 212 6.39 -25.54 17.10
C LEU B 212 7.18 -24.29 17.44
N ARG B 213 7.99 -24.36 18.51
CA ARG B 213 8.79 -23.22 18.92
C ARG B 213 9.72 -22.76 17.81
N ASP B 214 10.39 -23.71 17.15
CA ASP B 214 11.35 -23.36 16.11
C ASP B 214 10.69 -22.68 14.91
N ARG B 215 9.48 -23.11 14.55
CA ARG B 215 8.75 -22.48 13.44
C ARG B 215 8.18 -21.12 13.84
N VAL B 216 7.57 -21.04 15.02
CA VAL B 216 7.07 -19.76 15.53
C VAL B 216 8.20 -18.73 15.62
N ASN B 217 9.38 -19.15 16.08
CA ASN B 217 10.48 -18.21 16.21
C ASN B 217 11.03 -17.80 14.86
N ASP B 218 11.10 -18.73 13.90
CA ASP B 218 11.76 -18.40 12.64
C ASP B 218 10.95 -17.39 11.84
N CYS B 219 9.62 -17.48 11.89
CA CYS B 219 8.79 -16.53 11.15
C CYS B 219 8.57 -15.23 11.90
N GLU B 220 8.97 -15.15 13.17
CA GLU B 220 8.89 -13.94 13.98
C GLU B 220 7.46 -13.43 14.13
N CYS B 221 6.48 -14.33 14.10
CA CYS B 221 5.09 -13.92 14.28
C CYS B 221 4.87 -13.38 15.69
N LYS B 222 3.96 -12.41 15.79
CA LYS B 222 3.58 -11.89 17.09
C LYS B 222 2.24 -12.43 17.56
N VAL B 223 1.52 -13.15 16.69
CA VAL B 223 0.21 -13.70 16.99
C VAL B 223 0.22 -15.18 16.61
N LEU B 224 -0.46 -16.00 17.41
CA LEU B 224 -0.60 -17.43 17.17
C LEU B 224 -2.06 -17.82 17.33
N ILE B 225 -2.55 -18.66 16.42
CA ILE B 225 -3.92 -19.16 16.45
C ILE B 225 -3.85 -20.65 16.73
N THR B 226 -4.61 -21.13 17.71
CA THR B 226 -4.62 -22.56 18.04
C THR B 226 -5.97 -22.95 18.64
N THR B 227 -6.07 -24.21 19.08
CA THR B 227 -7.25 -24.76 19.73
C THR B 227 -6.94 -25.08 21.19
N ASP B 228 -8.00 -25.25 21.99
CA ASP B 228 -7.81 -25.83 23.31
C ASP B 228 -7.26 -27.24 23.18
N GLU B 229 -7.95 -28.10 22.41
CA GLU B 229 -7.47 -29.44 22.12
C GLU B 229 -7.85 -29.77 20.68
N GLY B 230 -7.20 -30.79 20.14
CA GLY B 230 -7.68 -31.43 18.93
C GLY B 230 -8.25 -32.83 19.20
N ARG B 231 -9.04 -33.35 18.27
N ARG B 231 -9.04 -33.35 18.26
CA ARG B 231 -9.57 -34.71 18.36
CA ARG B 231 -9.58 -34.70 18.33
C ARG B 231 -9.28 -35.44 17.06
C ARG B 231 -9.26 -35.43 17.04
N ARG B 232 -8.64 -36.60 17.15
CA ARG B 232 -8.26 -37.33 15.95
C ARG B 232 -8.17 -38.81 16.25
N GLY B 233 -8.97 -39.61 15.56
CA GLY B 233 -9.02 -41.02 15.85
C GLY B 233 -9.47 -41.32 17.26
N GLY B 234 -10.31 -40.46 17.83
CA GLY B 234 -10.76 -40.71 19.18
C GLY B 234 -9.75 -40.37 20.24
N LYS B 235 -8.62 -39.76 19.88
CA LYS B 235 -7.64 -39.36 20.87
C LYS B 235 -7.61 -37.83 20.97
N THR B 236 -7.15 -37.36 22.12
CA THR B 236 -7.03 -35.93 22.35
C THR B 236 -5.60 -35.45 22.06
N ILE B 237 -5.49 -34.40 21.27
CA ILE B 237 -4.23 -33.71 21.01
C ILE B 237 -4.20 -32.47 21.89
N ALA B 238 -3.32 -32.46 22.90
CA ALA B 238 -3.27 -31.37 23.87
C ALA B 238 -2.57 -30.14 23.29
N THR B 239 -3.22 -29.54 22.29
CA THR B 239 -2.62 -28.43 21.56
C THR B 239 -2.29 -27.26 22.49
N LYS B 240 -3.22 -26.85 23.35
CA LYS B 240 -2.95 -25.69 24.20
C LYS B 240 -1.83 -25.97 25.20
N GLN B 241 -1.75 -27.21 25.71
CA GLN B 241 -0.64 -27.56 26.58
C GLN B 241 0.69 -27.47 25.85
N ILE B 242 0.73 -27.95 24.61
CA ILE B 242 1.95 -27.89 23.81
C ILE B 242 2.30 -26.45 23.50
N VAL B 243 1.30 -25.67 23.10
CA VAL B 243 1.49 -24.24 22.84
C VAL B 243 2.14 -23.55 24.03
N ASP B 244 1.64 -23.83 25.23
CA ASP B 244 2.18 -23.19 26.44
C ASP B 244 3.64 -23.53 26.63
N ALA B 245 4.01 -24.80 26.44
CA ALA B 245 5.41 -25.19 26.55
C ALA B 245 6.26 -24.51 25.49
N ALA B 246 5.78 -24.47 24.25
CA ALA B 246 6.52 -23.81 23.17
C ALA B 246 6.73 -22.34 23.47
N LEU B 247 5.65 -21.64 23.87
CA LEU B 247 5.70 -20.18 23.98
C LEU B 247 6.62 -19.69 25.09
N GLN B 248 6.98 -20.56 26.04
CA GLN B 248 7.98 -20.15 27.03
C GLN B 248 9.33 -19.84 26.40
N GLN B 249 9.54 -20.23 25.13
CA GLN B 249 10.78 -19.91 24.43
C GLN B 249 10.53 -19.14 23.14
N CYS B 250 9.39 -18.44 23.03
CA CYS B 250 9.07 -17.60 21.87
C CYS B 250 8.83 -16.19 22.34
N PRO B 251 9.89 -15.35 22.42
CA PRO B 251 9.75 -14.03 23.06
C PRO B 251 8.83 -13.05 22.33
N LEU B 252 8.56 -13.27 21.05
CA LEU B 252 7.84 -12.28 20.25
C LEU B 252 6.33 -12.46 20.25
N VAL B 253 5.82 -13.61 20.69
CA VAL B 253 4.38 -13.86 20.62
C VAL B 253 3.69 -13.05 21.71
N GLU B 254 2.81 -12.15 21.31
CA GLU B 254 2.07 -11.30 22.24
C GLU B 254 0.62 -11.71 22.40
N ASN B 255 -0.01 -12.28 21.37
CA ASN B 255 -1.42 -12.64 21.42
C ASN B 255 -1.62 -14.06 20.92
N VAL B 256 -2.49 -14.81 21.61
CA VAL B 256 -2.87 -16.17 21.23
C VAL B 256 -4.40 -16.23 21.16
N LEU B 257 -4.91 -16.66 20.01
CA LEU B 257 -6.34 -16.82 19.79
C LEU B 257 -6.69 -18.31 19.86
N VAL B 258 -7.58 -18.68 20.79
CA VAL B 258 -7.77 -20.08 21.16
C VAL B 258 -9.19 -20.52 20.80
N LEU B 259 -9.30 -21.45 19.85
CA LEU B 259 -10.59 -21.96 19.42
C LEU B 259 -11.07 -23.05 20.39
N ARG B 260 -12.32 -22.92 20.83
CA ARG B 260 -12.88 -23.83 21.84
C ARG B 260 -13.40 -25.08 21.14
N ARG B 261 -12.48 -25.97 20.76
CA ARG B 261 -12.85 -27.16 20.00
C ARG B 261 -13.51 -28.22 20.88
N THR B 262 -12.91 -28.53 22.03
CA THR B 262 -13.45 -29.59 22.88
C THR B 262 -14.20 -29.09 24.10
N GLY B 263 -13.86 -27.92 24.61
CA GLY B 263 -14.46 -27.45 25.85
C GLY B 263 -13.85 -28.01 27.12
N ASN B 264 -12.88 -28.92 27.03
CA ASN B 264 -12.20 -29.38 28.23
C ASN B 264 -11.32 -28.27 28.81
N LYS B 265 -11.09 -28.33 30.11
CA LYS B 265 -10.35 -27.25 30.77
C LYS B 265 -8.91 -27.23 30.30
N VAL B 266 -8.42 -26.05 29.91
CA VAL B 266 -7.03 -25.87 29.52
C VAL B 266 -6.50 -24.59 30.12
N PRO B 267 -5.19 -24.51 30.34
CA PRO B 267 -4.60 -23.26 30.82
C PRO B 267 -4.89 -22.12 29.86
N MET B 268 -5.17 -20.94 30.42
CA MET B 268 -5.31 -19.71 29.66
C MET B 268 -4.54 -18.62 30.41
N THR B 269 -3.55 -18.04 29.75
CA THR B 269 -2.76 -16.96 30.32
C THR B 269 -3.50 -15.64 30.18
N GLU B 270 -3.68 -14.94 31.29
CA GLU B 270 -4.41 -13.67 31.27
C GLU B 270 -3.65 -12.64 30.43
N GLY B 271 -4.40 -11.91 29.62
CA GLY B 271 -3.79 -10.94 28.72
C GLY B 271 -3.39 -11.56 27.41
N ARG B 272 -2.49 -12.54 27.46
CA ARG B 272 -1.93 -13.11 26.24
C ARG B 272 -2.97 -13.91 25.47
N ASP B 273 -3.78 -14.70 26.17
CA ASP B 273 -4.64 -15.72 25.59
C ASP B 273 -6.10 -15.27 25.61
N LYS B 274 -6.77 -15.38 24.47
CA LYS B 274 -8.16 -14.99 24.36
C LYS B 274 -8.93 -16.08 23.64
N TRP B 275 -10.21 -16.22 23.98
CA TRP B 275 -11.06 -17.22 23.35
C TRP B 275 -11.60 -16.73 22.02
N TRP B 276 -11.61 -17.63 21.04
CA TRP B 276 -11.94 -17.28 19.67
C TRP B 276 -13.41 -16.84 19.57
N ASP B 277 -14.30 -17.57 20.24
CA ASP B 277 -15.71 -17.23 20.15
C ASP B 277 -16.03 -15.95 20.90
N GLU B 278 -15.28 -15.64 21.96
CA GLU B 278 -15.48 -14.38 22.66
C GLU B 278 -14.93 -13.20 21.88
N GLU B 279 -13.74 -13.35 21.30
CA GLU B 279 -13.16 -12.27 20.48
C GLU B 279 -14.02 -11.99 19.26
N CYS B 280 -14.45 -13.06 18.57
CA CYS B 280 -15.22 -12.89 17.34
C CYS B 280 -16.61 -12.31 17.61
N ALA B 281 -17.20 -12.63 18.77
CA ALA B 281 -18.50 -12.05 19.12
C ALA B 281 -18.46 -10.53 19.19
N LYS B 282 -17.28 -9.93 19.38
CA LYS B 282 -17.16 -8.47 19.44
C LYS B 282 -17.09 -7.80 18.08
N MET B 283 -16.85 -8.57 17.02
CA MET B 283 -16.46 -8.06 15.71
C MET B 283 -17.60 -8.18 14.69
N PRO B 284 -17.64 -7.30 13.68
CA PRO B 284 -18.65 -7.46 12.62
C PRO B 284 -18.36 -8.72 11.81
N ALA B 285 -19.38 -9.21 11.12
CA ALA B 285 -19.23 -10.40 10.30
C ALA B 285 -18.86 -10.09 8.85
N TYR B 286 -18.48 -8.85 8.57
CA TYR B 286 -17.80 -8.48 7.33
C TYR B 286 -16.57 -7.64 7.65
N CYS B 287 -15.54 -7.79 6.81
CA CYS B 287 -14.24 -7.10 6.88
C CYS B 287 -13.79 -6.87 5.44
N PRO B 288 -13.32 -5.67 5.10
CA PRO B 288 -12.85 -5.41 3.74
C PRO B 288 -11.60 -6.21 3.42
N CYS B 289 -11.33 -6.39 2.12
CA CYS B 289 -10.18 -7.17 1.68
C CYS B 289 -9.02 -6.25 1.41
N GLU B 290 -7.84 -6.64 1.86
CA GLU B 290 -6.62 -5.89 1.55
C GLU B 290 -6.20 -6.15 0.10
N ARG B 291 -5.94 -5.10 -0.66
CA ARG B 291 -5.61 -5.26 -2.06
C ARG B 291 -4.13 -5.63 -2.15
N MET B 292 -3.85 -6.87 -2.49
CA MET B 292 -2.49 -7.41 -2.48
C MET B 292 -1.90 -7.36 -3.88
N ALA B 293 -0.61 -7.04 -3.96
CA ALA B 293 0.12 -7.25 -5.20
C ALA B 293 0.23 -8.73 -5.49
N SER B 294 0.31 -9.08 -6.77
CA SER B 294 0.48 -10.47 -7.18
CA SER B 294 0.47 -10.47 -7.17
C SER B 294 1.62 -11.15 -6.42
N GLU B 295 2.72 -10.43 -6.21
CA GLU B 295 3.92 -11.02 -5.61
C GLU B 295 4.02 -10.82 -4.09
N ASP B 296 3.06 -10.18 -3.45
CA ASP B 296 3.06 -10.16 -2.00
C ASP B 296 3.04 -11.59 -1.47
N PRO B 297 3.77 -11.88 -0.40
CA PRO B 297 3.78 -13.25 0.13
C PRO B 297 2.41 -13.63 0.67
N LEU B 298 1.98 -14.83 0.34
CA LEU B 298 0.75 -15.38 0.86
C LEU B 298 0.96 -16.20 2.13
N PHE B 299 1.90 -17.14 2.12
CA PHE B 299 2.13 -17.93 3.31
C PHE B 299 3.55 -18.46 3.30
N ILE B 300 4.03 -18.75 4.51
CA ILE B 300 5.22 -19.56 4.77
C ILE B 300 4.76 -20.95 5.17
N LEU B 301 5.35 -21.98 4.58
CA LEU B 301 5.13 -23.34 5.06
C LEU B 301 6.48 -23.99 5.29
N TYR B 302 6.75 -24.35 6.54
CA TYR B 302 8.00 -25.01 6.90
C TYR B 302 7.94 -26.49 6.54
N THR B 303 8.99 -26.97 5.90
CA THR B 303 9.21 -28.39 5.70
C THR B 303 10.37 -28.85 6.58
N SER B 304 10.27 -30.08 7.10
CA SER B 304 11.32 -30.63 7.95
C SER B 304 12.55 -31.05 7.14
N LYS B 309 17.55 -27.77 9.73
CA LYS B 309 16.89 -26.48 9.97
C LYS B 309 15.51 -26.46 9.32
N PRO B 310 14.55 -25.76 9.94
CA PRO B 310 13.20 -25.67 9.36
C PRO B 310 13.23 -24.72 8.17
N LYS B 311 12.85 -25.23 7.01
CA LYS B 311 12.88 -24.48 5.76
C LYS B 311 11.52 -23.85 5.53
N GLY B 312 11.44 -22.53 5.66
CA GLY B 312 10.17 -21.85 5.48
C GLY B 312 9.90 -21.51 4.03
N VAL B 313 9.18 -22.38 3.33
CA VAL B 313 8.91 -22.16 1.92
C VAL B 313 7.89 -21.05 1.76
N VAL B 314 8.22 -20.04 0.95
CA VAL B 314 7.38 -18.86 0.76
C VAL B 314 6.68 -18.96 -0.60
N HIS B 315 5.36 -18.86 -0.60
CA HIS B 315 4.59 -18.72 -1.83
C HIS B 315 4.01 -17.32 -1.89
N SER B 316 3.97 -16.73 -3.10
CA SER B 316 3.27 -15.46 -3.28
C SER B 316 1.80 -15.75 -3.59
N THR B 317 1.08 -14.75 -4.08
CA THR B 317 -0.38 -14.74 -4.08
C THR B 317 -0.97 -15.19 -5.43
N ALA B 318 -0.75 -14.42 -6.50
CA ALA B 318 -1.52 -14.67 -7.73
C ALA B 318 -1.11 -15.97 -8.39
N GLY B 319 0.19 -16.20 -8.56
CA GLY B 319 0.63 -17.35 -9.32
C GLY B 319 0.34 -18.65 -8.60
N TYR B 320 0.51 -18.64 -7.27
CA TYR B 320 0.13 -19.79 -6.46
C TYR B 320 -1.37 -20.07 -6.57
N LEU B 321 -2.19 -19.03 -6.39
CA LEU B 321 -3.63 -19.22 -6.44
C LEU B 321 -4.08 -19.69 -7.82
N LEU B 322 -3.51 -19.09 -8.88
CA LEU B 322 -3.82 -19.55 -10.23
C LEU B 322 -3.40 -20.99 -10.43
N GLY B 323 -2.21 -21.35 -9.95
CA GLY B 323 -1.73 -22.72 -10.11
C GLY B 323 -2.62 -23.74 -9.41
N THR B 324 -3.01 -23.47 -8.17
CA THR B 324 -3.87 -24.43 -7.47
C THR B 324 -5.25 -24.49 -8.11
N ALA B 325 -5.76 -23.34 -8.58
CA ALA B 325 -7.08 -23.32 -9.21
C ALA B 325 -7.08 -24.12 -10.51
N LEU B 326 -6.06 -23.93 -11.35
CA LEU B 326 -6.01 -24.65 -12.63
C LEU B 326 -5.79 -26.14 -12.41
N THR B 327 -4.86 -26.51 -11.54
CA THR B 327 -4.57 -27.94 -11.32
C THR B 327 -5.79 -28.65 -10.75
N LEU B 328 -6.48 -28.03 -9.78
CA LEU B 328 -7.70 -28.64 -9.27
C LEU B 328 -8.73 -28.83 -10.38
N LYS B 329 -8.92 -27.79 -11.21
N LYS B 329 -8.91 -27.79 -11.21
CA LYS B 329 -9.91 -27.87 -12.27
CA LYS B 329 -9.92 -27.88 -12.26
C LYS B 329 -9.57 -28.98 -13.26
C LYS B 329 -9.58 -28.96 -13.29
N TYR B 330 -8.31 -29.05 -13.70
CA TYR B 330 -7.95 -29.94 -14.79
C TYR B 330 -7.49 -31.32 -14.33
N VAL B 331 -6.68 -31.43 -13.28
CA VAL B 331 -6.20 -32.75 -12.90
C VAL B 331 -7.33 -33.58 -12.28
N PHE B 332 -8.28 -32.92 -11.62
CA PHE B 332 -9.39 -33.62 -10.98
C PHE B 332 -10.71 -33.46 -11.72
N ASP B 333 -10.67 -32.82 -12.89
CA ASP B 333 -11.85 -32.51 -13.71
C ASP B 333 -13.01 -32.02 -12.87
N ALA B 334 -12.75 -30.96 -12.12
CA ALA B 334 -13.75 -30.41 -11.21
C ALA B 334 -14.78 -29.62 -11.99
N HIS B 335 -16.05 -29.85 -11.68
CA HIS B 335 -17.12 -29.10 -12.31
C HIS B 335 -17.92 -28.39 -11.22
N PRO B 336 -18.82 -27.46 -11.58
CA PRO B 336 -19.35 -26.53 -10.55
C PRO B 336 -19.95 -27.19 -9.32
N ASP B 337 -20.62 -28.34 -9.46
CA ASP B 337 -21.31 -28.96 -8.35
C ASP B 337 -20.51 -30.07 -7.69
N ASP B 338 -19.23 -30.17 -7.99
CA ASP B 338 -18.49 -31.29 -7.44
C ASP B 338 -18.27 -31.13 -5.94
N ARG B 339 -18.01 -32.25 -5.29
N ARG B 339 -18.00 -32.26 -5.30
CA ARG B 339 -17.74 -32.28 -3.85
CA ARG B 339 -17.75 -32.30 -3.85
C ARG B 339 -16.40 -32.99 -3.66
C ARG B 339 -16.40 -32.99 -3.66
N PHE B 340 -15.35 -32.19 -3.53
CA PHE B 340 -13.97 -32.66 -3.63
C PHE B 340 -13.45 -33.04 -2.25
N ALA B 341 -13.03 -34.31 -2.11
CA ALA B 341 -12.62 -34.90 -0.83
C ALA B 341 -11.12 -35.16 -0.85
N CYS B 342 -10.32 -34.16 -0.46
CA CYS B 342 -8.91 -34.34 -0.16
C CYS B 342 -8.78 -34.65 1.33
N MET B 343 -8.23 -35.82 1.65
CA MET B 343 -8.20 -36.33 3.01
C MET B 343 -6.88 -36.02 3.71
N ALA B 344 -6.17 -34.99 3.27
CA ALA B 344 -4.87 -34.66 3.84
C ALA B 344 -5.06 -33.76 5.05
N ASP B 345 -3.97 -33.20 5.56
CA ASP B 345 -4.00 -32.27 6.67
C ASP B 345 -3.62 -30.88 6.18
N ILE B 346 -4.23 -29.84 6.77
CA ILE B 346 -3.91 -28.48 6.36
C ILE B 346 -2.51 -28.07 6.78
N GLY B 347 -1.89 -28.79 7.73
CA GLY B 347 -0.50 -28.53 8.06
C GLY B 347 0.50 -28.85 6.97
N TRP B 348 0.02 -29.41 5.86
N TRP B 348 0.05 -29.46 5.88
CA TRP B 348 0.82 -29.92 4.76
CA TRP B 348 0.94 -29.82 4.79
C TRP B 348 0.48 -29.12 3.51
C TRP B 348 0.50 -29.12 3.52
N ILE B 349 1.40 -29.10 2.54
CA ILE B 349 1.12 -28.35 1.32
C ILE B 349 -0.11 -28.91 0.61
N THR B 350 -0.30 -30.23 0.68
CA THR B 350 -1.47 -30.84 0.05
C THR B 350 -2.75 -30.22 0.58
N GLY B 351 -2.81 -29.97 1.88
CA GLY B 351 -3.98 -29.32 2.46
C GLY B 351 -4.09 -27.87 2.07
N HIS B 352 -2.95 -27.16 2.03
CA HIS B 352 -2.97 -25.78 1.55
C HIS B 352 -3.61 -25.71 0.17
N SER B 353 -3.13 -26.53 -0.76
CA SER B 353 -3.48 -26.35 -2.17
C SER B 353 -4.78 -27.05 -2.54
N TYR B 354 -5.07 -28.23 -1.97
CA TYR B 354 -6.19 -29.03 -2.44
C TYR B 354 -7.22 -29.34 -1.36
N ILE B 355 -7.10 -28.75 -0.17
CA ILE B 355 -8.25 -28.59 0.70
C ILE B 355 -8.78 -27.16 0.65
N ILE B 356 -7.90 -26.18 0.87
CA ILE B 356 -8.34 -24.80 0.98
C ILE B 356 -8.28 -24.04 -0.35
N TYR B 357 -7.07 -23.71 -0.84
CA TYR B 357 -6.99 -22.64 -1.86
C TYR B 357 -7.59 -23.09 -3.19
N GLY B 358 -7.21 -24.26 -3.70
CA GLY B 358 -7.69 -24.69 -4.99
C GLY B 358 -9.20 -24.95 -5.10
N PRO B 359 -9.75 -25.74 -4.18
CA PRO B 359 -11.20 -26.00 -4.27
C PRO B 359 -12.05 -24.76 -4.02
N LEU B 360 -11.71 -23.96 -3.01
CA LEU B 360 -12.52 -22.78 -2.75
C LEU B 360 -12.32 -21.72 -3.81
N ALA B 361 -11.14 -21.64 -4.43
CA ALA B 361 -10.99 -20.66 -5.51
C ALA B 361 -11.90 -21.02 -6.68
N ASN B 362 -12.19 -22.30 -6.86
CA ASN B 362 -13.07 -22.77 -7.91
C ASN B 362 -14.54 -22.70 -7.52
N GLY B 363 -14.86 -22.37 -6.28
CA GLY B 363 -16.23 -22.19 -5.86
C GLY B 363 -16.96 -23.48 -5.61
N ILE B 364 -16.25 -24.59 -5.44
CA ILE B 364 -16.88 -25.88 -5.28
C ILE B 364 -16.92 -26.25 -3.80
N THR B 365 -17.25 -27.51 -3.52
CA THR B 365 -17.37 -28.02 -2.17
C THR B 365 -16.13 -28.82 -1.85
N THR B 366 -15.53 -28.56 -0.69
CA THR B 366 -14.31 -29.22 -0.28
C THR B 366 -14.50 -29.87 1.09
N ALA B 367 -13.82 -30.99 1.30
CA ALA B 367 -13.91 -31.75 2.54
C ALA B 367 -12.81 -31.34 3.51
N VAL B 368 -13.18 -31.22 4.78
CA VAL B 368 -12.21 -31.10 5.88
C VAL B 368 -12.43 -32.31 6.78
N PHE B 369 -11.61 -33.33 6.58
CA PHE B 369 -11.74 -34.60 7.29
C PHE B 369 -10.89 -34.56 8.56
N GLU B 370 -11.56 -34.66 9.72
CA GLU B 370 -10.87 -34.51 10.99
C GLU B 370 -10.31 -35.82 11.53
N SER B 371 -10.76 -36.96 11.01
CA SER B 371 -10.50 -38.24 11.63
C SER B 371 -9.25 -38.90 11.03
N THR B 372 -9.15 -40.21 11.14
CA THR B 372 -8.11 -41.00 10.49
C THR B 372 -8.79 -41.98 9.54
N PRO B 373 -8.03 -42.62 8.64
CA PRO B 373 -8.67 -43.59 7.73
C PRO B 373 -9.30 -44.78 8.42
N VAL B 374 -8.99 -45.05 9.69
CA VAL B 374 -9.46 -46.29 10.30
C VAL B 374 -10.23 -46.05 11.59
N TYR B 375 -10.69 -44.82 11.82
CA TYR B 375 -11.55 -44.55 12.97
C TYR B 375 -12.93 -44.10 12.52
N PRO B 376 -14.00 -44.71 13.03
CA PRO B 376 -14.05 -45.80 14.02
C PRO B 376 -13.50 -47.12 13.49
N THR B 377 -13.63 -47.37 12.19
CA THR B 377 -13.21 -48.61 11.55
C THR B 377 -12.57 -48.29 10.21
N PRO B 378 -11.92 -49.26 9.55
CA PRO B 378 -11.31 -48.98 8.23
C PRO B 378 -12.32 -48.67 7.14
N SER B 379 -13.62 -48.66 7.45
CA SER B 379 -14.61 -48.27 6.44
C SER B 379 -14.84 -46.76 6.37
N ARG B 380 -14.15 -45.99 7.19
CA ARG B 380 -14.45 -44.56 7.35
C ARG B 380 -14.39 -43.76 6.04
N TYR B 381 -13.40 -44.03 5.18
CA TYR B 381 -13.36 -43.28 3.91
C TYR B 381 -14.60 -43.55 3.08
N TRP B 382 -15.00 -44.81 2.99
CA TRP B 382 -16.09 -45.17 2.10
C TRP B 382 -17.44 -44.83 2.71
N ASP B 383 -17.56 -44.91 4.03
CA ASP B 383 -18.75 -44.37 4.70
C ASP B 383 -18.89 -42.89 4.39
N PHE B 384 -17.77 -42.17 4.35
CA PHE B 384 -17.77 -40.74 4.09
C PHE B 384 -18.09 -40.44 2.64
N VAL B 385 -17.54 -41.23 1.71
CA VAL B 385 -17.83 -41.03 0.29
C VAL B 385 -19.32 -41.22 0.01
N ASP B 386 -19.93 -42.29 0.53
CA ASP B 386 -21.33 -42.58 0.22
C ASP B 386 -22.27 -41.59 0.89
N LYS B 387 -22.00 -41.22 2.14
CA LYS B 387 -22.88 -40.29 2.84
C LYS B 387 -22.95 -38.95 2.12
N TRP B 388 -21.82 -38.48 1.58
CA TRP B 388 -21.76 -37.15 0.97
C TRP B 388 -21.77 -37.17 -0.55
N LYS B 389 -21.76 -38.35 -1.17
CA LYS B 389 -21.66 -38.47 -2.62
C LYS B 389 -20.43 -37.73 -3.14
N ALA B 390 -19.31 -37.90 -2.45
CA ALA B 390 -18.08 -37.26 -2.90
C ALA B 390 -17.77 -37.66 -4.33
N THR B 391 -17.34 -36.68 -5.13
CA THR B 391 -17.08 -36.89 -6.55
C THR B 391 -15.61 -37.11 -6.89
N GLN B 392 -14.69 -36.62 -6.07
CA GLN B 392 -13.28 -36.95 -6.18
C GLN B 392 -12.73 -37.25 -4.79
N LEU B 393 -11.74 -38.12 -4.74
CA LEU B 393 -11.09 -38.50 -3.51
C LEU B 393 -9.59 -38.42 -3.72
N TYR B 394 -8.89 -37.83 -2.77
CA TYR B 394 -7.48 -37.50 -2.92
C TYR B 394 -6.77 -37.91 -1.64
N THR B 395 -5.86 -38.87 -1.73
CA THR B 395 -5.18 -39.32 -0.52
C THR B 395 -3.74 -39.70 -0.85
N ALA B 396 -3.07 -40.37 0.10
CA ALA B 396 -1.66 -40.71 -0.03
C ALA B 396 -1.47 -42.23 -0.03
N PRO B 397 -0.43 -42.73 -0.69
CA PRO B 397 -0.22 -44.18 -0.74
C PRO B 397 -0.11 -44.82 0.64
N THR B 398 0.38 -44.10 1.64
CA THR B 398 0.43 -44.67 2.99
CA THR B 398 0.42 -44.68 2.99
C THR B 398 -0.98 -44.97 3.51
N ALA B 399 -1.93 -44.10 3.19
CA ALA B 399 -3.32 -44.34 3.57
C ALA B 399 -3.89 -45.53 2.80
N ILE B 400 -3.59 -45.59 1.50
CA ILE B 400 -4.10 -46.68 0.66
C ILE B 400 -3.56 -48.01 1.13
N ARG B 401 -2.24 -48.08 1.40
CA ARG B 401 -1.66 -49.32 1.88
C ARG B 401 -2.23 -49.72 3.24
N LEU B 402 -2.52 -48.74 4.09
CA LEU B 402 -3.11 -49.05 5.39
C LEU B 402 -4.48 -49.69 5.25
N LEU B 403 -5.35 -49.08 4.45
CA LEU B 403 -6.68 -49.65 4.23
C LEU B 403 -6.57 -50.99 3.51
N ARG B 404 -5.65 -51.10 2.55
CA ARG B 404 -5.41 -52.37 1.88
C ARG B 404 -5.00 -53.44 2.88
N ARG B 405 -4.22 -53.04 3.89
CA ARG B 405 -3.78 -53.98 4.90
C ARG B 405 -4.95 -54.56 5.69
N MET B 406 -5.99 -53.77 5.91
CA MET B 406 -7.09 -54.17 6.77
C MET B 406 -8.11 -55.05 6.07
N GLY B 407 -7.97 -55.27 4.76
CA GLY B 407 -8.82 -56.23 4.08
C GLY B 407 -10.01 -55.57 3.40
N GLU B 408 -10.63 -56.32 2.51
CA GLU B 408 -11.64 -55.76 1.61
C GLU B 408 -13.03 -55.68 2.22
N ASP B 409 -13.26 -56.33 3.37
CA ASP B 409 -14.58 -56.31 3.99
C ASP B 409 -15.06 -54.89 4.31
N HIS B 410 -14.13 -53.94 4.49
CA HIS B 410 -14.51 -52.59 4.87
C HIS B 410 -14.85 -51.70 3.69
N VAL B 411 -14.74 -52.19 2.46
CA VAL B 411 -14.86 -51.34 1.28
C VAL B 411 -15.74 -52.00 0.23
N LYS B 412 -15.78 -53.34 0.22
CA LYS B 412 -16.38 -54.07 -0.89
C LYS B 412 -17.88 -53.81 -1.01
N ASN B 413 -18.56 -53.56 0.11
CA ASN B 413 -20.01 -53.45 0.12
C ASN B 413 -20.45 -52.01 0.37
N HIS B 414 -19.77 -51.08 -0.27
CA HIS B 414 -20.22 -49.70 -0.42
C HIS B 414 -20.58 -49.46 -1.88
N ASP B 415 -21.37 -48.42 -2.11
CA ASP B 415 -21.68 -47.98 -3.46
C ASP B 415 -20.46 -47.30 -4.10
N LEU B 416 -20.11 -46.10 -3.63
CA LEU B 416 -18.96 -45.32 -4.09
C LEU B 416 -19.10 -44.79 -5.52
N SER B 417 -20.26 -44.98 -6.16
CA SER B 417 -20.41 -44.64 -7.57
C SER B 417 -20.42 -43.13 -7.83
N SER B 418 -20.49 -42.30 -6.79
CA SER B 418 -20.43 -40.87 -6.99
C SER B 418 -19.02 -40.38 -7.33
N LEU B 419 -18.01 -41.23 -7.14
CA LEU B 419 -16.63 -40.89 -7.44
C LEU B 419 -16.34 -41.07 -8.93
N ARG B 420 -15.59 -40.13 -9.50
CA ARG B 420 -15.08 -40.26 -10.86
C ARG B 420 -13.57 -40.26 -10.95
N VAL B 421 -12.88 -39.64 -10.00
CA VAL B 421 -11.43 -39.47 -10.02
C VAL B 421 -10.88 -39.75 -8.64
N LEU B 422 -9.90 -40.65 -8.55
CA LEU B 422 -9.21 -40.97 -7.32
C LEU B 422 -7.75 -40.54 -7.45
N GLY B 423 -7.26 -39.77 -6.48
CA GLY B 423 -5.92 -39.20 -6.53
C GLY B 423 -5.00 -39.79 -5.49
N SER B 424 -3.71 -39.86 -5.82
CA SER B 424 -2.65 -40.32 -4.92
C SER B 424 -1.51 -39.31 -4.92
N VAL B 425 -1.05 -38.93 -3.73
CA VAL B 425 0.02 -37.92 -3.60
C VAL B 425 0.94 -38.29 -2.45
N GLY B 426 2.25 -38.05 -2.64
CA GLY B 426 3.17 -38.01 -1.52
C GLY B 426 4.45 -38.82 -1.68
N GLU B 427 4.36 -39.85 -2.51
CA GLU B 427 5.33 -40.92 -2.60
C GLU B 427 5.03 -41.70 -3.86
N PRO B 428 5.95 -42.51 -4.36
CA PRO B 428 5.58 -43.44 -5.44
C PRO B 428 4.48 -44.37 -4.93
N ILE B 429 3.50 -44.65 -5.79
CA ILE B 429 2.47 -45.62 -5.43
C ILE B 429 2.84 -46.95 -6.07
N ASN B 430 3.02 -47.97 -5.24
CA ASN B 430 3.31 -49.31 -5.75
C ASN B 430 2.16 -49.75 -6.64
N PRO B 431 2.45 -50.35 -7.81
CA PRO B 431 1.34 -50.85 -8.66
C PRO B 431 0.36 -51.75 -7.92
N GLU B 432 0.84 -52.58 -6.99
CA GLU B 432 -0.07 -53.41 -6.21
C GLU B 432 -1.05 -52.54 -5.42
N ALA B 433 -0.59 -51.42 -4.86
CA ALA B 433 -1.51 -50.54 -4.17
C ALA B 433 -2.38 -49.77 -5.16
N TRP B 434 -1.80 -49.42 -6.31
CA TRP B 434 -2.56 -48.75 -7.36
C TRP B 434 -3.74 -49.61 -7.81
N HIS B 435 -3.52 -50.92 -7.98
CA HIS B 435 -4.60 -51.79 -8.42
C HIS B 435 -5.66 -51.95 -7.33
N TRP B 436 -5.25 -51.99 -6.06
CA TRP B 436 -6.23 -52.07 -4.98
C TRP B 436 -7.09 -50.83 -4.94
N TYR B 437 -6.49 -49.65 -5.07
CA TYR B 437 -7.23 -48.40 -5.19
C TYR B 437 -8.20 -48.46 -6.34
N ASN B 438 -7.72 -48.90 -7.50
CA ASN B 438 -8.51 -48.92 -8.72
C ASN B 438 -9.64 -49.95 -8.64
N ASP B 439 -9.36 -51.11 -8.04
CA ASP B 439 -10.36 -52.17 -7.99
C ASP B 439 -11.44 -51.91 -6.96
N PHE B 440 -11.07 -51.44 -5.78
CA PHE B 440 -12.01 -51.38 -4.67
C PHE B 440 -12.54 -49.99 -4.37
N ALA B 441 -11.70 -48.95 -4.40
CA ALA B 441 -12.22 -47.60 -4.25
C ALA B 441 -12.89 -47.10 -5.51
N GLY B 442 -12.42 -47.53 -6.68
CA GLY B 442 -12.95 -47.02 -7.93
C GLY B 442 -13.88 -47.99 -8.63
N LYS B 443 -13.89 -49.25 -8.16
CA LYS B 443 -14.64 -50.34 -8.80
C LYS B 443 -14.36 -50.40 -10.31
N ASN B 444 -13.12 -50.09 -10.68
CA ASN B 444 -12.65 -50.11 -12.06
C ASN B 444 -13.41 -49.12 -12.93
N GLN B 445 -14.06 -48.14 -12.32
CA GLN B 445 -14.85 -47.14 -13.02
C GLN B 445 -14.36 -45.73 -12.78
N CYS B 446 -13.27 -45.54 -12.05
CA CYS B 446 -12.69 -44.24 -11.78
C CYS B 446 -11.34 -44.10 -12.48
N ALA B 447 -10.99 -42.86 -12.80
CA ALA B 447 -9.65 -42.57 -13.27
C ALA B 447 -8.74 -42.36 -12.06
N ILE B 448 -7.51 -42.84 -12.15
CA ILE B 448 -6.53 -42.72 -11.08
C ILE B 448 -5.52 -41.65 -11.50
N VAL B 449 -5.40 -40.60 -10.71
CA VAL B 449 -4.43 -39.54 -10.99
C VAL B 449 -3.33 -39.62 -9.94
N ASP B 450 -2.17 -40.07 -10.37
CA ASP B 450 -0.97 -40.12 -9.55
C ASP B 450 -0.27 -38.78 -9.72
N THR B 451 -0.35 -37.93 -8.69
CA THR B 451 0.05 -36.53 -8.80
C THR B 451 1.40 -36.31 -8.15
N TYR B 452 2.40 -35.94 -8.93
CA TYR B 452 3.73 -35.62 -8.40
C TYR B 452 3.88 -34.11 -8.31
N TRP B 453 4.39 -33.64 -7.18
CA TRP B 453 4.71 -32.24 -6.94
C TRP B 453 5.39 -32.16 -5.58
N MET B 454 5.68 -30.94 -5.12
CA MET B 454 6.38 -30.71 -3.86
C MET B 454 5.85 -29.43 -3.26
N THR B 455 6.12 -29.24 -1.96
CA THR B 455 5.84 -27.96 -1.31
C THR B 455 6.38 -26.81 -2.14
N GLU B 456 7.60 -26.97 -2.66
CA GLU B 456 8.25 -25.89 -3.41
C GLU B 456 7.60 -25.63 -4.76
N THR B 457 6.81 -26.57 -5.31
CA THR B 457 6.20 -26.30 -6.60
C THR B 457 4.83 -25.67 -6.49
N GLY B 458 4.28 -25.59 -5.27
CA GLY B 458 2.99 -24.93 -5.09
C GLY B 458 1.78 -25.74 -5.53
N SER B 459 1.86 -26.41 -6.67
CA SER B 459 0.72 -27.13 -7.23
C SER B 459 1.23 -28.33 -8.02
N ILE B 460 0.30 -29.14 -8.50
CA ILE B 460 0.65 -30.42 -9.13
C ILE B 460 1.50 -30.20 -10.37
N SER B 461 2.61 -30.94 -10.46
CA SER B 461 3.61 -30.77 -11.51
C SER B 461 3.46 -31.76 -12.65
N ILE B 462 3.26 -33.04 -12.33
CA ILE B 462 3.12 -34.12 -13.30
C ILE B 462 1.97 -35.00 -12.83
N ALA B 463 1.00 -35.26 -13.73
CA ALA B 463 -0.18 -36.04 -13.41
C ALA B 463 -0.97 -36.32 -14.68
N PRO B 464 -1.74 -37.41 -14.74
CA PRO B 464 -2.65 -37.60 -15.87
C PRO B 464 -3.83 -36.66 -15.79
N LEU B 465 -4.24 -36.13 -16.94
CA LEU B 465 -5.54 -35.49 -17.03
C LEU B 465 -6.60 -36.58 -17.20
N PRO B 466 -7.51 -36.77 -16.25
CA PRO B 466 -8.29 -38.03 -16.20
C PRO B 466 -9.16 -38.28 -17.40
N GLY B 467 -9.55 -37.23 -18.12
CA GLY B 467 -10.35 -37.40 -19.31
C GLY B 467 -9.57 -37.65 -20.58
N ALA B 468 -8.24 -37.70 -20.51
CA ALA B 468 -7.43 -37.72 -21.72
C ALA B 468 -6.34 -38.79 -21.72
N ILE B 469 -5.79 -39.11 -20.55
CA ILE B 469 -4.54 -39.87 -20.46
C ILE B 469 -4.85 -41.30 -20.06
N SER B 470 -4.26 -42.25 -20.76
CA SER B 470 -4.34 -43.65 -20.35
C SER B 470 -3.25 -43.93 -19.34
N THR B 471 -3.64 -44.44 -18.17
CA THR B 471 -2.73 -44.52 -17.04
C THR B 471 -1.95 -45.84 -17.04
N LYS B 472 -0.76 -45.78 -16.47
CA LYS B 472 0.06 -46.93 -16.14
C LYS B 472 0.23 -46.98 -14.63
N PRO B 473 0.02 -48.13 -13.98
CA PRO B 473 0.16 -48.18 -12.52
C PRO B 473 1.56 -47.75 -12.12
N GLY B 474 1.63 -46.66 -11.35
CA GLY B 474 2.86 -46.18 -10.78
C GLY B 474 3.48 -45.00 -11.51
N SER B 475 2.93 -44.59 -12.64
CA SER B 475 3.48 -43.48 -13.42
C SER B 475 2.67 -42.21 -13.21
N ALA B 476 3.37 -41.10 -12.95
CA ALA B 476 2.70 -39.81 -12.92
C ALA B 476 2.26 -39.33 -14.31
N THR B 477 2.81 -39.94 -15.37
CA THR B 477 2.51 -39.72 -16.79
C THR B 477 3.10 -38.40 -17.29
N PHE B 478 2.28 -37.36 -17.47
CA PHE B 478 2.76 -36.23 -18.25
C PHE B 478 2.70 -34.91 -17.48
N PRO B 479 3.58 -33.94 -17.81
CA PRO B 479 3.63 -32.69 -17.05
C PRO B 479 2.35 -31.86 -17.17
N PHE B 480 2.06 -31.13 -16.11
CA PHE B 480 0.94 -30.21 -16.12
C PHE B 480 1.24 -28.99 -16.99
N PHE B 481 0.18 -28.22 -17.27
CA PHE B 481 0.27 -26.94 -17.96
C PHE B 481 1.35 -26.07 -17.35
N GLY B 482 2.21 -25.50 -18.20
CA GLY B 482 3.26 -24.63 -17.74
C GLY B 482 4.49 -25.35 -17.21
N MET B 483 4.46 -26.68 -17.13
CA MET B 483 5.62 -27.45 -16.67
C MET B 483 6.31 -28.07 -17.87
N ASP B 484 7.59 -27.73 -18.04
CA ASP B 484 8.45 -28.31 -19.07
C ASP B 484 9.58 -28.99 -18.32
N VAL B 485 9.54 -30.31 -18.23
CA VAL B 485 10.49 -31.03 -17.40
C VAL B 485 11.44 -31.83 -18.29
N ASP B 486 12.61 -32.11 -17.74
CA ASP B 486 13.62 -32.87 -18.44
C ASP B 486 14.25 -33.87 -17.48
N ILE B 487 15.03 -34.77 -18.08
CA ILE B 487 15.90 -35.71 -17.36
C ILE B 487 17.34 -35.28 -17.61
N ILE B 488 18.10 -35.12 -16.54
CA ILE B 488 19.52 -34.83 -16.65
C ILE B 488 20.30 -36.04 -16.15
N ASP B 489 21.30 -36.44 -16.93
CA ASP B 489 22.28 -37.43 -16.49
C ASP B 489 23.11 -36.80 -15.38
N PRO B 490 23.00 -37.25 -14.14
CA PRO B 490 23.76 -36.60 -13.06
C PRO B 490 25.27 -36.67 -13.23
N GLN B 491 25.78 -37.60 -14.03
CA GLN B 491 27.22 -37.68 -14.26
C GLN B 491 27.67 -36.60 -15.22
N THR B 492 27.08 -36.58 -16.42
CA THR B 492 27.46 -35.57 -17.42
C THR B 492 26.85 -34.20 -17.11
N GLY B 493 25.80 -34.15 -16.31
CA GLY B 493 25.10 -32.89 -16.14
C GLY B 493 24.40 -32.41 -17.39
N GLN B 494 24.10 -33.31 -18.33
CA GLN B 494 23.48 -32.95 -19.59
C GLN B 494 22.06 -33.49 -19.66
N VAL B 495 21.18 -32.71 -20.29
CA VAL B 495 19.83 -33.18 -20.58
C VAL B 495 19.92 -34.43 -21.45
N LEU B 496 19.16 -35.46 -21.09
CA LEU B 496 19.05 -36.65 -21.90
C LEU B 496 17.87 -36.47 -22.84
N GLU B 497 18.13 -36.41 -24.13
CA GLU B 497 17.08 -36.13 -25.09
C GLU B 497 16.35 -37.41 -25.47
N GLY B 498 15.03 -37.31 -25.60
CA GLY B 498 14.23 -38.41 -26.09
C GLY B 498 13.64 -39.24 -24.98
N ASN B 499 13.23 -40.45 -25.36
CA ASN B 499 12.54 -41.36 -24.46
C ASN B 499 13.46 -42.50 -24.04
N ASP B 500 12.97 -43.29 -23.09
CA ASP B 500 13.71 -44.44 -22.55
C ASP B 500 15.00 -43.99 -21.87
N VAL B 501 14.93 -42.89 -21.11
CA VAL B 501 16.08 -42.33 -20.44
C VAL B 501 15.76 -42.15 -18.96
N GLU B 502 16.82 -42.08 -18.14
CA GLU B 502 16.68 -42.10 -16.69
C GLU B 502 17.77 -41.24 -16.08
N GLY B 503 17.42 -40.51 -15.03
CA GLY B 503 18.34 -39.59 -14.38
C GLY B 503 17.64 -38.80 -13.29
N VAL B 504 17.88 -37.49 -13.24
CA VAL B 504 17.28 -36.63 -12.22
C VAL B 504 16.34 -35.66 -12.92
N LEU B 505 15.24 -35.33 -12.25
CA LEU B 505 14.21 -34.50 -12.84
C LEU B 505 14.56 -33.02 -12.68
N VAL B 506 14.45 -32.26 -13.76
CA VAL B 506 14.63 -30.81 -13.71
C VAL B 506 13.49 -30.14 -14.47
N ALA B 507 13.26 -28.87 -14.13
CA ALA B 507 12.30 -28.02 -14.83
C ALA B 507 13.04 -26.95 -15.61
N ARG B 508 12.58 -26.71 -16.85
CA ARG B 508 13.29 -25.83 -17.77
C ARG B 508 13.05 -24.35 -17.49
N ARG B 509 11.84 -23.99 -17.07
CA ARG B 509 11.44 -22.59 -16.96
C ARG B 509 10.55 -22.42 -15.75
N PRO B 510 10.50 -21.22 -15.17
CA PRO B 510 9.62 -20.98 -14.03
C PRO B 510 8.15 -21.21 -14.40
N TRP B 511 7.36 -21.52 -13.39
CA TRP B 511 5.93 -21.71 -13.54
C TRP B 511 5.23 -20.89 -12.46
N PRO B 512 3.94 -20.59 -12.64
CA PRO B 512 3.32 -19.53 -11.82
C PRO B 512 3.38 -19.78 -10.31
N SER B 513 3.20 -21.03 -9.87
CA SER B 513 3.07 -21.33 -8.44
C SER B 513 4.37 -21.74 -7.78
N ILE B 514 5.52 -21.52 -8.44
CA ILE B 514 6.79 -21.93 -7.83
C ILE B 514 7.01 -21.13 -6.55
N ALA B 515 7.58 -21.79 -5.54
CA ALA B 515 7.99 -21.05 -4.36
C ALA B 515 8.97 -19.95 -4.75
N ARG B 516 8.82 -18.78 -4.11
CA ARG B 516 9.59 -17.60 -4.50
C ARG B 516 10.89 -17.46 -3.70
N THR B 517 10.95 -18.01 -2.49
CA THR B 517 12.15 -17.95 -1.66
C THR B 517 11.97 -18.90 -0.48
N VAL B 518 13.00 -18.96 0.37
CA VAL B 518 12.93 -19.54 1.70
C VAL B 518 13.04 -18.39 2.68
N TYR B 519 12.13 -18.35 3.66
CA TYR B 519 11.95 -17.15 4.47
C TYR B 519 13.25 -16.69 5.13
N ARG B 520 13.68 -15.47 4.80
CA ARG B 520 14.90 -14.85 5.30
C ARG B 520 16.13 -15.73 5.07
N ASP B 521 16.09 -16.59 4.06
CA ASP B 521 17.24 -17.42 3.71
C ASP B 521 17.23 -17.68 2.21
N HIS B 522 17.26 -16.61 1.42
CA HIS B 522 17.27 -16.73 -0.03
C HIS B 522 18.48 -17.53 -0.52
N LYS B 523 19.62 -17.41 0.17
CA LYS B 523 20.78 -18.19 -0.25
C LYS B 523 20.49 -19.69 -0.20
N ARG B 524 19.81 -20.14 0.85
CA ARG B 524 19.43 -21.56 0.88
C ARG B 524 18.54 -21.92 -0.30
N TYR B 525 17.58 -21.05 -0.62
CA TYR B 525 16.74 -21.23 -1.81
C TYR B 525 17.56 -21.44 -3.07
N LEU B 526 18.48 -20.51 -3.36
CA LEU B 526 19.27 -20.62 -4.58
C LEU B 526 20.13 -21.89 -4.57
N GLU B 527 20.84 -22.14 -3.47
CA GLU B 527 21.73 -23.30 -3.42
C GLU B 527 20.96 -24.63 -3.47
N THR B 528 19.74 -24.68 -2.97
CA THR B 528 19.04 -25.96 -2.94
C THR B 528 18.43 -26.32 -4.28
N TYR B 529 17.83 -25.34 -4.95
CA TYR B 529 17.03 -25.60 -6.14
C TYR B 529 17.66 -25.11 -7.43
N MET B 530 18.45 -24.03 -7.38
CA MET B 530 18.87 -23.33 -8.58
C MET B 530 20.33 -23.51 -8.95
N LYS B 531 21.18 -23.85 -7.99
CA LYS B 531 22.62 -24.01 -8.23
C LYS B 531 23.04 -25.41 -8.66
N PRO B 532 22.40 -26.50 -8.18
CA PRO B 532 22.84 -27.85 -8.62
C PRO B 532 22.88 -28.03 -10.13
N TYR B 533 21.93 -27.47 -10.86
CA TYR B 533 21.92 -27.55 -12.32
C TYR B 533 21.52 -26.17 -12.84
N PRO B 534 22.51 -25.29 -13.05
CA PRO B 534 22.19 -23.90 -13.41
C PRO B 534 21.38 -23.81 -14.69
N GLY B 535 20.39 -22.92 -14.68
CA GLY B 535 19.40 -22.83 -15.73
C GLY B 535 18.15 -23.66 -15.48
N TYR B 536 18.16 -24.51 -14.47
CA TYR B 536 17.09 -25.46 -14.21
C TYR B 536 16.67 -25.35 -12.75
N PHE B 537 15.47 -25.82 -12.47
CA PHE B 537 15.02 -26.08 -11.12
C PHE B 537 15.23 -27.56 -10.81
N PHE B 538 15.92 -27.83 -9.70
CA PHE B 538 16.25 -29.20 -9.29
C PHE B 538 15.24 -29.67 -8.25
N PHE B 539 14.44 -30.66 -8.61
CA PHE B 539 13.44 -31.18 -7.67
C PHE B 539 14.10 -31.96 -6.54
N GLY B 540 15.17 -32.69 -6.83
CA GLY B 540 15.72 -33.62 -5.87
C GLY B 540 15.22 -35.04 -5.99
N ASP B 541 14.49 -35.37 -7.07
CA ASP B 541 14.00 -36.73 -7.28
C ASP B 541 14.66 -37.34 -8.52
N GLY B 542 14.80 -38.66 -8.49
CA GLY B 542 15.17 -39.40 -9.68
C GLY B 542 13.95 -39.73 -10.53
N ALA B 543 14.13 -39.73 -11.83
CA ALA B 543 12.99 -39.93 -12.71
C ALA B 543 13.43 -40.64 -13.99
N ALA B 544 12.46 -41.28 -14.63
CA ALA B 544 12.68 -41.91 -15.91
C ALA B 544 11.52 -41.60 -16.82
N ARG B 545 11.81 -41.40 -18.09
CA ARG B 545 10.82 -41.25 -19.14
C ARG B 545 10.88 -42.50 -20.00
N ASP B 546 9.81 -43.28 -20.03
CA ASP B 546 9.86 -44.57 -20.68
C ASP B 546 9.73 -44.40 -22.20
N TYR B 547 9.64 -45.52 -22.91
CA TYR B 547 9.57 -45.49 -24.36
C TYR B 547 8.35 -44.73 -24.86
N ASP B 548 7.26 -44.75 -24.10
CA ASP B 548 6.04 -44.05 -24.49
C ASP B 548 6.04 -42.58 -24.09
N GLY B 549 7.09 -42.09 -23.45
CA GLY B 549 7.10 -40.73 -22.96
C GLY B 549 6.50 -40.53 -21.60
N TYR B 550 6.10 -41.61 -20.92
CA TYR B 550 5.53 -41.53 -19.58
C TYR B 550 6.64 -41.29 -18.56
N MET B 551 6.40 -40.33 -17.66
N MET B 551 6.42 -40.33 -17.65
CA MET B 551 7.35 -40.03 -16.58
CA MET B 551 7.36 -40.04 -16.59
C MET B 551 7.11 -40.97 -15.40
C MET B 551 7.12 -40.97 -15.40
N TRP B 552 8.21 -41.52 -14.86
CA TRP B 552 8.16 -42.34 -13.66
C TRP B 552 9.03 -41.66 -12.61
N ILE B 553 8.44 -41.32 -11.46
CA ILE B 553 9.18 -40.77 -10.33
C ILE B 553 9.49 -41.91 -9.39
N LYS B 554 10.77 -42.23 -9.20
CA LYS B 554 11.11 -43.45 -8.49
C LYS B 554 11.71 -43.24 -7.11
N GLY B 555 12.01 -42.02 -6.70
CA GLY B 555 12.43 -41.78 -5.33
C GLY B 555 13.36 -40.58 -5.25
N ARG B 556 13.59 -40.16 -4.01
CA ARG B 556 14.55 -39.10 -3.76
C ARG B 556 15.93 -39.53 -4.22
N VAL B 557 16.69 -38.57 -4.76
CA VAL B 557 18.05 -38.85 -5.20
C VAL B 557 18.86 -39.43 -4.04
N ASP B 558 18.65 -38.89 -2.84
CA ASP B 558 19.40 -39.33 -1.66
C ASP B 558 19.11 -40.76 -1.25
N ASP B 559 17.98 -41.34 -1.67
CA ASP B 559 17.63 -42.69 -1.24
C ASP B 559 18.06 -43.76 -2.23
N VAL B 560 18.84 -43.40 -3.26
CA VAL B 560 19.33 -44.40 -4.22
C VAL B 560 20.27 -45.37 -3.51
N ILE B 561 20.14 -46.66 -3.83
CA ILE B 561 21.07 -47.69 -3.35
C ILE B 561 21.83 -48.25 -4.53
N ASN B 562 23.15 -48.39 -4.38
CA ASN B 562 24.03 -48.86 -5.44
C ASN B 562 24.63 -50.19 -5.03
N VAL B 563 24.26 -51.26 -5.76
CA VAL B 563 24.75 -52.61 -5.46
C VAL B 563 25.50 -53.10 -6.70
N SER B 564 26.82 -53.29 -6.53
CA SER B 564 27.68 -53.80 -7.59
C SER B 564 27.50 -53.01 -8.88
N GLY B 565 27.32 -51.69 -8.74
CA GLY B 565 27.18 -50.81 -9.89
C GLY B 565 25.75 -50.62 -10.37
N HIS B 566 24.78 -51.33 -9.82
CA HIS B 566 23.38 -51.17 -10.21
C HIS B 566 22.70 -50.20 -9.25
N ARG B 567 22.20 -49.08 -9.80
CA ARG B 567 21.55 -48.05 -9.00
C ARG B 567 20.07 -48.38 -8.83
N LEU B 568 19.61 -48.44 -7.58
CA LEU B 568 18.27 -48.91 -7.25
C LEU B 568 17.48 -47.83 -6.54
N SER B 569 16.29 -47.54 -7.03
CA SER B 569 15.35 -46.73 -6.27
C SER B 569 14.63 -47.59 -5.23
N THR B 570 14.25 -46.95 -4.13
CA THR B 570 13.49 -47.64 -3.08
C THR B 570 12.14 -48.12 -3.61
N ALA B 571 11.53 -47.32 -4.48
CA ALA B 571 10.19 -47.64 -4.98
C ALA B 571 10.18 -48.94 -5.77
N GLU B 572 11.21 -49.18 -6.58
CA GLU B 572 11.18 -50.37 -7.42
C GLU B 572 11.38 -51.64 -6.58
N VAL B 573 12.27 -51.61 -5.59
CA VAL B 573 12.42 -52.78 -4.74
C VAL B 573 11.18 -52.97 -3.86
N GLU B 574 10.66 -51.87 -3.28
CA GLU B 574 9.45 -51.98 -2.45
C GLU B 574 8.25 -52.40 -3.27
N SER B 575 8.19 -52.00 -4.55
CA SER B 575 7.10 -52.46 -5.40
C SER B 575 7.19 -53.95 -5.68
N ALA B 576 8.41 -54.49 -5.78
CA ALA B 576 8.56 -55.92 -6.02
C ALA B 576 8.17 -56.72 -4.79
N LEU B 577 8.55 -56.23 -3.61
CA LEU B 577 8.26 -56.97 -2.38
C LEU B 577 6.76 -57.08 -2.13
N ILE B 578 6.00 -56.03 -2.45
CA ILE B 578 4.57 -56.04 -2.12
C ILE B 578 3.76 -56.88 -3.09
N LEU B 579 4.39 -57.42 -4.14
CA LEU B 579 3.72 -58.36 -5.03
C LEU B 579 3.51 -59.71 -4.36
N HIS B 580 4.26 -60.00 -3.30
CA HIS B 580 4.14 -61.27 -2.59
C HIS B 580 2.91 -61.24 -1.69
N LYS B 581 2.11 -62.31 -1.76
CA LYS B 581 0.88 -62.40 -0.99
C LYS B 581 1.15 -62.15 0.49
N GLY B 582 0.28 -61.38 1.12
CA GLY B 582 0.38 -61.11 2.54
C GLY B 582 1.16 -59.86 2.93
N VAL B 583 2.02 -59.35 2.04
CA VAL B 583 2.82 -58.18 2.37
C VAL B 583 1.93 -56.94 2.37
N ALA B 584 2.04 -56.15 3.44
CA ALA B 584 1.28 -54.93 3.59
C ALA B 584 2.06 -53.69 3.15
N GLU B 585 3.34 -53.60 3.50
CA GLU B 585 4.12 -52.41 3.28
C GLU B 585 5.57 -52.75 3.55
N THR B 586 6.49 -52.15 2.79
CA THR B 586 7.90 -52.38 3.02
C THR B 586 8.67 -51.08 2.89
N ALA B 587 9.87 -51.08 3.47
CA ALA B 587 10.84 -50.01 3.32
C ALA B 587 12.20 -50.65 3.17
N VAL B 588 12.95 -50.26 2.13
CA VAL B 588 14.29 -50.77 1.91
C VAL B 588 15.29 -49.64 2.11
N VAL B 589 16.46 -49.97 2.65
CA VAL B 589 17.57 -49.03 2.76
C VAL B 589 18.85 -49.76 2.39
N GLY B 590 19.85 -48.97 1.99
CA GLY B 590 21.16 -49.50 1.70
C GLY B 590 22.05 -49.49 2.93
N CYS B 591 23.01 -50.41 2.93
CA CYS B 591 24.01 -50.49 3.98
C CYS B 591 25.33 -50.86 3.32
N ALA B 592 26.41 -50.26 3.82
CA ALA B 592 27.72 -50.43 3.21
C ALA B 592 28.10 -51.91 3.18
N ASP B 593 28.77 -52.31 2.09
CA ASP B 593 29.18 -53.69 1.94
C ASP B 593 30.54 -53.72 1.25
N ASP B 594 31.43 -54.57 1.77
CA ASP B 594 32.81 -54.60 1.30
C ASP B 594 32.90 -55.04 -0.16
N LEU B 595 32.04 -55.98 -0.55
CA LEU B 595 32.24 -56.61 -1.86
C LEU B 595 31.30 -56.09 -2.93
N THR B 596 30.19 -55.47 -2.56
CA THR B 596 29.23 -54.94 -3.53
C THR B 596 29.03 -53.44 -3.40
N GLY B 597 29.73 -52.78 -2.50
CA GLY B 597 29.55 -51.36 -2.28
C GLY B 597 28.47 -51.11 -1.24
N GLN B 598 27.23 -51.42 -1.62
CA GLN B 598 26.11 -51.41 -0.70
C GLN B 598 25.35 -52.71 -0.86
N ALA B 599 24.46 -52.97 0.10
CA ALA B 599 23.53 -54.09 0.01
C ALA B 599 22.16 -53.62 0.47
N VAL B 600 21.13 -54.24 -0.09
CA VAL B 600 19.75 -53.88 0.25
C VAL B 600 19.32 -54.61 1.53
N TYR B 601 18.74 -53.86 2.46
CA TYR B 601 18.07 -54.40 3.63
C TYR B 601 16.63 -53.94 3.59
N ALA B 602 15.70 -54.85 3.89
CA ALA B 602 14.28 -54.59 3.77
C ALA B 602 13.58 -54.76 5.11
N PHE B 603 12.68 -53.85 5.40
CA PHE B 603 11.78 -53.95 6.54
C PHE B 603 10.38 -54.22 5.97
N VAL B 604 9.77 -55.31 6.42
CA VAL B 604 8.55 -55.81 5.81
C VAL B 604 7.48 -55.91 6.89
N THR B 605 6.27 -55.46 6.55
CA THR B 605 5.09 -55.54 7.40
C THR B 605 4.05 -56.38 6.69
N MET B 606 3.37 -57.25 7.43
CA MET B 606 2.43 -58.20 6.84
C MET B 606 1.00 -57.89 7.26
N LYS B 607 0.06 -58.41 6.48
CA LYS B 607 -1.34 -58.26 6.82
C LYS B 607 -1.64 -58.99 8.12
N PRO B 608 -2.64 -58.53 8.90
CA PRO B 608 -2.98 -59.20 10.16
C PRO B 608 -3.15 -60.70 10.05
N GLU B 609 -3.65 -61.19 8.92
CA GLU B 609 -3.70 -62.64 8.68
C GLU B 609 -2.33 -63.10 8.17
N LYS B 616 6.97 -69.95 8.44
CA LYS B 616 7.93 -69.39 9.37
C LYS B 616 8.62 -68.15 8.76
N GLU B 617 9.15 -67.29 9.64
CA GLU B 617 9.74 -66.03 9.19
C GLU B 617 10.88 -66.27 8.20
N ALA B 618 11.66 -67.33 8.39
CA ALA B 618 12.81 -67.57 7.53
C ALA B 618 12.38 -67.95 6.12
N ASP B 619 11.36 -68.79 5.99
CA ASP B 619 10.91 -69.20 4.66
C ASP B 619 10.27 -68.05 3.91
N LEU B 620 9.42 -67.27 4.58
CA LEU B 620 8.81 -66.10 3.95
C LEU B 620 9.89 -65.13 3.45
N SER B 621 10.90 -64.88 4.28
CA SER B 621 11.97 -63.96 3.89
C SER B 621 12.70 -64.44 2.66
N LYS B 622 12.95 -65.75 2.57
CA LYS B 622 13.57 -66.30 1.37
C LYS B 622 12.68 -66.08 0.15
N GLU B 623 11.37 -66.36 0.30
CA GLU B 623 10.44 -66.16 -0.80
C GLU B 623 10.42 -64.70 -1.25
N LEU B 624 10.50 -63.76 -0.30
CA LEU B 624 10.52 -62.35 -0.66
C LEU B 624 11.78 -62.00 -1.42
N ALA B 625 12.94 -62.52 -0.98
CA ALA B 625 14.18 -62.23 -1.69
C ALA B 625 14.17 -62.85 -3.08
N ILE B 626 13.69 -64.09 -3.21
CA ILE B 626 13.59 -64.70 -4.53
C ILE B 626 12.72 -63.86 -5.44
N GLN B 627 11.62 -63.33 -4.89
CA GLN B 627 10.70 -62.48 -5.64
C GLN B 627 11.41 -61.27 -6.23
N VAL B 628 12.19 -60.57 -5.39
CA VAL B 628 12.94 -59.41 -5.88
C VAL B 628 13.99 -59.84 -6.92
N ARG B 629 14.67 -60.96 -6.68
CA ARG B 629 15.66 -61.43 -7.64
CA ARG B 629 15.67 -61.44 -7.64
C ARG B 629 15.05 -61.67 -9.01
N LYS B 630 13.87 -62.30 -9.05
CA LYS B 630 13.25 -62.63 -10.33
C LYS B 630 12.73 -61.41 -11.07
N VAL B 631 12.28 -60.39 -10.32
CA VAL B 631 11.62 -59.26 -10.95
C VAL B 631 12.60 -58.14 -11.27
N ILE B 632 13.62 -57.97 -10.45
CA ILE B 632 14.59 -56.91 -10.68
C ILE B 632 15.94 -57.52 -11.00
N GLY B 633 16.46 -58.32 -10.07
CA GLY B 633 17.73 -58.96 -10.26
C GLY B 633 18.34 -59.33 -8.92
N PRO B 634 19.37 -60.18 -8.94
CA PRO B 634 19.97 -60.62 -7.68
C PRO B 634 20.62 -59.49 -6.90
N PHE B 635 21.11 -58.47 -7.58
CA PHE B 635 21.73 -57.33 -6.89
C PHE B 635 20.72 -56.56 -6.03
N ALA B 636 19.44 -56.65 -6.34
CA ALA B 636 18.43 -55.94 -5.57
C ALA B 636 17.82 -56.79 -4.47
N ALA B 637 18.04 -58.10 -4.50
CA ALA B 637 17.49 -58.97 -3.47
C ALA B 637 18.02 -58.56 -2.11
N PRO B 638 17.15 -58.36 -1.11
CA PRO B 638 17.62 -57.98 0.22
C PRO B 638 18.65 -58.96 0.74
N LYS B 639 19.74 -58.40 1.27
CA LYS B 639 20.74 -59.22 1.98
C LYS B 639 20.16 -59.76 3.29
N LYS B 640 19.32 -58.97 3.95
CA LYS B 640 18.62 -59.42 5.14
C LYS B 640 17.25 -58.73 5.17
N ILE B 641 16.27 -59.42 5.73
CA ILE B 641 14.90 -58.92 5.82
C ILE B 641 14.51 -58.88 7.30
N TYR B 642 13.92 -57.77 7.72
CA TYR B 642 13.42 -57.62 9.08
C TYR B 642 11.89 -57.53 9.00
N LEU B 643 11.21 -58.57 9.45
CA LEU B 643 9.76 -58.56 9.55
C LEU B 643 9.35 -57.80 10.80
N VAL B 644 8.66 -56.67 10.62
CA VAL B 644 8.34 -55.79 11.75
C VAL B 644 6.84 -55.49 11.77
N SER B 645 6.42 -54.62 12.69
CA SER B 645 5.01 -54.28 12.86
C SER B 645 4.63 -52.92 12.33
N ASP B 646 5.59 -52.01 12.13
CA ASP B 646 5.32 -50.69 11.57
C ASP B 646 6.64 -50.04 11.18
N LEU B 647 6.56 -49.07 10.27
CA LEU B 647 7.71 -48.35 9.78
C LEU B 647 7.67 -46.89 10.26
N PRO B 648 8.84 -46.25 10.40
CA PRO B 648 8.84 -44.83 10.79
C PRO B 648 8.33 -43.95 9.65
N LYS B 649 7.40 -43.06 9.98
CA LYS B 649 6.83 -42.14 9.00
C LYS B 649 6.58 -40.77 9.62
N THR B 650 6.61 -39.74 8.76
CA THR B 650 6.17 -38.42 9.17
C THR B 650 4.64 -38.39 9.28
N ARG B 651 4.14 -37.28 9.81
CA ARG B 651 2.69 -37.12 9.92
C ARG B 651 2.04 -37.13 8.54
N SER B 652 2.71 -36.56 7.54
CA SER B 652 2.19 -36.55 6.17
C SER B 652 2.13 -37.93 5.54
N GLY B 653 2.77 -38.93 6.15
CA GLY B 653 2.84 -40.27 5.58
C GLY B 653 4.14 -40.59 4.88
N LYS B 654 5.07 -39.66 4.81
CA LYS B 654 6.36 -39.95 4.20
C LYS B 654 7.13 -40.92 5.08
N ILE B 655 7.63 -42.00 4.48
CA ILE B 655 8.40 -42.99 5.22
C ILE B 655 9.83 -42.50 5.37
N MET B 656 10.30 -42.44 6.62
CA MET B 656 11.61 -41.88 6.94
C MET B 656 12.67 -42.96 6.73
N ARG B 657 13.12 -43.08 5.48
CA ARG B 657 14.16 -44.05 5.14
C ARG B 657 15.55 -43.58 5.58
N ARG B 658 15.73 -42.28 5.76
CA ARG B 658 16.99 -41.79 6.34
C ARG B 658 17.17 -42.31 7.76
N VAL B 659 16.07 -42.37 8.53
CA VAL B 659 16.16 -42.84 9.92
C VAL B 659 16.49 -44.34 9.95
N LEU B 660 15.86 -45.13 9.08
CA LEU B 660 16.15 -46.57 9.05
C LEU B 660 17.53 -46.85 8.48
N ARG B 661 17.98 -46.03 7.52
CA ARG B 661 19.35 -46.15 7.02
C ARG B 661 20.35 -45.91 8.14
N LYS B 662 20.10 -44.91 9.00
CA LYS B 662 21.01 -44.63 10.09
C LYS B 662 20.98 -45.75 11.13
N ILE B 663 19.81 -46.34 11.38
CA ILE B 663 19.72 -47.42 12.37
C ILE B 663 20.47 -48.65 11.88
N VAL B 664 20.36 -48.97 10.58
CA VAL B 664 21.01 -50.15 10.04
C VAL B 664 22.53 -49.99 10.07
N ALA B 665 23.02 -48.79 9.79
CA ALA B 665 24.45 -48.51 9.84
C ALA B 665 24.92 -48.37 11.28
N PRO B 680 5.72 -42.59 17.38
CA PRO B 680 7.18 -42.58 17.33
C PRO B 680 7.84 -43.53 18.33
N GLN B 681 7.05 -44.44 18.91
CA GLN B 681 7.64 -45.56 19.63
C GLN B 681 8.20 -46.61 18.68
N ILE B 682 8.04 -46.41 17.37
CA ILE B 682 8.50 -47.38 16.38
C ILE B 682 10.01 -47.35 16.24
N VAL B 683 10.63 -46.17 16.43
CA VAL B 683 12.07 -46.06 16.30
C VAL B 683 12.77 -46.97 17.30
N GLU B 684 12.19 -47.12 18.49
CA GLU B 684 12.71 -48.09 19.44
C GLU B 684 12.42 -49.52 18.98
N GLU B 685 11.25 -49.74 18.38
CA GLU B 685 10.89 -51.07 17.94
C GLU B 685 11.82 -51.57 16.82
N VAL B 686 12.18 -50.70 15.89
CA VAL B 686 13.06 -51.09 14.80
C VAL B 686 14.49 -51.29 15.30
N LYS B 687 14.94 -50.42 16.22
CA LYS B 687 16.29 -50.58 16.79
C LYS B 687 16.43 -51.91 17.50
N GLN B 688 15.38 -52.35 18.20
CA GLN B 688 15.41 -53.64 18.87
C GLN B 688 15.42 -54.79 17.87
N LYS B 689 14.79 -54.61 16.71
CA LYS B 689 14.55 -55.74 15.81
C LYS B 689 15.80 -56.13 15.04
N VAL B 690 16.63 -55.17 14.64
CA VAL B 690 17.80 -55.45 13.82
C VAL B 690 18.80 -56.32 14.55
N ARG C 53 -37.89 29.94 -9.06
CA ARG C 53 -37.49 28.80 -8.23
C ARG C 53 -37.19 27.58 -9.09
N PRO C 54 -36.18 26.80 -8.70
CA PRO C 54 -35.89 25.57 -9.43
C PRO C 54 -36.96 24.51 -9.23
N LYS C 55 -37.26 23.78 -10.29
CA LYS C 55 -38.31 22.78 -10.26
C LYS C 55 -37.89 21.58 -9.40
N PRO C 56 -38.85 20.84 -8.85
CA PRO C 56 -38.50 19.75 -7.93
C PRO C 56 -37.91 18.55 -8.64
N HIS C 57 -37.02 17.86 -7.93
CA HIS C 57 -36.44 16.62 -8.46
C HIS C 57 -37.49 15.52 -8.54
N ILE C 58 -38.44 15.52 -7.60
CA ILE C 58 -39.52 14.53 -7.56
C ILE C 58 -40.83 15.29 -7.52
N GLY C 59 -41.68 15.05 -8.53
CA GLY C 59 -42.95 15.71 -8.64
C GLY C 59 -43.72 15.24 -9.85
N PRO C 60 -44.97 15.68 -10.00
CA PRO C 60 -45.68 16.66 -9.15
C PRO C 60 -46.60 16.06 -8.09
N ASN C 61 -46.82 14.74 -8.14
CA ASN C 61 -47.89 14.09 -7.40
C ASN C 61 -47.33 12.94 -6.57
N TYR C 62 -48.21 12.28 -5.82
CA TYR C 62 -47.81 11.11 -5.07
C TYR C 62 -47.33 9.98 -5.98
N GLU C 63 -48.07 9.73 -7.07
CA GLU C 63 -47.69 8.65 -7.98
C GLU C 63 -46.30 8.85 -8.57
N SER C 64 -45.90 10.11 -8.76
CA SER C 64 -44.54 10.37 -9.25
C SER C 64 -43.50 9.95 -8.22
N TYR C 65 -43.80 10.11 -6.94
CA TYR C 65 -42.90 9.61 -5.90
C TYR C 65 -42.84 8.09 -5.90
N VAL C 66 -44.01 7.44 -5.98
CA VAL C 66 -44.06 5.98 -5.90
C VAL C 66 -43.44 5.35 -7.13
N LYS C 67 -43.45 6.05 -8.26
CA LYS C 67 -42.81 5.52 -9.47
C LYS C 67 -41.31 5.35 -9.28
N GLU C 68 -40.63 6.43 -8.86
CA GLU C 68 -39.19 6.37 -8.64
C GLU C 68 -38.84 5.47 -7.46
N TRP C 69 -39.67 5.48 -6.41
CA TRP C 69 -39.40 4.69 -5.21
C TRP C 69 -39.44 3.20 -5.49
N ALA C 70 -40.31 2.74 -6.39
CA ALA C 70 -40.36 1.32 -6.72
C ALA C 70 -39.04 0.81 -7.28
N LYS C 71 -38.25 1.69 -7.90
CA LYS C 71 -36.95 1.28 -8.44
C LYS C 71 -35.88 1.06 -7.36
N THR C 72 -36.15 1.44 -6.10
CA THR C 72 -35.14 1.45 -5.06
C THR C 72 -35.32 0.36 -4.02
N VAL C 73 -36.45 -0.34 -4.02
CA VAL C 73 -36.69 -1.46 -3.13
C VAL C 73 -36.98 -2.69 -3.97
N GLY C 74 -36.79 -3.86 -3.36
CA GLY C 74 -37.19 -5.09 -3.96
C GLY C 74 -36.16 -5.72 -4.88
N PRO C 75 -36.60 -6.76 -5.60
CA PRO C 75 -35.65 -7.63 -6.32
C PRO C 75 -34.95 -6.96 -7.50
N ASN C 76 -35.50 -5.88 -8.06
CA ASN C 76 -34.90 -5.25 -9.22
C ASN C 76 -34.33 -3.87 -8.90
N SER C 77 -33.90 -3.66 -7.66
CA SER C 77 -33.44 -2.34 -7.23
C SER C 77 -31.92 -2.17 -7.33
N ASP C 78 -31.18 -3.23 -7.63
CA ASP C 78 -29.73 -3.09 -7.81
C ASP C 78 -29.42 -2.08 -8.90
N GLU C 79 -30.17 -2.12 -10.01
CA GLU C 79 -29.91 -1.24 -11.13
C GLU C 79 -29.93 0.22 -10.71
N TRP C 80 -30.98 0.60 -9.97
CA TRP C 80 -31.12 1.98 -9.52
C TRP C 80 -30.00 2.37 -8.58
N TRP C 81 -29.64 1.49 -7.63
CA TRP C 81 -28.64 1.86 -6.64
C TRP C 81 -27.24 1.91 -7.24
N ALA C 82 -26.92 1.01 -8.17
CA ALA C 82 -25.62 1.08 -8.81
C ALA C 82 -25.48 2.37 -9.59
N ALA C 83 -26.56 2.79 -10.26
CA ALA C 83 -26.54 4.02 -11.04
C ALA C 83 -26.34 5.25 -10.16
N LYS C 84 -27.07 5.34 -9.05
CA LYS C 84 -26.97 6.52 -8.19
C LYS C 84 -25.62 6.57 -7.50
N ALA C 85 -25.13 5.42 -7.05
CA ALA C 85 -23.81 5.37 -6.43
C ALA C 85 -22.76 5.94 -7.36
N ARG C 86 -22.79 5.54 -8.64
CA ARG C 86 -21.80 6.01 -9.60
C ARG C 86 -22.07 7.43 -10.07
N GLU C 87 -23.32 7.89 -9.99
CA GLU C 87 -23.62 9.26 -10.37
C GLU C 87 -23.29 10.25 -9.27
N THR C 88 -23.44 9.83 -8.01
CA THR C 88 -23.41 10.76 -6.88
C THR C 88 -22.01 10.96 -6.32
N LEU C 89 -21.16 9.94 -6.36
CA LEU C 89 -19.87 10.00 -5.73
C LEU C 89 -18.79 9.80 -6.77
N ASP C 90 -17.61 10.34 -6.49
CA ASP C 90 -16.41 10.04 -7.26
C ASP C 90 -15.70 8.86 -6.60
N TRP C 91 -15.38 7.85 -7.41
CA TRP C 91 -14.71 6.64 -6.94
C TRP C 91 -13.28 6.56 -7.48
N TYR C 92 -12.36 6.08 -6.65
CA TYR C 92 -11.04 5.69 -7.15
C TYR C 92 -11.10 4.35 -7.88
N ASP C 93 -11.79 3.37 -7.30
CA ASP C 93 -12.05 2.08 -7.94
C ASP C 93 -13.54 1.85 -7.98
N ASP C 94 -14.04 1.41 -9.12
CA ASP C 94 -15.45 1.06 -9.25
C ASP C 94 -15.75 -0.15 -8.38
N PHE C 95 -17.03 -0.33 -8.09
CA PHE C 95 -17.45 -1.55 -7.42
C PHE C 95 -17.98 -2.50 -8.49
N LYS C 96 -18.20 -3.74 -8.06
CA LYS C 96 -18.84 -4.76 -8.88
C LYS C 96 -20.15 -5.23 -8.28
N THR C 97 -20.16 -5.43 -6.97
CA THR C 97 -21.30 -5.93 -6.24
C THR C 97 -22.03 -4.73 -5.62
N VAL C 98 -23.35 -4.71 -5.78
CA VAL C 98 -24.13 -3.60 -5.22
C VAL C 98 -24.37 -3.82 -3.74
N ARG C 99 -24.88 -4.99 -3.36
CA ARG C 99 -25.23 -5.24 -1.98
C ARG C 99 -25.02 -6.71 -1.65
N ALA C 100 -24.81 -6.97 -0.37
CA ALA C 100 -24.70 -8.33 0.13
C ALA C 100 -24.89 -8.30 1.64
N GLY C 101 -25.02 -9.48 2.22
CA GLY C 101 -25.18 -9.59 3.65
C GLY C 101 -26.57 -9.18 4.13
N GLY C 102 -26.68 -9.07 5.45
CA GLY C 102 -27.87 -8.46 6.00
C GLY C 102 -27.96 -8.59 7.51
N PHE C 103 -29.22 -8.62 7.98
CA PHE C 103 -29.54 -8.38 9.37
C PHE C 103 -28.97 -9.45 10.30
N GLU C 104 -29.27 -10.73 10.03
CA GLU C 104 -29.09 -11.81 10.99
C GLU C 104 -27.73 -11.77 11.70
N HIS C 105 -26.64 -11.64 10.93
CA HIS C 105 -25.29 -11.69 11.49
C HIS C 105 -24.58 -10.35 11.46
N GLY C 106 -25.21 -9.29 10.94
CA GLY C 106 -24.57 -7.99 10.86
C GLY C 106 -23.36 -7.98 9.97
N ASP C 107 -23.55 -8.34 8.69
CA ASP C 107 -22.49 -8.31 7.70
C ASP C 107 -22.94 -7.50 6.48
N VAL C 108 -23.69 -6.42 6.73
CA VAL C 108 -24.21 -5.62 5.64
C VAL C 108 -23.07 -5.03 4.84
N GLN C 109 -23.21 -5.03 3.51
CA GLN C 109 -22.18 -4.61 2.58
C GLN C 109 -22.81 -3.84 1.44
N TRP C 110 -22.19 -2.71 1.07
CA TRP C 110 -22.67 -1.98 -0.10
C TRP C 110 -21.46 -1.58 -0.92
N PHE C 111 -21.54 -1.83 -2.22
CA PHE C 111 -20.47 -1.53 -3.16
C PHE C 111 -19.09 -1.99 -2.64
N PRO C 112 -19.00 -3.26 -2.17
CA PRO C 112 -17.82 -3.64 -1.37
C PRO C 112 -16.49 -3.46 -2.07
N GLU C 113 -16.40 -3.70 -3.38
CA GLU C 113 -15.10 -3.64 -4.03
C GLU C 113 -14.70 -2.22 -4.43
N GLY C 114 -15.60 -1.26 -4.29
CA GLY C 114 -15.26 0.11 -4.64
C GLY C 114 -14.35 0.76 -3.62
N THR C 115 -13.61 1.77 -4.07
CA THR C 115 -12.78 2.57 -3.18
C THR C 115 -13.01 4.05 -3.44
N LEU C 116 -12.90 4.84 -2.38
CA LEU C 116 -13.24 6.26 -2.42
C LEU C 116 -12.67 6.92 -1.18
N ASN C 117 -12.97 8.20 -1.01
CA ASN C 117 -12.54 8.94 0.16
C ASN C 117 -13.54 10.05 0.42
N ALA C 118 -14.08 10.10 1.65
CA ALA C 118 -15.12 11.07 1.97
C ALA C 118 -14.62 12.50 1.79
N ALA C 119 -13.38 12.79 2.21
CA ALA C 119 -12.83 14.13 2.03
C ALA C 119 -12.75 14.50 0.55
N TYR C 120 -12.34 13.56 -0.30
CA TYR C 120 -12.28 13.87 -1.74
C TYR C 120 -13.66 14.24 -2.27
N ASN C 121 -14.71 13.52 -1.84
CA ASN C 121 -16.06 13.79 -2.31
C ASN C 121 -16.66 15.05 -1.70
N CYS C 122 -16.26 15.42 -0.48
CA CYS C 122 -16.79 16.63 0.16
C CYS C 122 -15.96 17.87 -0.07
N LEU C 123 -14.70 17.72 -0.49
CA LEU C 123 -13.82 18.88 -0.64
C LEU C 123 -13.17 18.94 -2.01
N ASP C 124 -12.24 18.01 -2.29
CA ASP C 124 -11.39 18.13 -3.47
C ASP C 124 -12.19 18.34 -4.75
N ARG C 125 -13.19 17.50 -4.99
CA ARG C 125 -13.86 17.52 -6.29
C ARG C 125 -14.64 18.80 -6.51
N HIS C 126 -15.13 19.42 -5.44
CA HIS C 126 -15.80 20.71 -5.58
C HIS C 126 -14.79 21.84 -5.69
N TYR C 127 -13.68 21.74 -4.94
CA TYR C 127 -12.61 22.74 -5.03
C TYR C 127 -12.02 22.79 -6.42
N TYR C 128 -11.90 21.63 -7.09
CA TYR C 128 -11.35 21.62 -8.44
C TYR C 128 -12.31 22.30 -9.41
N LYS C 129 -13.61 22.24 -9.16
CA LYS C 129 -14.58 22.86 -10.05
C LYS C 129 -14.80 24.35 -9.75
N ASN C 130 -14.91 24.72 -8.48
CA ASN C 130 -15.11 26.13 -8.13
C ASN C 130 -14.51 26.40 -6.76
N PRO C 131 -13.23 26.76 -6.71
CA PRO C 131 -12.54 26.89 -5.40
C PRO C 131 -13.07 28.03 -4.55
N LYS C 132 -13.63 29.08 -5.15
CA LYS C 132 -14.09 30.23 -4.38
C LYS C 132 -15.52 30.11 -3.89
N LYS C 133 -16.26 29.11 -4.35
CA LYS C 133 -17.61 28.87 -3.82
C LYS C 133 -17.55 28.67 -2.32
N THR C 134 -18.49 29.29 -1.62
CA THR C 134 -18.58 29.16 -0.17
C THR C 134 -18.99 27.73 0.20
N ALA C 135 -18.14 27.08 1.00
CA ALA C 135 -18.48 25.78 1.58
C ALA C 135 -19.28 25.93 2.87
N ILE C 136 -18.83 26.81 3.76
CA ILE C 136 -19.42 26.95 5.09
C ILE C 136 -19.79 28.40 5.30
N ILE C 137 -21.07 28.65 5.56
CA ILE C 137 -21.49 29.90 6.19
C ILE C 137 -21.25 29.70 7.69
N TYR C 138 -20.21 30.33 8.21
CA TYR C 138 -19.91 30.26 9.64
C TYR C 138 -20.62 31.42 10.33
N GLU C 139 -21.77 31.13 10.93
CA GLU C 139 -22.50 32.12 11.71
C GLU C 139 -22.02 32.01 13.15
N ALA C 140 -21.15 32.93 13.54
CA ALA C 140 -20.52 32.90 14.86
C ALA C 140 -21.55 33.21 15.95
N ASP C 141 -21.13 33.00 17.20
CA ASP C 141 -21.98 33.33 18.34
C ASP C 141 -22.38 34.80 18.28
N GLU C 142 -21.41 35.68 18.03
CA GLU C 142 -21.68 37.09 17.78
C GLU C 142 -21.98 37.28 16.30
N PRO C 143 -23.16 37.78 15.92
CA PRO C 143 -23.52 37.84 14.50
C PRO C 143 -22.51 38.58 13.64
N SER C 144 -21.84 39.60 14.20
CA SER C 144 -20.94 40.43 13.42
C SER C 144 -19.65 39.71 13.04
N GLU C 145 -19.27 38.66 13.76
CA GLU C 145 -18.03 37.94 13.50
C GLU C 145 -18.19 36.85 12.46
N SER C 146 -19.33 36.78 11.79
CA SER C 146 -19.56 35.69 10.85
C SER C 146 -18.82 35.95 9.55
N ARG C 147 -18.61 34.89 8.78
CA ARG C 147 -17.95 35.01 7.49
C ARG C 147 -18.16 33.74 6.70
N GLU C 148 -17.88 33.83 5.40
CA GLU C 148 -17.96 32.70 4.49
C GLU C 148 -16.61 32.03 4.36
N VAL C 149 -16.59 30.70 4.45
CA VAL C 149 -15.37 29.91 4.27
C VAL C 149 -15.52 29.16 2.96
N SER C 150 -14.61 29.45 2.03
CA SER C 150 -14.64 28.87 0.69
C SER C 150 -14.22 27.41 0.70
N TYR C 151 -14.61 26.69 -0.36
CA TYR C 151 -14.17 25.32 -0.51
C TYR C 151 -12.66 25.23 -0.50
N GLU C 152 -11.98 26.23 -1.07
CA GLU C 152 -10.52 26.25 -1.07
C GLU C 152 -9.98 26.40 0.35
N GLU C 153 -10.51 27.38 1.10
CA GLU C 153 -10.02 27.55 2.46
C GLU C 153 -10.30 26.32 3.32
N LEU C 154 -11.50 25.75 3.20
CA LEU C 154 -11.83 24.56 3.99
C LEU C 154 -10.94 23.39 3.61
N MET C 155 -10.65 23.24 2.31
CA MET C 155 -9.81 22.13 1.90
C MET C 155 -8.37 22.30 2.38
N GLN C 156 -7.86 23.52 2.34
CA GLN C 156 -6.50 23.76 2.81
C GLN C 156 -6.38 23.49 4.30
N GLU C 157 -7.36 23.92 5.09
CA GLU C 157 -7.25 23.69 6.52
C GLU C 157 -7.39 22.21 6.84
N THR C 158 -8.26 21.49 6.10
CA THR C 158 -8.39 20.05 6.28
C THR C 158 -7.09 19.32 5.95
N CYS C 159 -6.43 19.72 4.86
CA CYS C 159 -5.15 19.10 4.53
C CYS C 159 -4.08 19.40 5.57
N ARG C 160 -4.05 20.62 6.11
CA ARG C 160 -3.05 20.91 7.14
C ARG C 160 -3.27 20.04 8.36
N VAL C 161 -4.51 19.98 8.85
CA VAL C 161 -4.79 19.12 9.99
C VAL C 161 -4.49 17.67 9.64
N ALA C 162 -4.87 17.22 8.44
CA ALA C 162 -4.53 15.86 8.03
C ALA C 162 -3.03 15.61 8.16
N ASN C 163 -2.21 16.55 7.67
CA ASN C 163 -0.76 16.39 7.78
C ASN C 163 -0.31 16.40 9.23
N VAL C 164 -0.92 17.24 10.05
CA VAL C 164 -0.59 17.23 11.47
C VAL C 164 -0.85 15.86 12.07
N LEU C 165 -2.03 15.29 11.80
CA LEU C 165 -2.37 13.98 12.35
C LEU C 165 -1.39 12.91 11.88
N LYS C 166 -1.07 12.90 10.58
CA LYS C 166 -0.07 11.95 10.09
C LYS C 166 1.26 12.10 10.82
N SER C 167 1.66 13.34 11.11
CA SER C 167 2.89 13.55 11.86
C SER C 167 2.81 12.99 13.28
N TYR C 168 1.61 12.83 13.83
CA TYR C 168 1.47 12.17 15.12
C TYR C 168 1.46 10.64 14.99
N GLY C 169 1.62 10.12 13.78
CA GLY C 169 1.57 8.69 13.56
C GLY C 169 0.17 8.09 13.47
N VAL C 170 -0.86 8.92 13.32
CA VAL C 170 -2.20 8.41 13.06
C VAL C 170 -2.19 7.67 11.73
N LYS C 171 -2.67 6.44 11.74
CA LYS C 171 -2.72 5.62 10.55
C LYS C 171 -4.17 5.27 10.21
N LYS C 172 -4.35 4.80 8.97
CA LYS C 172 -5.65 4.33 8.51
C LYS C 172 -6.22 3.34 9.52
N GLY C 173 -7.46 3.59 9.95
CA GLY C 173 -8.10 2.71 10.90
C GLY C 173 -7.98 3.12 12.35
N ASP C 174 -7.15 4.11 12.68
CA ASP C 174 -7.03 4.59 14.06
C ASP C 174 -8.21 5.48 14.43
N ALA C 175 -8.61 5.40 15.69
CA ALA C 175 -9.61 6.30 16.23
C ALA C 175 -8.99 7.65 16.58
N VAL C 176 -9.74 8.73 16.34
CA VAL C 176 -9.38 10.06 16.77
C VAL C 176 -10.61 10.70 17.39
N SER C 177 -10.50 11.15 18.64
CA SER C 177 -11.61 11.79 19.35
C SER C 177 -11.65 13.28 19.06
N ILE C 178 -12.86 13.82 18.94
CA ILE C 178 -13.04 15.23 18.60
C ILE C 178 -14.02 15.83 19.61
N TYR C 179 -13.58 16.89 20.29
CA TYR C 179 -14.35 17.55 21.34
C TYR C 179 -14.43 19.02 20.97
N LEU C 180 -15.30 19.36 20.03
CA LEU C 180 -15.33 20.69 19.45
C LEU C 180 -16.74 21.25 19.43
N PRO C 181 -16.90 22.52 19.79
CA PRO C 181 -18.19 23.20 19.60
C PRO C 181 -18.41 23.58 18.14
N MET C 182 -19.44 24.39 17.91
CA MET C 182 -19.92 24.67 16.56
C MET C 182 -19.13 25.82 15.93
N THR C 183 -17.84 25.59 15.73
CA THR C 183 -17.03 26.44 14.88
C THR C 183 -16.75 25.70 13.57
N TRP C 184 -16.47 26.45 12.50
CA TRP C 184 -16.39 25.83 11.19
C TRP C 184 -15.24 24.83 11.10
N GLN C 185 -14.18 25.02 11.89
CA GLN C 185 -13.06 24.10 11.83
C GLN C 185 -13.41 22.71 12.30
N ALA C 186 -14.55 22.53 12.98
CA ALA C 186 -15.03 21.19 13.27
C ALA C 186 -15.10 20.36 12.00
N ALA C 187 -15.62 20.96 10.92
CA ALA C 187 -15.71 20.24 9.65
C ALA C 187 -14.34 19.82 9.14
N ALA C 188 -13.34 20.71 9.27
CA ALA C 188 -11.99 20.35 8.86
C ALA C 188 -11.50 19.16 9.68
N ALA C 189 -11.73 19.19 11.00
CA ALA C 189 -11.32 18.09 11.86
C ALA C 189 -11.97 16.78 11.44
N PHE C 190 -13.29 16.77 11.24
CA PHE C 190 -13.97 15.58 10.74
C PHE C 190 -13.33 15.11 9.44
N LEU C 191 -13.17 16.02 8.49
CA LEU C 191 -12.77 15.61 7.16
C LEU C 191 -11.28 15.28 7.10
N ALA C 192 -10.46 15.85 7.99
CA ALA C 192 -9.04 15.46 8.02
C ALA C 192 -8.89 14.00 8.43
N CYS C 193 -9.65 13.57 9.44
CA CYS C 193 -9.66 12.16 9.80
C CYS C 193 -10.10 11.32 8.61
N ALA C 194 -11.20 11.70 7.97
CA ALA C 194 -11.67 10.94 6.83
C ALA C 194 -10.64 10.92 5.72
N ARG C 195 -9.88 12.01 5.57
CA ARG C 195 -8.91 12.10 4.49
C ARG C 195 -7.82 11.04 4.60
N ILE C 196 -7.41 10.72 5.83
CA ILE C 196 -6.32 9.78 6.04
C ILE C 196 -6.82 8.40 6.42
N GLY C 197 -8.13 8.20 6.46
CA GLY C 197 -8.70 6.92 6.85
C GLY C 197 -8.77 6.69 8.33
N ALA C 198 -8.50 7.71 9.14
CA ALA C 198 -8.74 7.60 10.56
C ALA C 198 -10.25 7.61 10.81
N ILE C 199 -10.64 7.17 11.99
CA ILE C 199 -12.03 7.04 12.38
C ILE C 199 -12.31 8.12 13.42
N HIS C 200 -13.01 9.18 13.04
CA HIS C 200 -13.26 10.20 14.03
C HIS C 200 -14.41 9.78 14.95
N SER C 201 -14.30 10.19 16.21
CA SER C 201 -15.34 9.92 17.23
C SER C 201 -15.64 11.26 17.89
N ALA C 202 -16.69 11.92 17.43
CA ALA C 202 -17.01 13.26 17.92
C ALA C 202 -17.78 13.19 19.23
N VAL C 203 -17.41 14.05 20.17
CA VAL C 203 -18.03 14.10 21.49
C VAL C 203 -18.64 15.48 21.65
N PHE C 204 -19.96 15.52 21.84
CA PHE C 204 -20.71 16.76 21.99
C PHE C 204 -20.06 17.67 23.02
N ALA C 205 -19.86 18.93 22.63
CA ALA C 205 -19.10 19.88 23.46
C ALA C 205 -19.78 20.18 24.79
N GLY C 206 -21.05 19.82 24.93
CA GLY C 206 -21.73 20.01 26.19
C GLY C 206 -21.60 18.86 27.16
N PHE C 207 -20.89 17.81 26.78
CA PHE C 207 -20.67 16.68 27.66
C PHE C 207 -19.67 17.04 28.75
N SER C 208 -19.90 16.49 29.93
CA SER C 208 -19.05 16.62 31.10
C SER C 208 -17.71 15.90 30.89
N ALA C 209 -16.78 16.17 31.80
CA ALA C 209 -15.49 15.48 31.75
C ALA C 209 -15.67 13.97 31.77
N GLU C 210 -16.49 13.48 32.69
CA GLU C 210 -16.71 12.04 32.79
C GLU C 210 -17.28 11.48 31.49
N SER C 211 -18.28 12.14 30.91
CA SER C 211 -18.85 11.64 29.67
C SER C 211 -17.84 11.66 28.53
N LEU C 212 -17.03 12.72 28.44
CA LEU C 212 -15.96 12.76 27.45
C LEU C 212 -14.96 11.64 27.69
N ARG C 213 -14.60 11.42 28.96
CA ARG C 213 -13.58 10.45 29.29
C ARG C 213 -14.00 9.02 28.95
N ASP C 214 -15.25 8.66 29.25
CA ASP C 214 -15.74 7.33 28.91
C ASP C 214 -15.70 7.08 27.40
N ARG C 215 -16.00 8.11 26.60
CA ARG C 215 -16.00 7.96 25.16
C ARG C 215 -14.59 7.94 24.58
N VAL C 216 -13.67 8.72 25.16
CA VAL C 216 -12.27 8.68 24.74
C VAL C 216 -11.68 7.30 25.04
N ASN C 217 -11.88 6.80 26.26
CA ASN C 217 -11.34 5.51 26.65
C ASN C 217 -11.98 4.34 25.89
N ASP C 218 -13.27 4.43 25.55
CA ASP C 218 -13.89 3.31 24.84
C ASP C 218 -13.29 3.12 23.45
N CYS C 219 -13.17 4.21 22.69
CA CYS C 219 -12.65 4.15 21.33
C CYS C 219 -11.14 3.94 21.29
N GLU C 220 -10.44 4.08 22.42
CA GLU C 220 -9.00 3.84 22.50
C GLU C 220 -8.20 4.75 21.57
N CYS C 221 -8.68 5.96 21.33
CA CYS C 221 -7.93 6.90 20.51
C CYS C 221 -6.65 7.33 21.22
N LYS C 222 -5.64 7.70 20.44
CA LYS C 222 -4.41 8.28 20.97
C LYS C 222 -4.29 9.77 20.68
N VAL C 223 -5.24 10.34 19.94
CA VAL C 223 -5.23 11.75 19.59
C VAL C 223 -6.62 12.30 19.88
N LEU C 224 -6.67 13.45 20.55
CA LEU C 224 -7.90 14.21 20.74
C LEU C 224 -7.72 15.60 20.12
N ILE C 225 -8.77 16.07 19.44
CA ILE C 225 -8.80 17.42 18.86
C ILE C 225 -9.87 18.21 19.60
N THR C 226 -9.51 19.39 20.07
CA THR C 226 -10.42 20.18 20.91
C THR C 226 -10.06 21.66 20.76
N THR C 227 -10.68 22.48 21.60
CA THR C 227 -10.48 23.91 21.51
C THR C 227 -10.09 24.46 22.88
N ASP C 228 -9.55 25.68 22.90
CA ASP C 228 -9.26 26.32 24.19
C ASP C 228 -10.56 26.64 24.92
N GLU C 229 -11.51 27.26 24.22
CA GLU C 229 -12.80 27.57 24.80
C GLU C 229 -13.87 27.52 23.72
N GLY C 230 -15.11 27.37 24.16
CA GLY C 230 -16.26 27.54 23.28
C GLY C 230 -17.03 28.79 23.61
N ARG C 231 -17.85 29.26 22.67
CA ARG C 231 -18.68 30.45 22.84
C ARG C 231 -20.07 30.15 22.29
N ARG C 232 -21.08 30.19 23.16
CA ARG C 232 -22.43 29.86 22.74
C ARG C 232 -23.41 30.68 23.55
N GLY C 233 -24.29 31.40 22.85
CA GLY C 233 -25.26 32.23 23.53
C GLY C 233 -24.64 33.29 24.40
N GLY C 234 -23.47 33.79 24.02
CA GLY C 234 -22.78 34.80 24.79
C GLY C 234 -22.03 34.29 25.99
N LYS C 235 -22.01 32.99 26.23
CA LYS C 235 -21.32 32.42 27.39
C LYS C 235 -20.15 31.57 26.91
N THR C 236 -19.16 31.44 27.78
CA THR C 236 -17.94 30.70 27.49
C THR C 236 -18.03 29.28 28.04
N ILE C 237 -17.58 28.32 27.24
CA ILE C 237 -17.46 26.92 27.67
C ILE C 237 -15.98 26.63 27.85
N ALA C 238 -15.59 26.20 29.04
CA ALA C 238 -14.17 25.94 29.31
C ALA C 238 -13.82 24.52 28.85
N THR C 239 -13.74 24.35 27.53
CA THR C 239 -13.51 23.02 26.99
C THR C 239 -12.12 22.49 27.36
N LYS C 240 -11.08 23.33 27.27
CA LYS C 240 -9.75 22.82 27.59
C LYS C 240 -9.64 22.43 29.05
N GLN C 241 -10.35 23.14 29.93
CA GLN C 241 -10.44 22.73 31.32
C GLN C 241 -11.11 21.37 31.44
N ILE C 242 -12.24 21.20 30.76
CA ILE C 242 -12.95 19.91 30.84
C ILE C 242 -12.06 18.80 30.28
N VAL C 243 -11.32 19.10 29.21
CA VAL C 243 -10.43 18.11 28.60
C VAL C 243 -9.37 17.65 29.60
N ASP C 244 -8.77 18.59 30.33
CA ASP C 244 -7.70 18.23 31.25
C ASP C 244 -8.21 17.38 32.40
N ALA C 245 -9.42 17.66 32.87
CA ALA C 245 -10.03 16.80 33.90
C ALA C 245 -10.33 15.43 33.33
N ALA C 246 -10.84 15.38 32.09
CA ALA C 246 -11.14 14.10 31.46
C ALA C 246 -9.87 13.27 31.28
N LEU C 247 -8.83 13.86 30.70
CA LEU C 247 -7.62 13.13 30.32
C LEU C 247 -6.80 12.65 31.50
N GLN C 248 -7.08 13.12 32.72
CA GLN C 248 -6.40 12.56 33.88
C GLN C 248 -6.60 11.06 34.00
N GLN C 249 -7.69 10.53 33.46
CA GLN C 249 -7.96 9.10 33.51
C GLN C 249 -8.09 8.51 32.10
N CYS C 250 -7.35 9.05 31.14
CA CYS C 250 -7.33 8.54 29.76
C CYS C 250 -5.90 8.16 29.41
N PRO C 251 -5.45 6.96 29.76
CA PRO C 251 -4.01 6.65 29.65
C PRO C 251 -3.49 6.54 28.22
N LEU C 252 -4.34 6.38 27.22
CA LEU C 252 -3.84 6.17 25.86
C LEU C 252 -3.63 7.47 25.09
N VAL C 253 -4.16 8.59 25.54
CA VAL C 253 -4.09 9.82 24.76
C VAL C 253 -2.68 10.40 24.86
N GLU C 254 -2.00 10.51 23.72
CA GLU C 254 -0.64 11.03 23.70
C GLU C 254 -0.55 12.45 23.13
N ASN C 255 -1.50 12.84 22.28
CA ASN C 255 -1.45 14.11 21.58
C ASN C 255 -2.82 14.75 21.62
N VAL C 256 -2.87 16.03 21.96
CA VAL C 256 -4.08 16.83 21.93
C VAL C 256 -3.80 18.05 21.05
N LEU C 257 -4.67 18.27 20.08
CA LEU C 257 -4.56 19.40 19.14
C LEU C 257 -5.61 20.42 19.54
N VAL C 258 -5.17 21.64 19.88
CA VAL C 258 -6.01 22.63 20.53
C VAL C 258 -6.25 23.80 19.59
N LEU C 259 -7.51 23.97 19.17
CA LEU C 259 -7.90 25.11 18.35
C LEU C 259 -7.99 26.36 19.21
N ARG C 260 -7.41 27.46 18.73
CA ARG C 260 -7.41 28.72 19.48
C ARG C 260 -8.64 29.52 19.12
N ARG C 261 -9.78 29.10 19.67
CA ARG C 261 -11.06 29.74 19.34
C ARG C 261 -11.21 31.10 20.02
N THR C 262 -10.73 31.24 21.26
CA THR C 262 -10.85 32.50 21.98
C THR C 262 -9.52 33.16 22.31
N GLY C 263 -8.43 32.40 22.42
CA GLY C 263 -7.17 32.98 22.82
C GLY C 263 -7.01 33.24 24.30
N ASN C 264 -8.05 33.01 25.11
CA ASN C 264 -7.92 33.22 26.55
C ASN C 264 -6.99 32.16 27.14
N LYS C 265 -6.32 32.54 28.23
CA LYS C 265 -5.33 31.67 28.83
C LYS C 265 -5.99 30.37 29.30
N VAL C 266 -5.51 29.26 28.77
CA VAL C 266 -5.95 27.93 29.18
C VAL C 266 -4.70 27.11 29.51
N PRO C 267 -4.78 26.12 30.40
CA PRO C 267 -3.61 25.27 30.64
C PRO C 267 -3.24 24.48 29.41
N MET C 268 -1.93 24.34 29.18
CA MET C 268 -1.40 23.48 28.13
C MET C 268 -0.32 22.61 28.74
N THR C 269 -0.41 21.30 28.50
CA THR C 269 0.55 20.34 29.02
C THR C 269 1.70 20.20 28.03
N GLU C 270 2.92 20.45 28.51
CA GLU C 270 4.08 20.45 27.62
C GLU C 270 4.22 19.10 26.95
N GLY C 271 4.44 19.11 25.65
CA GLY C 271 4.57 17.87 24.89
C GLY C 271 3.26 17.28 24.41
N ARG C 272 2.31 17.09 25.33
CA ARG C 272 1.03 16.49 24.97
C ARG C 272 0.15 17.44 24.17
N ASP C 273 0.16 18.72 24.54
CA ASP C 273 -0.78 19.70 24.01
C ASP C 273 -0.04 20.65 23.06
N LYS C 274 -0.58 20.83 21.85
CA LYS C 274 -0.01 21.74 20.88
C LYS C 274 -1.11 22.61 20.29
N TRP C 275 -0.75 23.82 19.85
CA TRP C 275 -1.73 24.73 19.27
C TRP C 275 -2.02 24.34 17.82
N TRP C 276 -3.31 24.30 17.48
CA TRP C 276 -3.76 23.97 16.13
C TRP C 276 -3.05 24.83 15.08
N ASP C 277 -3.00 26.14 15.31
CA ASP C 277 -2.46 27.06 14.29
C ASP C 277 -0.94 26.93 14.17
N GLU C 278 -0.25 26.72 15.29
CA GLU C 278 1.19 26.52 15.24
C GLU C 278 1.56 25.19 14.57
N GLU C 279 0.77 24.14 14.81
CA GLU C 279 1.04 22.87 14.14
C GLU C 279 0.75 22.93 12.65
N CYS C 280 -0.37 23.55 12.28
CA CYS C 280 -0.76 23.58 10.88
C CYS C 280 0.18 24.45 10.05
N ALA C 281 0.77 25.46 10.67
CA ALA C 281 1.69 26.35 9.96
C ALA C 281 2.96 25.66 9.49
N LYS C 282 3.28 24.50 10.08
CA LYS C 282 4.43 23.72 9.64
C LYS C 282 4.12 22.82 8.47
N MET C 283 2.87 22.67 8.10
CA MET C 283 2.45 21.62 7.19
C MET C 283 2.06 22.18 5.84
N PRO C 284 2.25 21.40 4.76
CA PRO C 284 1.74 21.80 3.45
C PRO C 284 0.22 21.91 3.52
N ALA C 285 -0.33 22.71 2.61
CA ALA C 285 -1.78 22.91 2.55
C ALA C 285 -2.47 21.91 1.63
N TYR C 286 -1.74 20.88 1.18
CA TYR C 286 -2.31 19.75 0.47
C TYR C 286 -1.75 18.48 1.08
N CYS C 287 -2.56 17.42 1.05
CA CYS C 287 -2.30 16.10 1.59
C CYS C 287 -3.08 15.11 0.72
N PRO C 288 -2.49 14.00 0.27
CA PRO C 288 -3.23 13.06 -0.57
C PRO C 288 -4.33 12.35 0.22
N CYS C 289 -5.30 11.80 -0.51
CA CYS C 289 -6.42 11.07 0.10
C CYS C 289 -6.09 9.59 0.19
N GLU C 290 -6.21 9.04 1.41
CA GLU C 290 -6.21 7.58 1.54
C GLU C 290 -7.36 6.97 0.74
N ARG C 291 -7.07 5.92 -0.02
CA ARG C 291 -8.08 5.25 -0.83
C ARG C 291 -8.79 4.23 0.05
N MET C 292 -10.03 4.52 0.43
CA MET C 292 -10.74 3.70 1.41
C MET C 292 -11.69 2.71 0.73
N ALA C 293 -11.70 1.48 1.22
CA ALA C 293 -12.74 0.57 0.78
C ALA C 293 -14.10 1.13 1.19
N SER C 294 -15.11 0.85 0.38
CA SER C 294 -16.49 1.21 0.69
C SER C 294 -16.85 0.92 2.13
N GLU C 295 -16.44 -0.24 2.65
CA GLU C 295 -16.88 -0.68 3.97
C GLU C 295 -15.88 -0.35 5.08
N ASP C 296 -14.85 0.45 4.79
CA ASP C 296 -13.99 0.91 5.85
C ASP C 296 -14.78 1.84 6.77
N PRO C 297 -14.59 1.74 8.09
CA PRO C 297 -15.36 2.59 9.00
C PRO C 297 -15.02 4.05 8.79
N LEU C 298 -16.07 4.88 8.76
CA LEU C 298 -15.94 6.32 8.59
C LEU C 298 -15.89 7.03 9.93
N PHE C 299 -16.80 6.71 10.84
CA PHE C 299 -16.76 7.32 12.16
C PHE C 299 -17.47 6.44 13.16
N ILE C 300 -17.21 6.73 14.44
CA ILE C 300 -18.00 6.22 15.56
C ILE C 300 -18.73 7.41 16.14
N LEU C 301 -20.00 7.20 16.52
CA LEU C 301 -20.78 8.21 17.21
C LEU C 301 -21.42 7.54 18.43
N TYR C 302 -20.98 7.92 19.62
CA TYR C 302 -21.54 7.32 20.82
C TYR C 302 -22.96 7.83 21.04
N THR C 303 -23.88 6.89 21.29
CA THR C 303 -25.31 7.14 21.30
C THR C 303 -25.91 6.37 22.47
N SER C 304 -26.92 6.96 23.11
CA SER C 304 -27.62 6.29 24.21
C SER C 304 -28.55 5.21 23.68
N LYS C 309 -24.75 1.86 29.02
CA LYS C 309 -23.58 2.55 28.50
C LYS C 309 -23.80 2.97 27.04
N PRO C 310 -23.20 4.09 26.64
CA PRO C 310 -23.41 4.58 25.26
C PRO C 310 -22.76 3.64 24.26
N LYS C 311 -23.52 3.34 23.20
CA LYS C 311 -23.06 2.46 22.13
C LYS C 311 -22.30 3.28 21.09
N GLY C 312 -21.10 2.84 20.74
CA GLY C 312 -20.35 3.49 19.69
C GLY C 312 -20.85 3.10 18.32
N VAL C 313 -21.84 3.82 17.80
CA VAL C 313 -22.46 3.44 16.53
C VAL C 313 -21.47 3.70 15.41
N VAL C 314 -21.21 2.68 14.59
CA VAL C 314 -20.20 2.71 13.55
C VAL C 314 -20.85 2.82 12.19
N HIS C 315 -20.44 3.79 11.40
CA HIS C 315 -20.87 3.90 10.02
C HIS C 315 -19.70 3.67 9.07
N SER C 316 -19.98 2.95 7.98
CA SER C 316 -18.96 2.74 6.97
C SER C 316 -18.96 3.95 6.03
N THR C 317 -18.31 3.83 4.87
CA THR C 317 -17.98 5.01 4.08
C THR C 317 -18.93 5.23 2.91
N ALA C 318 -18.89 4.35 1.91
CA ALA C 318 -19.66 4.59 0.68
C ALA C 318 -21.15 4.70 0.96
N GLY C 319 -21.72 3.69 1.62
CA GLY C 319 -23.16 3.68 1.80
C GLY C 319 -23.66 4.87 2.61
N TYR C 320 -22.94 5.19 3.68
CA TYR C 320 -23.33 6.34 4.51
C TYR C 320 -23.30 7.61 3.69
N LEU C 321 -22.17 7.86 3.01
CA LEU C 321 -22.02 9.05 2.19
C LEU C 321 -23.08 9.13 1.11
N LEU C 322 -23.43 8.00 0.50
CA LEU C 322 -24.43 8.02 -0.56
C LEU C 322 -25.81 8.34 0.01
N GLY C 323 -26.16 7.74 1.15
CA GLY C 323 -27.46 7.99 1.75
C GLY C 323 -27.65 9.43 2.18
N THR C 324 -26.59 10.04 2.73
CA THR C 324 -26.71 11.44 3.17
C THR C 324 -26.78 12.37 1.95
N ALA C 325 -26.05 12.04 0.89
CA ALA C 325 -26.08 12.89 -0.30
C ALA C 325 -27.42 12.80 -1.02
N LEU C 326 -27.99 11.59 -1.09
CA LEU C 326 -29.27 11.43 -1.80
C LEU C 326 -30.43 11.98 -0.98
N THR C 327 -30.41 11.81 0.34
CA THR C 327 -31.48 12.37 1.15
C THR C 327 -31.45 13.89 1.12
N LEU C 328 -30.25 14.49 1.20
CA LEU C 328 -30.18 15.94 1.10
C LEU C 328 -30.74 16.42 -0.22
N LYS C 329 -30.37 15.76 -1.33
CA LYS C 329 -30.79 16.20 -2.65
C LYS C 329 -32.31 16.13 -2.82
N TYR C 330 -32.94 15.09 -2.28
CA TYR C 330 -34.34 14.81 -2.60
C TYR C 330 -35.31 15.21 -1.50
N VAL C 331 -34.98 14.95 -0.24
CA VAL C 331 -35.86 15.37 0.85
C VAL C 331 -35.90 16.90 0.96
N PHE C 332 -34.80 17.58 0.64
CA PHE C 332 -34.78 19.03 0.73
C PHE C 332 -34.74 19.70 -0.65
N ASP C 333 -34.87 18.93 -1.71
CA ASP C 333 -34.82 19.42 -3.10
C ASP C 333 -33.66 20.41 -3.27
N ALA C 334 -32.48 19.97 -2.86
CA ALA C 334 -31.30 20.83 -2.93
C ALA C 334 -30.86 21.05 -4.38
N HIS C 335 -30.41 22.26 -4.67
CA HIS C 335 -29.93 22.64 -5.98
C HIS C 335 -28.54 23.27 -5.86
N PRO C 336 -27.76 23.27 -6.94
CA PRO C 336 -26.31 23.55 -6.81
C PRO C 336 -25.95 24.86 -6.12
N ASP C 337 -26.80 25.88 -6.19
CA ASP C 337 -26.49 27.14 -5.55
C ASP C 337 -27.24 27.34 -4.24
N ASP C 338 -27.83 26.28 -3.69
CA ASP C 338 -28.61 26.42 -2.47
C ASP C 338 -27.71 26.71 -1.28
N ARG C 339 -28.30 27.32 -0.27
CA ARG C 339 -27.62 27.63 0.99
C ARG C 339 -28.41 26.96 2.10
N PHE C 340 -27.92 25.81 2.54
CA PHE C 340 -28.65 24.91 3.43
C PHE C 340 -28.27 25.21 4.88
N ALA C 341 -29.26 25.44 5.72
CA ALA C 341 -29.00 25.87 7.10
C ALA C 341 -29.56 24.82 8.07
N CYS C 342 -28.71 23.88 8.48
CA CYS C 342 -29.05 22.92 9.52
C CYS C 342 -28.54 23.43 10.86
N MET C 343 -29.47 23.73 11.77
CA MET C 343 -29.14 24.40 13.02
C MET C 343 -28.73 23.44 14.13
N ALA C 344 -28.48 22.18 13.82
CA ALA C 344 -28.17 21.17 14.83
C ALA C 344 -26.69 21.27 15.22
N ASP C 345 -26.18 20.24 15.91
CA ASP C 345 -24.82 20.22 16.41
C ASP C 345 -24.05 19.07 15.78
N ILE C 346 -22.81 19.34 15.35
CA ILE C 346 -21.99 18.30 14.76
C ILE C 346 -21.66 17.17 15.74
N GLY C 347 -21.98 17.34 17.03
CA GLY C 347 -21.82 16.26 17.98
C GLY C 347 -22.89 15.19 17.90
N TRP C 348 -23.92 15.41 17.10
CA TRP C 348 -24.99 14.46 16.88
C TRP C 348 -25.04 14.07 15.40
N ILE C 349 -25.83 13.03 15.14
CA ILE C 349 -25.88 12.47 13.79
C ILE C 349 -26.51 13.46 12.81
N THR C 350 -27.36 14.37 13.29
N THR C 350 -27.37 14.36 13.27
CA THR C 350 -27.94 15.37 12.40
CA THR C 350 -27.92 15.37 12.37
C THR C 350 -26.86 16.32 11.88
C THR C 350 -26.82 16.29 11.87
N GLY C 351 -25.94 16.72 12.75
CA GLY C 351 -24.81 17.53 12.31
C GLY C 351 -23.82 16.75 11.46
N HIS C 352 -23.63 15.46 11.77
CA HIS C 352 -22.78 14.62 10.93
C HIS C 352 -23.32 14.57 9.51
N SER C 353 -24.61 14.27 9.37
CA SER C 353 -25.21 13.92 8.09
C SER C 353 -25.68 15.16 7.32
N TYR C 354 -26.22 16.16 8.00
CA TYR C 354 -26.86 17.28 7.31
C TYR C 354 -26.23 18.63 7.62
N ILE C 355 -25.10 18.67 8.29
CA ILE C 355 -24.24 19.85 8.31
C ILE C 355 -22.98 19.62 7.49
N ILE C 356 -22.32 18.48 7.70
CA ILE C 356 -21.02 18.20 7.11
C ILE C 356 -21.17 17.34 5.85
N TYR C 357 -21.51 16.06 6.04
CA TYR C 357 -21.32 15.08 4.96
C TYR C 357 -22.32 15.29 3.83
N GLY C 358 -23.62 15.32 4.15
CA GLY C 358 -24.65 15.52 3.14
C GLY C 358 -24.46 16.76 2.27
N PRO C 359 -24.35 17.94 2.87
CA PRO C 359 -24.27 19.17 2.05
C PRO C 359 -22.95 19.33 1.32
N LEU C 360 -21.83 19.00 1.95
CA LEU C 360 -20.55 19.12 1.25
C LEU C 360 -20.39 18.06 0.18
N ALA C 361 -20.96 16.86 0.36
CA ALA C 361 -20.89 15.88 -0.71
C ALA C 361 -21.63 16.37 -1.95
N ASN C 362 -22.71 17.13 -1.76
CA ASN C 362 -23.42 17.77 -2.87
C ASN C 362 -22.73 19.05 -3.36
N GLY C 363 -21.71 19.52 -2.66
CA GLY C 363 -21.01 20.69 -3.15
C GLY C 363 -21.77 21.99 -3.01
N ILE C 364 -22.79 22.03 -2.18
CA ILE C 364 -23.52 23.27 -1.96
C ILE C 364 -22.95 23.95 -0.73
N THR C 365 -23.61 25.01 -0.26
CA THR C 365 -23.20 25.76 0.91
C THR C 365 -23.97 25.28 2.13
N THR C 366 -23.25 25.03 3.23
CA THR C 366 -23.85 24.60 4.48
C THR C 366 -23.52 25.60 5.59
N ALA C 367 -24.41 25.69 6.57
CA ALA C 367 -24.25 26.62 7.68
C ALA C 367 -23.66 25.91 8.89
N VAL C 368 -22.72 26.56 9.55
CA VAL C 368 -22.25 26.14 10.86
C VAL C 368 -22.65 27.26 11.82
N PHE C 369 -23.71 27.01 12.62
CA PHE C 369 -24.35 28.02 13.45
C PHE C 369 -23.90 27.81 14.90
N GLU C 370 -23.14 28.76 15.43
CA GLU C 370 -22.47 28.61 16.71
C GLU C 370 -23.33 28.98 17.92
N SER C 371 -24.45 29.67 17.72
CA SER C 371 -25.15 30.32 18.82
C SER C 371 -26.37 29.50 19.24
N THR C 372 -27.31 30.14 19.93
CA THR C 372 -28.61 29.59 20.32
C THR C 372 -29.70 30.28 19.51
N PRO C 373 -30.91 29.69 19.43
CA PRO C 373 -31.98 30.35 18.65
C PRO C 373 -32.52 31.62 19.28
N VAL C 374 -32.17 31.93 20.54
CA VAL C 374 -32.68 33.09 21.22
C VAL C 374 -31.55 34.06 21.60
N TYR C 375 -30.39 33.94 20.96
CA TYR C 375 -29.30 34.86 21.25
C TYR C 375 -28.85 35.60 20.00
N PRO C 376 -28.63 36.92 20.07
CA PRO C 376 -28.91 37.81 21.22
C PRO C 376 -30.40 37.90 21.57
N THR C 377 -31.26 37.76 20.58
CA THR C 377 -32.71 37.82 20.75
C THR C 377 -33.36 36.62 20.09
N PRO C 378 -34.62 36.32 20.44
CA PRO C 378 -35.36 35.25 19.72
C PRO C 378 -35.51 35.49 18.22
N SER C 379 -35.07 36.65 17.73
CA SER C 379 -35.13 36.96 16.31
C SER C 379 -34.06 36.25 15.49
N ARG C 380 -33.17 35.49 16.12
CA ARG C 380 -31.89 35.14 15.51
C ARG C 380 -32.06 34.32 14.24
N TYR C 381 -32.89 33.27 14.30
CA TYR C 381 -33.00 32.36 13.16
C TYR C 381 -33.33 33.10 11.87
N TRP C 382 -34.26 34.05 11.93
CA TRP C 382 -34.69 34.76 10.74
C TRP C 382 -33.78 35.94 10.40
N ASP C 383 -33.13 36.55 11.39
CA ASP C 383 -32.03 37.44 11.09
C ASP C 383 -30.96 36.71 10.28
N PHE C 384 -30.66 35.48 10.68
CA PHE C 384 -29.74 34.65 9.92
C PHE C 384 -30.30 34.32 8.54
N VAL C 385 -31.57 33.90 8.47
CA VAL C 385 -32.15 33.52 7.19
C VAL C 385 -32.08 34.70 6.21
N ASP C 386 -32.41 35.90 6.68
CA ASP C 386 -32.40 37.07 5.81
C ASP C 386 -30.99 37.48 5.43
N LYS C 387 -30.06 37.47 6.38
CA LYS C 387 -28.71 37.94 6.10
C LYS C 387 -28.03 37.07 5.05
N TRP C 388 -28.31 35.77 5.03
CA TRP C 388 -27.65 34.85 4.12
C TRP C 388 -28.56 34.32 3.03
N LYS C 389 -29.85 34.66 3.05
CA LYS C 389 -30.82 34.18 2.06
C LYS C 389 -30.79 32.66 1.98
N ALA C 390 -30.88 32.01 3.15
CA ALA C 390 -30.89 30.56 3.20
C ALA C 390 -32.08 30.01 2.41
N THR C 391 -31.86 28.90 1.71
CA THR C 391 -32.91 28.29 0.91
C THR C 391 -33.61 27.14 1.63
N GLN C 392 -32.96 26.52 2.61
CA GLN C 392 -33.61 25.53 3.46
C GLN C 392 -33.20 25.80 4.91
N LEU C 393 -34.10 25.46 5.82
CA LEU C 393 -33.83 25.53 7.26
C LEU C 393 -34.29 24.22 7.88
N TYR C 394 -33.41 23.63 8.70
CA TYR C 394 -33.61 22.28 9.23
C TYR C 394 -33.30 22.33 10.72
N THR C 395 -34.31 22.20 11.55
CA THR C 395 -34.10 22.28 12.99
C THR C 395 -35.05 21.32 13.70
N ALA C 396 -34.92 21.27 15.01
CA ALA C 396 -35.77 20.45 15.86
C ALA C 396 -37.06 21.20 16.19
N PRO C 397 -38.18 20.48 16.31
CA PRO C 397 -39.42 21.13 16.76
C PRO C 397 -39.27 21.81 18.12
N THR C 398 -38.34 21.35 18.95
CA THR C 398 -38.09 22.00 20.23
C THR C 398 -37.67 23.46 20.03
N ALA C 399 -36.75 23.71 19.09
CA ALA C 399 -36.34 25.08 18.82
C ALA C 399 -37.51 25.90 18.31
N ILE C 400 -38.32 25.34 17.41
CA ILE C 400 -39.49 26.06 16.92
C ILE C 400 -40.49 26.27 18.05
N ARG C 401 -40.50 25.39 19.05
CA ARG C 401 -41.38 25.56 20.21
C ARG C 401 -40.81 26.54 21.22
N LEU C 402 -39.47 26.67 21.30
CA LEU C 402 -38.89 27.69 22.18
C LEU C 402 -39.17 29.08 21.64
N LEU C 403 -38.98 29.29 20.34
CA LEU C 403 -39.34 30.55 19.71
C LEU C 403 -40.85 30.81 19.75
N ARG C 404 -41.65 29.77 19.94
CA ARG C 404 -43.10 29.97 20.06
C ARG C 404 -43.44 30.75 21.33
N ARG C 405 -42.77 30.43 22.44
CA ARG C 405 -43.02 31.13 23.69
C ARG C 405 -42.65 32.60 23.62
N MET C 406 -41.85 33.00 22.64
CA MET C 406 -41.29 34.34 22.59
C MET C 406 -42.11 35.32 21.76
N GLY C 407 -43.26 34.90 21.24
CA GLY C 407 -44.14 35.83 20.55
C GLY C 407 -43.84 35.95 19.07
N GLU C 408 -44.89 36.25 18.30
CA GLU C 408 -44.79 36.31 16.84
C GLU C 408 -44.11 37.58 16.34
N ASP C 409 -43.79 38.53 17.22
CA ASP C 409 -43.16 39.78 16.79
C ASP C 409 -41.79 39.55 16.17
N HIS C 410 -41.17 38.40 16.41
CA HIS C 410 -39.82 38.14 15.95
C HIS C 410 -39.76 37.48 14.57
N VAL C 411 -40.88 37.04 14.03
CA VAL C 411 -40.91 36.45 12.69
C VAL C 411 -41.68 37.29 11.68
N LYS C 412 -42.57 38.19 12.14
CA LYS C 412 -43.39 38.95 11.21
C LYS C 412 -42.59 40.02 10.47
N ASN C 413 -41.52 40.53 11.07
CA ASN C 413 -40.77 41.61 10.46
C ASN C 413 -39.92 41.15 9.28
N HIS C 414 -39.68 39.85 9.16
CA HIS C 414 -38.66 39.33 8.27
C HIS C 414 -39.22 38.90 6.92
N ASP C 415 -38.32 38.80 5.94
CA ASP C 415 -38.63 38.41 4.57
C ASP C 415 -38.89 36.91 4.48
N LEU C 416 -37.85 36.10 4.63
CA LEU C 416 -37.89 34.65 4.58
C LEU C 416 -38.27 34.12 3.20
N SER C 417 -38.30 34.99 2.19
CA SER C 417 -38.69 34.58 0.84
C SER C 417 -37.71 33.58 0.25
N SER C 418 -36.45 33.61 0.70
CA SER C 418 -35.44 32.73 0.13
C SER C 418 -35.73 31.27 0.43
N LEU C 419 -36.42 30.99 1.54
CA LEU C 419 -36.67 29.63 1.96
C LEU C 419 -37.67 28.95 1.03
N ARG C 420 -37.47 27.65 0.83
CA ARG C 420 -38.41 26.81 0.07
C ARG C 420 -38.80 25.55 0.81
N VAL C 421 -37.99 25.06 1.74
CA VAL C 421 -38.29 23.87 2.52
C VAL C 421 -37.89 24.16 3.96
N LEU C 422 -38.78 23.84 4.90
CA LEU C 422 -38.45 23.90 6.32
C LEU C 422 -38.56 22.49 6.90
N GLY C 423 -37.43 21.98 7.40
CA GLY C 423 -37.36 20.63 7.91
C GLY C 423 -37.48 20.57 9.42
N SER C 424 -37.97 19.44 9.91
CA SER C 424 -38.14 19.18 11.33
C SER C 424 -37.66 17.76 11.62
N VAL C 425 -36.96 17.58 12.73
CA VAL C 425 -36.31 16.31 13.02
C VAL C 425 -36.04 16.19 14.51
N GLY C 426 -36.09 14.96 15.02
CA GLY C 426 -35.61 14.64 16.35
C GLY C 426 -36.67 14.22 17.33
N GLU C 427 -37.94 14.44 17.02
CA GLU C 427 -39.06 14.28 17.96
C GLU C 427 -40.34 14.62 17.22
N PRO C 428 -41.51 14.30 17.78
CA PRO C 428 -42.76 14.67 17.10
C PRO C 428 -42.91 16.19 17.03
N ILE C 429 -43.60 16.65 15.99
CA ILE C 429 -43.96 18.05 15.84
C ILE C 429 -45.46 18.16 16.08
N ASN C 430 -45.85 18.83 17.16
CA ASN C 430 -47.25 19.00 17.49
C ASN C 430 -47.95 19.79 16.38
N PRO C 431 -49.26 19.56 16.18
CA PRO C 431 -49.97 20.29 15.11
C PRO C 431 -49.86 21.81 15.24
N GLU C 432 -49.88 22.33 16.47
CA GLU C 432 -49.75 23.77 16.65
C GLU C 432 -48.37 24.27 16.22
N ALA C 433 -47.32 23.51 16.56
CA ALA C 433 -45.97 23.88 16.13
C ALA C 433 -45.79 23.70 14.62
N TRP C 434 -46.41 22.66 14.05
CA TRP C 434 -46.38 22.48 12.61
C TRP C 434 -47.02 23.67 11.90
N HIS C 435 -48.19 24.10 12.37
CA HIS C 435 -48.89 25.22 11.75
C HIS C 435 -48.11 26.53 11.94
N TRP C 436 -47.66 26.80 13.17
CA TRP C 436 -46.90 28.02 13.43
C TRP C 436 -45.63 28.07 12.61
N TYR C 437 -45.02 26.91 12.31
CA TYR C 437 -43.88 26.87 11.42
C TYR C 437 -44.30 27.08 9.96
N ASN C 438 -45.42 26.49 9.56
CA ASN C 438 -45.88 26.62 8.17
C ASN C 438 -46.47 28.00 7.92
N ASP C 439 -47.31 28.48 8.84
CA ASP C 439 -48.04 29.73 8.59
C ASP C 439 -47.13 30.95 8.65
N PHE C 440 -46.13 30.93 9.53
CA PHE C 440 -45.27 32.10 9.75
C PHE C 440 -43.91 31.94 9.06
N ALA C 441 -43.14 30.92 9.45
CA ALA C 441 -41.82 30.72 8.85
C ALA C 441 -41.91 30.47 7.35
N GLY C 442 -42.96 29.76 6.92
CA GLY C 442 -43.15 29.49 5.52
C GLY C 442 -44.05 30.50 4.84
N LYS C 443 -44.84 31.24 5.63
CA LYS C 443 -45.84 32.17 5.10
C LYS C 443 -46.76 31.46 4.12
N ASN C 444 -47.07 30.19 4.43
CA ASN C 444 -47.83 29.30 3.55
C ASN C 444 -47.21 29.22 2.15
N GLN C 445 -45.89 29.37 2.07
CA GLN C 445 -45.17 29.31 0.80
C GLN C 445 -44.08 28.27 0.75
N CYS C 446 -43.79 27.57 1.85
CA CYS C 446 -42.75 26.56 1.88
C CYS C 446 -43.35 25.19 2.16
N ALA C 447 -42.59 24.16 1.82
CA ALA C 447 -42.93 22.79 2.19
C ALA C 447 -42.39 22.49 3.57
N ILE C 448 -43.13 21.68 4.31
CA ILE C 448 -42.74 21.24 5.65
C ILE C 448 -42.43 19.76 5.57
N VAL C 449 -41.15 19.40 5.72
CA VAL C 449 -40.74 18.00 5.71
C VAL C 449 -40.47 17.57 7.14
N ASP C 450 -41.40 16.78 7.67
CA ASP C 450 -41.20 16.06 8.93
C ASP C 450 -40.35 14.84 8.63
N THR C 451 -39.09 14.88 9.05
CA THR C 451 -38.11 13.87 8.67
C THR C 451 -37.88 12.94 9.86
N TYR C 452 -38.13 11.65 9.66
CA TYR C 452 -37.95 10.63 10.68
C TYR C 452 -36.74 9.76 10.37
N TRP C 453 -35.86 9.62 11.35
CA TRP C 453 -34.68 8.76 11.25
C TRP C 453 -34.01 8.69 12.62
N MET C 454 -32.89 7.96 12.69
CA MET C 454 -32.15 7.72 13.93
C MET C 454 -30.66 7.75 13.65
N THR C 455 -29.87 7.65 14.71
CA THR C 455 -28.41 7.58 14.53
C THR C 455 -28.02 6.38 13.69
N GLU C 456 -28.71 5.26 13.92
CA GLU C 456 -28.36 3.99 13.30
C GLU C 456 -28.81 3.87 11.85
N THR C 457 -29.68 4.75 11.38
CA THR C 457 -30.11 4.70 9.98
C THR C 457 -29.21 5.52 9.07
N GLY C 458 -28.41 6.43 9.63
CA GLY C 458 -27.44 7.18 8.85
C GLY C 458 -27.98 8.39 8.10
N SER C 459 -29.18 8.25 7.53
CA SER C 459 -29.81 9.30 6.74
C SER C 459 -31.32 9.18 6.92
N ILE C 460 -32.07 10.09 6.30
CA ILE C 460 -33.52 10.15 6.49
C ILE C 460 -34.17 8.83 6.11
N SER C 461 -35.05 8.32 6.98
CA SER C 461 -35.78 7.07 6.72
C SER C 461 -37.16 7.33 6.12
N ILE C 462 -37.89 8.29 6.69
CA ILE C 462 -39.26 8.58 6.27
C ILE C 462 -39.44 10.09 6.31
N ALA C 463 -39.86 10.66 5.18
CA ALA C 463 -40.10 12.08 5.06
C ALA C 463 -40.92 12.30 3.79
N PRO C 464 -41.68 13.38 3.73
CA PRO C 464 -42.31 13.74 2.45
C PRO C 464 -41.29 14.32 1.48
N LEU C 465 -41.45 13.99 0.21
CA LEU C 465 -40.64 14.74 -0.75
C LEU C 465 -41.37 16.01 -1.14
N PRO C 466 -40.71 17.17 -1.09
CA PRO C 466 -41.46 18.44 -1.09
C PRO C 466 -42.22 18.71 -2.38
N GLY C 467 -41.69 18.28 -3.51
CA GLY C 467 -42.35 18.54 -4.78
C GLY C 467 -43.38 17.52 -5.20
N ALA C 468 -43.70 16.56 -4.34
CA ALA C 468 -44.58 15.45 -4.73
C ALA C 468 -45.57 15.02 -3.67
N ILE C 469 -45.35 15.31 -2.38
CA ILE C 469 -46.16 14.78 -1.29
C ILE C 469 -46.89 15.92 -0.60
N SER C 470 -48.22 15.82 -0.53
CA SER C 470 -48.98 16.74 0.30
C SER C 470 -48.77 16.39 1.76
N THR C 471 -48.63 17.42 2.59
CA THR C 471 -48.26 17.25 3.98
C THR C 471 -49.48 17.09 4.89
N LYS C 472 -49.32 16.30 5.94
CA LYS C 472 -50.26 16.22 7.04
C LYS C 472 -49.52 16.61 8.32
N PRO C 473 -49.99 17.64 9.06
CA PRO C 473 -49.27 18.07 10.26
C PRO C 473 -49.04 16.96 11.27
N GLY C 474 -47.80 16.48 11.36
CA GLY C 474 -47.42 15.45 12.31
C GLY C 474 -47.05 14.12 11.68
N SER C 475 -47.24 13.94 10.38
CA SER C 475 -46.97 12.68 9.70
C SER C 475 -45.67 12.77 8.93
N ALA C 476 -44.77 11.83 9.20
CA ALA C 476 -43.54 11.73 8.41
C ALA C 476 -43.81 11.24 6.99
N THR C 477 -45.02 10.73 6.72
CA THR C 477 -45.51 10.41 5.38
C THR C 477 -44.93 9.11 4.84
N PHE C 478 -44.00 9.20 3.88
CA PHE C 478 -43.66 8.05 3.04
C PHE C 478 -42.19 7.67 3.18
N PRO C 479 -41.87 6.39 3.06
CA PRO C 479 -40.47 5.95 3.25
C PRO C 479 -39.58 6.39 2.10
N PHE C 480 -38.36 6.77 2.44
CA PHE C 480 -37.41 7.23 1.44
C PHE C 480 -36.87 6.07 0.60
N PHE C 481 -36.27 6.42 -0.54
CA PHE C 481 -35.65 5.45 -1.43
C PHE C 481 -34.83 4.43 -0.65
N GLY C 482 -35.06 3.15 -0.93
CA GLY C 482 -34.34 2.07 -0.29
C GLY C 482 -34.92 1.61 1.03
N MET C 483 -35.91 2.32 1.57
CA MET C 483 -36.50 2.01 2.87
C MET C 483 -37.87 1.35 2.64
N ASP C 484 -37.90 0.03 2.81
CA ASP C 484 -39.13 -0.75 2.71
C ASP C 484 -39.52 -1.15 4.13
N VAL C 485 -40.56 -0.51 4.66
CA VAL C 485 -40.82 -0.45 6.09
C VAL C 485 -42.21 -0.99 6.39
N ASP C 486 -42.35 -1.69 7.52
CA ASP C 486 -43.59 -2.34 7.91
C ASP C 486 -43.88 -2.10 9.39
N ILE C 487 -45.11 -2.49 9.77
CA ILE C 487 -45.60 -2.41 11.14
C ILE C 487 -45.83 -3.83 11.65
N ILE C 488 -45.29 -4.14 12.82
CA ILE C 488 -45.34 -5.48 13.38
C ILE C 488 -46.01 -5.43 14.74
N ASP C 489 -46.99 -6.31 14.94
CA ASP C 489 -47.59 -6.49 16.25
C ASP C 489 -46.54 -7.03 17.22
N PRO C 490 -46.22 -6.30 18.30
CA PRO C 490 -45.22 -6.81 19.23
C PRO C 490 -45.66 -8.05 19.98
N GLN C 491 -46.96 -8.22 20.22
CA GLN C 491 -47.45 -9.38 20.96
C GLN C 491 -47.38 -10.65 20.11
N THR C 492 -47.62 -10.54 18.80
CA THR C 492 -47.56 -11.68 17.91
C THR C 492 -46.21 -11.80 17.20
N GLY C 493 -45.49 -10.71 17.03
CA GLY C 493 -44.30 -10.74 16.20
C GLY C 493 -44.62 -10.77 14.73
N GLN C 494 -45.81 -10.35 14.35
CA GLN C 494 -46.32 -10.53 12.98
C GLN C 494 -46.55 -9.18 12.31
N VAL C 495 -46.39 -9.17 11.00
CA VAL C 495 -46.59 -7.95 10.22
C VAL C 495 -48.09 -7.67 10.10
N LEU C 496 -48.44 -6.40 10.17
CA LEU C 496 -49.83 -5.95 9.99
C LEU C 496 -49.97 -5.42 8.57
N GLU C 497 -50.69 -6.15 7.73
CA GLU C 497 -50.90 -5.73 6.35
C GLU C 497 -52.08 -4.76 6.26
N GLY C 498 -52.14 -4.04 5.15
CA GLY C 498 -53.19 -3.07 4.95
C GLY C 498 -52.98 -1.79 5.74
N ASN C 499 -54.00 -0.94 5.70
CA ASN C 499 -53.97 0.36 6.34
C ASN C 499 -54.71 0.33 7.67
N ASP C 500 -54.61 1.45 8.40
CA ASP C 500 -55.24 1.63 9.71
C ASP C 500 -54.80 0.55 10.70
N VAL C 501 -53.49 0.58 10.99
CA VAL C 501 -52.88 -0.40 11.89
C VAL C 501 -51.80 0.30 12.72
N GLU C 502 -51.61 -0.20 13.95
CA GLU C 502 -50.61 0.35 14.87
C GLU C 502 -49.80 -0.78 15.50
N GLY C 503 -48.49 -0.56 15.60
CA GLY C 503 -47.58 -1.55 16.16
C GLY C 503 -46.18 -1.00 16.40
N VAL C 504 -45.15 -1.76 16.03
CA VAL C 504 -43.76 -1.33 16.17
C VAL C 504 -43.12 -1.27 14.79
N LEU C 505 -42.24 -0.28 14.59
CA LEU C 505 -41.66 -0.02 13.28
C LEU C 505 -40.45 -0.94 13.03
N VAL C 506 -40.41 -1.53 11.83
CA VAL C 506 -39.31 -2.37 11.41
C VAL C 506 -39.01 -2.08 9.94
N ALA C 507 -37.79 -2.41 9.53
CA ALA C 507 -37.41 -2.33 8.13
C ALA C 507 -37.13 -3.73 7.61
N ARG C 508 -37.62 -4.02 6.40
CA ARG C 508 -37.55 -5.37 5.85
C ARG C 508 -36.14 -5.74 5.39
N ARG C 509 -35.43 -4.81 4.75
CA ARG C 509 -34.16 -5.09 4.12
C ARG C 509 -33.13 -4.04 4.49
N PRO C 510 -31.83 -4.36 4.43
CA PRO C 510 -30.80 -3.35 4.69
C PRO C 510 -30.87 -2.21 3.67
N TRP C 511 -30.37 -1.06 4.08
CA TRP C 511 -30.26 0.13 3.24
C TRP C 511 -28.84 0.66 3.31
N PRO C 512 -28.39 1.37 2.27
CA PRO C 512 -26.95 1.70 2.17
C PRO C 512 -26.34 2.32 3.42
N SER C 513 -27.05 3.21 4.10
CA SER C 513 -26.46 4.00 5.16
C SER C 513 -26.69 3.41 6.56
N ILE C 514 -27.19 2.18 6.64
CA ILE C 514 -27.44 1.60 7.96
C ILE C 514 -26.12 1.45 8.69
N ALA C 515 -26.12 1.73 9.99
CA ALA C 515 -24.94 1.48 10.80
C ALA C 515 -24.56 0.01 10.71
N ARG C 516 -23.26 -0.25 10.72
CA ARG C 516 -22.71 -1.58 10.41
C ARG C 516 -22.34 -2.37 11.66
N THR C 517 -22.08 -1.71 12.77
CA THR C 517 -21.74 -2.39 14.01
C THR C 517 -21.84 -1.38 15.15
N VAL C 518 -21.63 -1.88 16.36
CA VAL C 518 -21.38 -1.08 17.55
C VAL C 518 -19.94 -1.36 17.91
N TYR C 519 -19.18 -0.31 18.21
CA TYR C 519 -17.72 -0.42 18.23
C TYR C 519 -17.24 -1.45 19.23
N ARG C 520 -16.63 -2.54 18.73
CA ARG C 520 -16.12 -3.65 19.52
C ARG C 520 -17.21 -4.32 20.37
N ASP C 521 -18.48 -4.10 20.04
CA ASP C 521 -19.55 -4.76 20.77
C ASP C 521 -20.63 -5.20 19.78
N HIS C 522 -20.21 -5.99 18.80
CA HIS C 522 -21.13 -6.39 17.74
C HIS C 522 -22.29 -7.22 18.29
N LYS C 523 -22.06 -7.93 19.41
CA LYS C 523 -23.15 -8.72 19.99
C LYS C 523 -24.29 -7.82 20.45
N ARG C 524 -23.96 -6.65 20.99
CA ARG C 524 -24.99 -5.70 21.40
C ARG C 524 -25.77 -5.18 20.19
N TYR C 525 -25.05 -4.91 19.11
CA TYR C 525 -25.64 -4.49 17.84
C TYR C 525 -26.69 -5.50 17.37
N LEU C 526 -26.32 -6.77 17.33
CA LEU C 526 -27.28 -7.79 16.91
C LEU C 526 -28.44 -7.88 17.89
N GLU C 527 -28.14 -7.90 19.19
CA GLU C 527 -29.19 -8.11 20.19
C GLU C 527 -30.19 -6.96 20.18
N THR C 528 -29.70 -5.73 20.04
CA THR C 528 -30.59 -4.57 20.15
C THR C 528 -31.48 -4.44 18.91
N TYR C 529 -30.92 -4.66 17.73
CA TYR C 529 -31.60 -4.31 16.48
C TYR C 529 -31.99 -5.52 15.65
N MET C 530 -31.25 -6.62 15.71
CA MET C 530 -31.49 -7.72 14.79
C MET C 530 -32.27 -8.87 15.40
N LYS C 531 -32.19 -9.07 16.72
CA LYS C 531 -32.77 -10.23 17.37
C LYS C 531 -34.26 -10.09 17.68
N PRO C 532 -34.75 -8.95 18.18
CA PRO C 532 -36.18 -8.88 18.57
C PRO C 532 -37.14 -9.38 17.50
N TYR C 533 -36.91 -9.01 16.24
CA TYR C 533 -37.75 -9.46 15.13
C TYR C 533 -36.82 -9.97 14.04
N PRO C 534 -36.48 -11.26 14.05
CA PRO C 534 -35.50 -11.78 13.10
C PRO C 534 -36.00 -11.61 11.67
N GLY C 535 -35.06 -11.37 10.76
CA GLY C 535 -35.40 -10.98 9.42
C GLY C 535 -35.63 -9.50 9.25
N TYR C 536 -35.86 -8.77 10.34
CA TYR C 536 -36.14 -7.34 10.30
C TYR C 536 -35.12 -6.56 11.12
N PHE C 537 -35.03 -5.25 10.83
CA PHE C 537 -34.35 -4.28 11.67
C PHE C 537 -35.36 -3.56 12.53
N PHE C 538 -35.05 -3.42 13.82
CA PHE C 538 -36.00 -2.90 14.81
C PHE C 538 -35.54 -1.52 15.28
N PHE C 539 -36.28 -0.49 14.86
CA PHE C 539 -35.90 0.90 15.17
C PHE C 539 -35.98 1.17 16.67
N GLY C 540 -36.97 0.59 17.34
CA GLY C 540 -37.35 0.97 18.68
C GLY C 540 -38.53 1.91 18.79
N ASP C 541 -39.19 2.24 17.67
CA ASP C 541 -40.28 3.20 17.63
C ASP C 541 -41.61 2.50 17.36
N GLY C 542 -42.67 2.95 18.05
CA GLY C 542 -44.01 2.57 17.67
C GLY C 542 -44.52 3.48 16.56
N ALA C 543 -45.45 2.95 15.76
CA ALA C 543 -45.94 3.73 14.62
C ALA C 543 -47.28 3.18 14.14
N ALA C 544 -48.00 4.04 13.41
CA ALA C 544 -49.28 3.70 12.82
C ALA C 544 -49.34 4.15 11.36
N ARG C 545 -50.01 3.36 10.53
CA ARG C 545 -50.28 3.71 9.15
C ARG C 545 -51.76 4.06 9.02
N ASP C 546 -52.05 5.20 8.39
CA ASP C 546 -53.40 5.74 8.32
C ASP C 546 -54.16 5.10 7.15
N TYR C 547 -55.35 5.64 6.85
CA TYR C 547 -56.16 5.09 5.76
C TYR C 547 -55.52 5.33 4.40
N ASP C 548 -54.72 6.38 4.25
CA ASP C 548 -54.14 6.76 2.97
C ASP C 548 -52.67 6.37 2.83
N GLY C 549 -52.13 5.58 3.76
CA GLY C 549 -50.75 5.16 3.69
C GLY C 549 -49.76 6.04 4.42
N TYR C 550 -50.18 7.20 4.93
CA TYR C 550 -49.30 8.07 5.69
C TYR C 550 -48.86 7.38 6.98
N MET C 551 -47.58 7.52 7.30
CA MET C 551 -46.98 6.95 8.50
C MET C 551 -46.94 7.97 9.62
N TRP C 552 -47.28 7.52 10.84
CA TRP C 552 -47.29 8.37 12.03
C TRP C 552 -46.40 7.75 13.09
N ILE C 553 -45.31 8.42 13.42
CA ILE C 553 -44.35 7.91 14.40
C ILE C 553 -44.85 8.25 15.80
N LYS C 554 -45.07 7.22 16.61
CA LYS C 554 -45.69 7.37 17.92
C LYS C 554 -44.69 7.45 19.06
N GLY C 555 -43.41 7.21 18.81
CA GLY C 555 -42.41 7.36 19.84
C GLY C 555 -41.78 6.02 20.21
N ARG C 556 -40.80 6.11 21.12
CA ARG C 556 -39.98 4.95 21.47
C ARG C 556 -40.77 3.95 22.30
N VAL C 557 -40.76 2.69 21.87
CA VAL C 557 -41.20 1.60 22.73
C VAL C 557 -40.12 1.37 23.76
N ASP C 558 -40.47 1.48 25.05
CA ASP C 558 -39.51 1.50 26.14
C ASP C 558 -38.48 2.61 25.91
N ILE C 561 -36.75 8.17 25.79
CA ILE C 561 -37.07 9.56 26.10
C ILE C 561 -36.28 10.51 25.21
N ASN C 562 -37.00 11.29 24.40
CA ASN C 562 -36.40 12.28 23.50
C ASN C 562 -36.66 13.65 24.08
N VAL C 563 -35.63 14.24 24.70
CA VAL C 563 -35.73 15.51 25.39
C VAL C 563 -35.04 16.58 24.54
N SER C 564 -35.85 17.47 23.95
CA SER C 564 -35.35 18.62 23.19
C SER C 564 -34.47 18.18 22.02
N GLY C 565 -34.86 17.10 21.36
CA GLY C 565 -34.08 16.54 20.27
C GLY C 565 -33.06 15.51 20.71
N HIS C 566 -32.30 15.81 21.75
CA HIS C 566 -31.30 14.88 22.26
C HIS C 566 -31.96 13.65 22.86
N ARG C 567 -31.43 12.48 22.50
CA ARG C 567 -32.02 11.20 22.88
C ARG C 567 -31.33 10.69 24.15
N LEU C 568 -32.11 10.48 25.21
CA LEU C 568 -31.57 10.09 26.50
C LEU C 568 -32.31 8.87 27.03
N SER C 569 -31.56 7.87 27.48
CA SER C 569 -32.14 6.72 28.16
C SER C 569 -32.40 7.06 29.62
N THR C 570 -33.57 6.66 30.13
CA THR C 570 -33.86 6.92 31.53
C THR C 570 -33.00 6.07 32.46
N ALA C 571 -32.36 5.02 31.95
CA ALA C 571 -31.42 4.25 32.76
C ALA C 571 -30.15 5.05 33.06
N GLU C 572 -29.71 5.87 32.10
CA GLU C 572 -28.50 6.66 32.31
C GLU C 572 -28.69 7.73 33.37
N VAL C 573 -29.86 8.38 33.38
CA VAL C 573 -30.12 9.40 34.39
C VAL C 573 -30.39 8.76 35.75
N GLU C 574 -31.02 7.58 35.78
CA GLU C 574 -31.19 6.88 37.06
C GLU C 574 -29.84 6.45 37.62
N SER C 575 -28.93 6.00 36.75
CA SER C 575 -27.59 5.64 37.20
C SER C 575 -26.83 6.87 37.72
N ALA C 576 -27.06 8.04 37.10
CA ALA C 576 -26.38 9.25 37.55
C ALA C 576 -26.88 9.70 38.92
N LEU C 577 -28.19 9.58 39.15
CA LEU C 577 -28.76 9.99 40.43
C LEU C 577 -28.40 9.01 41.54
N ILE C 578 -28.31 7.72 41.23
CA ILE C 578 -28.01 6.71 42.24
C ILE C 578 -26.64 6.94 42.88
N LEU C 579 -25.69 7.48 42.11
CA LEU C 579 -24.35 7.66 42.62
C LEU C 579 -24.27 8.75 43.69
N HIS C 580 -25.24 9.66 43.73
CA HIS C 580 -25.27 10.67 44.79
C HIS C 580 -25.45 10.01 46.15
N LYS C 581 -24.65 10.43 47.12
CA LYS C 581 -24.73 9.87 48.45
C LYS C 581 -26.12 10.08 49.03
N GLY C 582 -26.64 9.06 49.72
CA GLY C 582 -27.94 9.11 50.33
C GLY C 582 -29.08 8.61 49.44
N VAL C 583 -28.91 8.68 48.12
CA VAL C 583 -29.93 8.18 47.21
C VAL C 583 -29.98 6.66 47.31
N ALA C 584 -31.13 6.13 47.72
CA ALA C 584 -31.31 4.69 47.92
C ALA C 584 -31.79 4.00 46.63
N GLU C 585 -32.93 4.43 46.10
CA GLU C 585 -33.43 3.94 44.82
C GLU C 585 -34.11 5.08 44.08
N THR C 586 -33.97 5.10 42.76
CA THR C 586 -34.49 6.18 41.95
C THR C 586 -35.12 5.61 40.68
N ALA C 587 -36.13 6.31 40.18
CA ALA C 587 -36.81 5.94 38.94
C ALA C 587 -37.09 7.19 38.14
N VAL C 588 -36.85 7.12 36.84
CA VAL C 588 -36.99 8.26 35.94
C VAL C 588 -37.92 7.87 34.80
N VAL C 589 -38.93 8.72 34.54
CA VAL C 589 -39.88 8.52 33.47
C VAL C 589 -39.97 9.80 32.65
N GLY C 590 -40.35 9.66 31.38
CA GLY C 590 -40.56 10.80 30.50
C GLY C 590 -42.04 11.08 30.34
N CYS C 591 -42.42 12.34 30.59
CA CYS C 591 -43.81 12.76 30.49
C CYS C 591 -44.00 13.85 29.44
N ALA C 599 -39.96 15.68 28.48
CA ALA C 599 -39.17 16.14 29.62
C ALA C 599 -38.89 14.99 30.60
N VAL C 600 -37.75 15.07 31.28
CA VAL C 600 -37.34 14.03 32.22
C VAL C 600 -37.85 14.39 33.61
N TYR C 601 -38.60 13.45 34.22
CA TYR C 601 -39.10 13.61 35.58
C TYR C 601 -38.67 12.39 36.38
N ALA C 602 -37.87 12.61 37.42
CA ALA C 602 -37.29 11.52 38.21
C ALA C 602 -37.85 11.54 39.62
N PHE C 603 -38.14 10.34 40.14
CA PHE C 603 -38.55 10.15 41.52
C PHE C 603 -37.39 9.49 42.27
N VAL C 604 -37.07 10.02 43.45
CA VAL C 604 -35.94 9.53 44.23
C VAL C 604 -36.40 9.16 45.63
N THR C 605 -35.78 8.13 46.19
CA THR C 605 -35.86 7.83 47.61
C THR C 605 -34.49 8.07 48.24
N MET C 606 -34.50 8.33 49.55
CA MET C 606 -33.27 8.67 50.25
C MET C 606 -33.00 7.64 51.33
N LYS C 607 -31.71 7.33 51.53
CA LYS C 607 -31.30 6.52 52.66
C LYS C 607 -31.44 7.35 53.94
N PRO C 608 -31.79 6.69 55.07
CA PRO C 608 -31.96 7.43 56.32
C PRO C 608 -30.66 7.58 57.11
N LEU C 620 -32.27 20.39 47.72
CA LEU C 620 -31.66 19.08 47.45
C LEU C 620 -32.03 18.60 46.05
N SER C 621 -33.19 19.04 45.56
CA SER C 621 -33.58 18.71 44.19
C SER C 621 -32.64 19.34 43.17
N LYS C 622 -31.96 20.44 43.54
CA LYS C 622 -30.99 21.08 42.67
C LYS C 622 -29.60 20.45 42.78
N GLU C 623 -29.22 19.98 43.99
CA GLU C 623 -27.95 19.28 44.13
C GLU C 623 -27.95 17.98 43.32
N LEU C 624 -29.11 17.32 43.21
CA LEU C 624 -29.23 16.16 42.35
C LEU C 624 -29.26 16.55 40.88
N ALA C 625 -29.74 17.76 40.57
CA ALA C 625 -29.66 18.27 39.20
C ALA C 625 -28.22 18.55 38.81
N ILE C 626 -27.43 19.13 39.72
CA ILE C 626 -26.00 19.32 39.46
C ILE C 626 -25.30 17.98 39.35
N GLN C 627 -25.83 16.94 40.02
CA GLN C 627 -25.24 15.62 39.93
C GLN C 627 -25.44 15.02 38.55
N VAL C 628 -26.63 15.19 37.96
CA VAL C 628 -26.87 14.67 36.62
C VAL C 628 -26.06 15.44 35.59
N ARG C 629 -25.95 16.76 35.76
CA ARG C 629 -25.13 17.58 34.87
C ARG C 629 -23.65 17.27 35.00
N LYS C 630 -23.23 16.67 36.12
CA LYS C 630 -21.83 16.31 36.30
C LYS C 630 -21.49 14.99 35.63
N VAL C 631 -22.43 14.03 35.61
CA VAL C 631 -22.18 12.72 35.02
C VAL C 631 -22.49 12.72 33.52
N ILE C 632 -23.55 13.41 33.10
CA ILE C 632 -23.93 13.44 31.70
C ILE C 632 -23.62 14.80 31.10
N GLY C 633 -24.43 15.80 31.45
CA GLY C 633 -24.29 17.14 30.92
C GLY C 633 -25.48 18.00 31.30
N PRO C 634 -25.32 19.33 31.21
CA PRO C 634 -26.42 20.22 31.62
C PRO C 634 -27.70 20.03 30.82
N PHE C 635 -27.64 19.42 29.63
CA PHE C 635 -28.83 19.15 28.83
C PHE C 635 -29.64 17.97 29.36
N ALA C 636 -29.08 17.17 30.26
CA ALA C 636 -29.76 16.00 30.80
C ALA C 636 -30.32 16.23 32.20
N ALA C 637 -30.22 17.44 32.73
CA ALA C 637 -30.78 17.72 34.05
C ALA C 637 -32.29 17.61 34.00
N PRO C 638 -32.92 16.93 34.96
CA PRO C 638 -34.38 16.72 34.90
C PRO C 638 -35.15 18.01 35.08
N LYS C 639 -36.39 18.00 34.56
CA LYS C 639 -37.27 19.14 34.74
C LYS C 639 -37.78 19.22 36.17
N LYS C 640 -38.16 18.08 36.74
CA LYS C 640 -38.58 18.00 38.14
C LYS C 640 -38.00 16.73 38.76
N ILE C 641 -37.69 16.82 40.05
CA ILE C 641 -37.20 15.69 40.83
C ILE C 641 -38.00 15.66 42.14
N TYR C 642 -38.69 14.56 42.39
CA TYR C 642 -39.57 14.42 43.54
C TYR C 642 -39.07 13.31 44.46
N LEU C 643 -39.31 13.49 45.75
CA LEU C 643 -38.87 12.52 46.76
C LEU C 643 -40.01 11.62 47.21
#